data_1KXF
# 
_entry.id   1KXF 
# 
_audit_conform.dict_name       mmcif_pdbx.dic 
_audit_conform.dict_version    5.386 
_audit_conform.dict_location   http://mmcif.pdb.org/dictionaries/ascii/mmcif_pdbx.dic 
# 
loop_
_database_2.database_id 
_database_2.database_code 
_database_2.pdbx_database_accession 
_database_2.pdbx_DOI 
PDB   1KXF         pdb_00001kxf 10.2210/pdb1kxf/pdb 
WWPDB D_1000174520 ?            ?                   
# 
loop_
_pdbx_audit_revision_history.ordinal 
_pdbx_audit_revision_history.data_content_type 
_pdbx_audit_revision_history.major_revision 
_pdbx_audit_revision_history.minor_revision 
_pdbx_audit_revision_history.revision_date 
1 'Structure model' 1 0 1996-12-07 
2 'Structure model' 1 1 2008-03-24 
3 'Structure model' 1 2 2011-07-13 
4 'Structure model' 1 3 2016-10-12 
5 'Structure model' 1 4 2024-02-14 
# 
_pdbx_audit_revision_details.ordinal             1 
_pdbx_audit_revision_details.revision_ordinal    1 
_pdbx_audit_revision_details.data_content_type   'Structure model' 
_pdbx_audit_revision_details.provider            repository 
_pdbx_audit_revision_details.type                'Initial release' 
_pdbx_audit_revision_details.description         ? 
_pdbx_audit_revision_details.details             ? 
# 
loop_
_pdbx_audit_revision_group.ordinal 
_pdbx_audit_revision_group.revision_ordinal 
_pdbx_audit_revision_group.data_content_type 
_pdbx_audit_revision_group.group 
1 2 'Structure model' 'Version format compliance' 
2 3 'Structure model' 'Version format compliance' 
3 4 'Structure model' 'Structure summary'         
4 5 'Structure model' 'Data collection'           
5 5 'Structure model' 'Database references'       
6 5 'Structure model' Other                       
# 
loop_
_pdbx_audit_revision_category.ordinal 
_pdbx_audit_revision_category.revision_ordinal 
_pdbx_audit_revision_category.data_content_type 
_pdbx_audit_revision_category.category 
1 5 'Structure model' chem_comp_atom       
2 5 'Structure model' chem_comp_bond       
3 5 'Structure model' database_2           
4 5 'Structure model' pdbx_database_status 
# 
loop_
_pdbx_audit_revision_item.ordinal 
_pdbx_audit_revision_item.revision_ordinal 
_pdbx_audit_revision_item.data_content_type 
_pdbx_audit_revision_item.item 
1 5 'Structure model' '_database_2.pdbx_DOI'                
2 5 'Structure model' '_database_2.pdbx_database_accession' 
3 5 'Structure model' '_pdbx_database_status.process_site'  
# 
_pdbx_database_status.status_code                     REL 
_pdbx_database_status.entry_id                        1KXF 
_pdbx_database_status.recvd_initial_deposition_date   1996-05-05 
_pdbx_database_status.deposit_site                    ? 
_pdbx_database_status.process_site                    BNL 
_pdbx_database_status.status_code_sf                  REL 
_pdbx_database_status.status_code_mr                  ? 
_pdbx_database_status.SG_entry                        ? 
_pdbx_database_status.status_code_cs                  ? 
_pdbx_database_status.methods_development_category    ? 
_pdbx_database_status.pdb_format_compatible           Y 
_pdbx_database_status.status_code_nmr_data            ? 
# 
loop_
_audit_author.name 
_audit_author.pdbx_ordinal 
'Choi, H.-K.'    1 
'Rossmann, M.G.' 2 
# 
loop_
_citation.id 
_citation.title 
_citation.journal_abbrev 
_citation.journal_volume 
_citation.page_first 
_citation.page_last 
_citation.year 
_citation.journal_id_ASTM 
_citation.country 
_citation.journal_id_ISSN 
_citation.journal_id_CSD 
_citation.book_publisher 
_citation.pdbx_database_id_PubMed 
_citation.pdbx_database_id_DOI 
primary 'Structural analysis of Sindbis virus capsid mutants involving assembly and catalysis.' J.Mol.Biol.                262 151 
167 1996 JMOBAK UK 0022-2836 0070 ? 8831786 10.1006/jmbi.1996.0505 
1       'Refined Structure of Sindbis Virus Core Protein and Comparison with Other Chymotrypsin-Like Serine Proteinase Structures' 
J.Mol.Biol.                230 228 ?   1993 JMOBAK UK 0022-2836 0070 ? ?       ?                      
2       
;The Structure Determination of Sindbis Virus Core Protein Using Isomorphous Replacement and Molecular Replacement Averaging between Two Crystal Forms
;
'Acta Crystallogr.,Sect.A' 48  430 ?   1992 ACACEQ DK 0108-7673 0621 ? ?       ?                      
3       'Structure of Sindbis Virus Core Protein Reveals a Chymotrypsin-Like Serine Proteinase and the Organization of the Virion' 
Nature                     354 37  ?   1991 NATUAS UK 0028-0836 0006 ? ?       ?                      
# 
loop_
_citation_author.citation_id 
_citation_author.name 
_citation_author.ordinal 
_citation_author.identifier_ORCID 
primary 'Choi, H.K.'     1  ? 
primary 'Lee, S.'        2  ? 
primary 'Zhang, Y.P.'    3  ? 
primary 'McKinney, B.R.' 4  ? 
primary 'Wengler, G.'    5  ? 
primary 'Rossmann, M.G.' 6  ? 
primary 'Kuhn, R.J.'     7  ? 
1       'Tong, L.'       8  ? 
1       'Wengler, G.'    9  ? 
1       'Rossmann, M.G.' 10 ? 
2       'Tong, L.'       11 ? 
2       'Choi, H.-K.'    12 ? 
2       'Minor, W.'      13 ? 
2       'Rossmann, M.G.' 14 ? 
3       'Choi, H.K.'     15 ? 
3       'Tong, L.'       16 ? 
3       'Minor, W.'      17 ? 
3       'Dumas, P.'      18 ? 
3       'Boege, U.'      19 ? 
3       'Rossmann, M.G.' 20 ? 
3       'Wengler, G.'    21 ? 
# 
loop_
_entity.id 
_entity.type 
_entity.src_method 
_entity.pdbx_description 
_entity.formula_weight 
_entity.pdbx_number_of_molecules 
_entity.pdbx_ec 
_entity.pdbx_mutation 
_entity.pdbx_fragment 
_entity.details 
1 polymer man 'SINDBIS VIRUS CAPSID PROTEIN' 17418.680 1  3.4.21.- ? 'MET 1 - ALA 264 OF THE NATIVE SINDBIS CAPSID' ? 
2 water   nat water                          18.015    16 ?        ? ?                                              ? 
# 
_entity_name_com.entity_id   1 
_entity_name_com.name        'SINDBIS VIRUS CORE PROTEIN' 
# 
_entity_poly.entity_id                      1 
_entity_poly.type                           'polypeptide(L)' 
_entity_poly.nstd_linkage                   no 
_entity_poly.nstd_monomer                   no 
_entity_poly.pdbx_seq_one_letter_code       
;MALKLEADRLFDVKNEDGDVIGHALAMEGKVMKPLHVKGTIDHPVLSKLKFTKSSAYDMEFAQLPVNMRSEAFTYTSEHP
EGFYNWHHGAVQYSGGRFTIPRGVGGRGDSGRPIMDNSGRVVAIVLGGADEGTRTALSVVTWNSKGKTIKTTPEGTEEW
;
_entity_poly.pdbx_seq_one_letter_code_can   
;MALKLEADRLFDVKNEDGDVIGHALAMEGKVMKPLHVKGTIDHPVLSKLKFTKSSAYDMEFAQLPVNMRSEAFTYTSEHP
EGFYNWHHGAVQYSGGRFTIPRGVGGRGDSGRPIMDNSGRVVAIVLGGADEGTRTALSVVTWNSKGKTIKTTPEGTEEW
;
_entity_poly.pdbx_strand_id                 A 
_entity_poly.pdbx_target_identifier         ? 
# 
_pdbx_entity_nonpoly.entity_id   2 
_pdbx_entity_nonpoly.name        water 
_pdbx_entity_nonpoly.comp_id     HOH 
# 
loop_
_entity_poly_seq.entity_id 
_entity_poly_seq.num 
_entity_poly_seq.mon_id 
_entity_poly_seq.hetero 
1 1   MET n 
1 2   ALA n 
1 3   LEU n 
1 4   LYS n 
1 5   LEU n 
1 6   GLU n 
1 7   ALA n 
1 8   ASP n 
1 9   ARG n 
1 10  LEU n 
1 11  PHE n 
1 12  ASP n 
1 13  VAL n 
1 14  LYS n 
1 15  ASN n 
1 16  GLU n 
1 17  ASP n 
1 18  GLY n 
1 19  ASP n 
1 20  VAL n 
1 21  ILE n 
1 22  GLY n 
1 23  HIS n 
1 24  ALA n 
1 25  LEU n 
1 26  ALA n 
1 27  MET n 
1 28  GLU n 
1 29  GLY n 
1 30  LYS n 
1 31  VAL n 
1 32  MET n 
1 33  LYS n 
1 34  PRO n 
1 35  LEU n 
1 36  HIS n 
1 37  VAL n 
1 38  LYS n 
1 39  GLY n 
1 40  THR n 
1 41  ILE n 
1 42  ASP n 
1 43  HIS n 
1 44  PRO n 
1 45  VAL n 
1 46  LEU n 
1 47  SER n 
1 48  LYS n 
1 49  LEU n 
1 50  LYS n 
1 51  PHE n 
1 52  THR n 
1 53  LYS n 
1 54  SER n 
1 55  SER n 
1 56  ALA n 
1 57  TYR n 
1 58  ASP n 
1 59  MET n 
1 60  GLU n 
1 61  PHE n 
1 62  ALA n 
1 63  GLN n 
1 64  LEU n 
1 65  PRO n 
1 66  VAL n 
1 67  ASN n 
1 68  MET n 
1 69  ARG n 
1 70  SER n 
1 71  GLU n 
1 72  ALA n 
1 73  PHE n 
1 74  THR n 
1 75  TYR n 
1 76  THR n 
1 77  SER n 
1 78  GLU n 
1 79  HIS n 
1 80  PRO n 
1 81  GLU n 
1 82  GLY n 
1 83  PHE n 
1 84  TYR n 
1 85  ASN n 
1 86  TRP n 
1 87  HIS n 
1 88  HIS n 
1 89  GLY n 
1 90  ALA n 
1 91  VAL n 
1 92  GLN n 
1 93  TYR n 
1 94  SER n 
1 95  GLY n 
1 96  GLY n 
1 97  ARG n 
1 98  PHE n 
1 99  THR n 
1 100 ILE n 
1 101 PRO n 
1 102 ARG n 
1 103 GLY n 
1 104 VAL n 
1 105 GLY n 
1 106 GLY n 
1 107 ARG n 
1 108 GLY n 
1 109 ASP n 
1 110 SER n 
1 111 GLY n 
1 112 ARG n 
1 113 PRO n 
1 114 ILE n 
1 115 MET n 
1 116 ASP n 
1 117 ASN n 
1 118 SER n 
1 119 GLY n 
1 120 ARG n 
1 121 VAL n 
1 122 VAL n 
1 123 ALA n 
1 124 ILE n 
1 125 VAL n 
1 126 LEU n 
1 127 GLY n 
1 128 GLY n 
1 129 ALA n 
1 130 ASP n 
1 131 GLU n 
1 132 GLY n 
1 133 THR n 
1 134 ARG n 
1 135 THR n 
1 136 ALA n 
1 137 LEU n 
1 138 SER n 
1 139 VAL n 
1 140 VAL n 
1 141 THR n 
1 142 TRP n 
1 143 ASN n 
1 144 SER n 
1 145 LYS n 
1 146 GLY n 
1 147 LYS n 
1 148 THR n 
1 149 ILE n 
1 150 LYS n 
1 151 THR n 
1 152 THR n 
1 153 PRO n 
1 154 GLU n 
1 155 GLY n 
1 156 THR n 
1 157 GLU n 
1 158 GLU n 
1 159 TRP n 
# 
_entity_src_gen.entity_id                          1 
_entity_src_gen.pdbx_src_id                        1 
_entity_src_gen.pdbx_alt_source_flag               sample 
_entity_src_gen.pdbx_seq_type                      ? 
_entity_src_gen.pdbx_beg_seq_num                   ? 
_entity_src_gen.pdbx_end_seq_num                   ? 
_entity_src_gen.gene_src_common_name               ? 
_entity_src_gen.gene_src_genus                     Alphavirus 
_entity_src_gen.pdbx_gene_src_gene                 ? 
_entity_src_gen.gene_src_species                   ? 
_entity_src_gen.gene_src_strain                    ? 
_entity_src_gen.gene_src_tissue                    ? 
_entity_src_gen.gene_src_tissue_fraction           ? 
_entity_src_gen.gene_src_details                   ? 
_entity_src_gen.pdbx_gene_src_fragment             ? 
_entity_src_gen.pdbx_gene_src_scientific_name      'Sindbis virus' 
_entity_src_gen.pdbx_gene_src_ncbi_taxonomy_id     11034 
_entity_src_gen.pdbx_gene_src_variant              ? 
_entity_src_gen.pdbx_gene_src_cell_line            ? 
_entity_src_gen.pdbx_gene_src_atcc                 ? 
_entity_src_gen.pdbx_gene_src_organ                KIDNEY 
_entity_src_gen.pdbx_gene_src_organelle            ? 
_entity_src_gen.pdbx_gene_src_cell                 ? 
_entity_src_gen.pdbx_gene_src_cellular_location    ? 
_entity_src_gen.host_org_common_name               hamsters 
_entity_src_gen.pdbx_host_org_scientific_name      Cricetinae 
_entity_src_gen.pdbx_host_org_ncbi_taxonomy_id     10026 
_entity_src_gen.host_org_genus                     ? 
_entity_src_gen.pdbx_host_org_gene                 ? 
_entity_src_gen.pdbx_host_org_organ                ? 
_entity_src_gen.host_org_species                   ? 
_entity_src_gen.pdbx_host_org_tissue               ? 
_entity_src_gen.pdbx_host_org_tissue_fraction      ? 
_entity_src_gen.pdbx_host_org_strain               ? 
_entity_src_gen.pdbx_host_org_variant              ? 
_entity_src_gen.pdbx_host_org_cell_line            ? 
_entity_src_gen.pdbx_host_org_atcc                 ? 
_entity_src_gen.pdbx_host_org_culture_collection   ? 
_entity_src_gen.pdbx_host_org_cell                 ? 
_entity_src_gen.pdbx_host_org_organelle            ? 
_entity_src_gen.pdbx_host_org_cellular_location    ? 
_entity_src_gen.pdbx_host_org_vector_type          ? 
_entity_src_gen.pdbx_host_org_vector               ? 
_entity_src_gen.host_org_details                   ? 
_entity_src_gen.expression_system_id               ? 
_entity_src_gen.plasmid_name                       ? 
_entity_src_gen.plasmid_details                    ? 
_entity_src_gen.pdbx_description                   ? 
# 
loop_
_chem_comp.id 
_chem_comp.type 
_chem_comp.mon_nstd_flag 
_chem_comp.name 
_chem_comp.pdbx_synonyms 
_chem_comp.formula 
_chem_comp.formula_weight 
ALA 'L-peptide linking' y ALANINE         ? 'C3 H7 N O2'     89.093  
ARG 'L-peptide linking' y ARGININE        ? 'C6 H15 N4 O2 1' 175.209 
ASN 'L-peptide linking' y ASPARAGINE      ? 'C4 H8 N2 O3'    132.118 
ASP 'L-peptide linking' y 'ASPARTIC ACID' ? 'C4 H7 N O4'     133.103 
GLN 'L-peptide linking' y GLUTAMINE       ? 'C5 H10 N2 O3'   146.144 
GLU 'L-peptide linking' y 'GLUTAMIC ACID' ? 'C5 H9 N O4'     147.129 
GLY 'peptide linking'   y GLYCINE         ? 'C2 H5 N O2'     75.067  
HIS 'L-peptide linking' y HISTIDINE       ? 'C6 H10 N3 O2 1' 156.162 
HOH non-polymer         . WATER           ? 'H2 O'           18.015  
ILE 'L-peptide linking' y ISOLEUCINE      ? 'C6 H13 N O2'    131.173 
LEU 'L-peptide linking' y LEUCINE         ? 'C6 H13 N O2'    131.173 
LYS 'L-peptide linking' y LYSINE          ? 'C6 H15 N2 O2 1' 147.195 
MET 'L-peptide linking' y METHIONINE      ? 'C5 H11 N O2 S'  149.211 
PHE 'L-peptide linking' y PHENYLALANINE   ? 'C9 H11 N O2'    165.189 
PRO 'L-peptide linking' y PROLINE         ? 'C5 H9 N O2'     115.130 
SER 'L-peptide linking' y SERINE          ? 'C3 H7 N O3'     105.093 
THR 'L-peptide linking' y THREONINE       ? 'C4 H9 N O3'     119.119 
TRP 'L-peptide linking' y TRYPTOPHAN      ? 'C11 H12 N2 O2'  204.225 
TYR 'L-peptide linking' y TYROSINE        ? 'C9 H11 N O3'    181.189 
VAL 'L-peptide linking' y VALINE          ? 'C5 H11 N O2'    117.146 
# 
loop_
_pdbx_poly_seq_scheme.asym_id 
_pdbx_poly_seq_scheme.entity_id 
_pdbx_poly_seq_scheme.seq_id 
_pdbx_poly_seq_scheme.mon_id 
_pdbx_poly_seq_scheme.ndb_seq_num 
_pdbx_poly_seq_scheme.pdb_seq_num 
_pdbx_poly_seq_scheme.auth_seq_num 
_pdbx_poly_seq_scheme.pdb_mon_id 
_pdbx_poly_seq_scheme.auth_mon_id 
_pdbx_poly_seq_scheme.pdb_strand_id 
_pdbx_poly_seq_scheme.pdb_ins_code 
_pdbx_poly_seq_scheme.hetero 
A 1 1   MET 1   106 106 MET MET A . n 
A 1 2   ALA 2   107 107 ALA ALA A . n 
A 1 3   LEU 3   108 108 LEU LEU A . n 
A 1 4   LYS 4   109 109 LYS LYS A . n 
A 1 5   LEU 5   110 110 LEU LEU A . n 
A 1 6   GLU 6   111 111 GLU GLU A . n 
A 1 7   ALA 7   112 112 ALA ALA A . n 
A 1 8   ASP 8   113 113 ASP ASP A . n 
A 1 9   ARG 9   114 114 ARG ARG A . n 
A 1 10  LEU 10  115 115 LEU LEU A . n 
A 1 11  PHE 11  116 116 PHE PHE A . n 
A 1 12  ASP 12  117 117 ASP ASP A . n 
A 1 13  VAL 13  118 118 VAL VAL A . n 
A 1 14  LYS 14  119 119 LYS LYS A . n 
A 1 15  ASN 15  120 120 ASN ASN A . n 
A 1 16  GLU 16  121 121 GLU GLU A . n 
A 1 17  ASP 17  122 122 ASP ASP A . n 
A 1 18  GLY 18  123 123 GLY GLY A . n 
A 1 19  ASP 19  124 124 ASP ASP A . n 
A 1 20  VAL 20  125 125 VAL VAL A . n 
A 1 21  ILE 21  126 126 ILE ILE A . n 
A 1 22  GLY 22  127 127 GLY GLY A . n 
A 1 23  HIS 23  128 128 HIS HIS A . n 
A 1 24  ALA 24  129 129 ALA ALA A . n 
A 1 25  LEU 25  130 130 LEU LEU A . n 
A 1 26  ALA 26  131 131 ALA ALA A . n 
A 1 27  MET 27  132 132 MET MET A . n 
A 1 28  GLU 28  133 133 GLU GLU A . n 
A 1 29  GLY 29  134 134 GLY GLY A . n 
A 1 30  LYS 30  135 135 LYS LYS A . n 
A 1 31  VAL 31  136 136 VAL VAL A . n 
A 1 32  MET 32  137 137 MET MET A . n 
A 1 33  LYS 33  138 138 LYS LYS A . n 
A 1 34  PRO 34  139 139 PRO PRO A . n 
A 1 35  LEU 35  140 140 LEU LEU A . n 
A 1 36  HIS 36  141 141 HIS HIS A . n 
A 1 37  VAL 37  142 142 VAL VAL A . n 
A 1 38  LYS 38  143 143 LYS LYS A . n 
A 1 39  GLY 39  144 144 GLY GLY A . n 
A 1 40  THR 40  145 145 THR THR A . n 
A 1 41  ILE 41  146 146 ILE ILE A . n 
A 1 42  ASP 42  147 147 ASP ASP A . n 
A 1 43  HIS 43  148 148 HIS HIS A . n 
A 1 44  PRO 44  149 149 PRO PRO A . n 
A 1 45  VAL 45  150 150 VAL VAL A . n 
A 1 46  LEU 46  151 151 LEU LEU A . n 
A 1 47  SER 47  152 152 SER SER A . n 
A 1 48  LYS 48  153 153 LYS LYS A . n 
A 1 49  LEU 49  154 154 LEU LEU A . n 
A 1 50  LYS 50  155 155 LYS LYS A . n 
A 1 51  PHE 51  156 156 PHE PHE A . n 
A 1 52  THR 52  157 157 THR THR A . n 
A 1 53  LYS 53  158 158 LYS LYS A . n 
A 1 54  SER 54  159 159 SER SER A . n 
A 1 55  SER 55  160 160 SER SER A . n 
A 1 56  ALA 56  161 161 ALA ALA A . n 
A 1 57  TYR 57  162 162 TYR TYR A . n 
A 1 58  ASP 58  163 163 ASP ASP A . n 
A 1 59  MET 59  164 164 MET MET A . n 
A 1 60  GLU 60  165 165 GLU GLU A . n 
A 1 61  PHE 61  166 166 PHE PHE A . n 
A 1 62  ALA 62  167 167 ALA ALA A . n 
A 1 63  GLN 63  168 168 GLN GLN A . n 
A 1 64  LEU 64  169 169 LEU LEU A . n 
A 1 65  PRO 65  170 170 PRO PRO A . n 
A 1 66  VAL 66  171 171 VAL VAL A . n 
A 1 67  ASN 67  172 172 ASN ASN A . n 
A 1 68  MET 68  173 173 MET MET A . n 
A 1 69  ARG 69  174 174 ARG ARG A . n 
A 1 70  SER 70  175 175 SER SER A . n 
A 1 71  GLU 71  176 176 GLU GLU A . n 
A 1 72  ALA 72  177 177 ALA ALA A . n 
A 1 73  PHE 73  178 178 PHE PHE A . n 
A 1 74  THR 74  179 179 THR THR A . n 
A 1 75  TYR 75  180 180 TYR TYR A . n 
A 1 76  THR 76  181 181 THR THR A . n 
A 1 77  SER 77  182 182 SER SER A . n 
A 1 78  GLU 78  183 183 GLU GLU A . n 
A 1 79  HIS 79  184 184 HIS HIS A . n 
A 1 80  PRO 80  185 185 PRO PRO A . n 
A 1 81  GLU 81  186 186 GLU GLU A . n 
A 1 82  GLY 82  187 187 GLY GLY A . n 
A 1 83  PHE 83  188 188 PHE PHE A . n 
A 1 84  TYR 84  189 189 TYR TYR A . n 
A 1 85  ASN 85  190 190 ASN ASN A . n 
A 1 86  TRP 86  191 191 TRP TRP A . n 
A 1 87  HIS 87  192 192 HIS HIS A . n 
A 1 88  HIS 88  193 193 HIS HIS A . n 
A 1 89  GLY 89  194 194 GLY GLY A . n 
A 1 90  ALA 90  195 195 ALA ALA A . n 
A 1 91  VAL 91  196 196 VAL VAL A . n 
A 1 92  GLN 92  197 197 GLN GLN A . n 
A 1 93  TYR 93  198 198 TYR TYR A . n 
A 1 94  SER 94  199 199 SER SER A . n 
A 1 95  GLY 95  200 200 GLY GLY A . n 
A 1 96  GLY 96  201 201 GLY GLY A . n 
A 1 97  ARG 97  202 202 ARG ARG A . n 
A 1 98  PHE 98  203 203 PHE PHE A . n 
A 1 99  THR 99  204 204 THR THR A . n 
A 1 100 ILE 100 205 205 ILE ILE A . n 
A 1 101 PRO 101 206 206 PRO PRO A . n 
A 1 102 ARG 102 207 207 ARG ARG A . n 
A 1 103 GLY 103 208 208 GLY GLY A . n 
A 1 104 VAL 104 209 209 VAL VAL A . n 
A 1 105 GLY 105 210 210 GLY GLY A . n 
A 1 106 GLY 106 211 211 GLY GLY A . n 
A 1 107 ARG 107 212 212 ARG ARG A . n 
A 1 108 GLY 108 213 213 GLY GLY A . n 
A 1 109 ASP 109 214 214 ASP ASP A . n 
A 1 110 SER 110 215 215 SER SER A . n 
A 1 111 GLY 111 216 216 GLY GLY A . n 
A 1 112 ARG 112 217 217 ARG ARG A . n 
A 1 113 PRO 113 218 218 PRO PRO A . n 
A 1 114 ILE 114 219 219 ILE ILE A . n 
A 1 115 MET 115 220 220 MET MET A . n 
A 1 116 ASP 116 221 221 ASP ASP A . n 
A 1 117 ASN 117 222 222 ASN ASN A . n 
A 1 118 SER 118 223 223 SER SER A . n 
A 1 119 GLY 119 224 224 GLY GLY A . n 
A 1 120 ARG 120 225 225 ARG ARG A . n 
A 1 121 VAL 121 226 226 VAL VAL A . n 
A 1 122 VAL 122 227 227 VAL VAL A . n 
A 1 123 ALA 123 228 228 ALA ALA A . n 
A 1 124 ILE 124 229 229 ILE ILE A . n 
A 1 125 VAL 125 230 230 VAL VAL A . n 
A 1 126 LEU 126 231 231 LEU LEU A . n 
A 1 127 GLY 127 232 232 GLY GLY A . n 
A 1 128 GLY 128 233 233 GLY GLY A . n 
A 1 129 ALA 129 234 234 ALA ALA A . n 
A 1 130 ASP 130 235 235 ASP ASP A . n 
A 1 131 GLU 131 236 236 GLU GLU A . n 
A 1 132 GLY 132 237 237 GLY GLY A . n 
A 1 133 THR 133 238 238 THR THR A . n 
A 1 134 ARG 134 239 239 ARG ARG A . n 
A 1 135 THR 135 240 240 THR THR A . n 
A 1 136 ALA 136 241 241 ALA ALA A . n 
A 1 137 LEU 137 242 242 LEU LEU A . n 
A 1 138 SER 138 243 243 SER SER A . n 
A 1 139 VAL 139 244 244 VAL VAL A . n 
A 1 140 VAL 140 245 245 VAL VAL A . n 
A 1 141 THR 141 246 246 THR THR A . n 
A 1 142 TRP 142 247 247 TRP TRP A . n 
A 1 143 ASN 143 248 248 ASN ASN A . n 
A 1 144 SER 144 249 249 SER SER A . n 
A 1 145 LYS 145 250 250 LYS LYS A . n 
A 1 146 GLY 146 251 251 GLY GLY A . n 
A 1 147 LYS 147 252 252 LYS LYS A . n 
A 1 148 THR 148 253 253 THR THR A . n 
A 1 149 ILE 149 254 254 ILE ILE A . n 
A 1 150 LYS 150 255 255 LYS LYS A . n 
A 1 151 THR 151 256 256 THR THR A . n 
A 1 152 THR 152 257 257 THR THR A . n 
A 1 153 PRO 153 258 258 PRO PRO A . n 
A 1 154 GLU 154 259 259 GLU GLU A . n 
A 1 155 GLY 155 260 260 GLY GLY A . n 
A 1 156 THR 156 261 261 THR THR A . n 
A 1 157 GLU 157 262 262 GLU GLU A . n 
A 1 158 GLU 158 263 263 GLU GLU A . n 
A 1 159 TRP 159 264 264 TRP TRP A . n 
# 
loop_
_pdbx_nonpoly_scheme.asym_id 
_pdbx_nonpoly_scheme.entity_id 
_pdbx_nonpoly_scheme.mon_id 
_pdbx_nonpoly_scheme.ndb_seq_num 
_pdbx_nonpoly_scheme.pdb_seq_num 
_pdbx_nonpoly_scheme.auth_seq_num 
_pdbx_nonpoly_scheme.pdb_mon_id 
_pdbx_nonpoly_scheme.auth_mon_id 
_pdbx_nonpoly_scheme.pdb_strand_id 
_pdbx_nonpoly_scheme.pdb_ins_code 
B 2 HOH 1  265 1  HOH HOH A . 
B 2 HOH 2  266 2  HOH HOH A . 
B 2 HOH 3  267 3  HOH HOH A . 
B 2 HOH 4  268 4  HOH HOH A . 
B 2 HOH 5  269 5  HOH HOH A . 
B 2 HOH 6  270 6  HOH HOH A . 
B 2 HOH 7  271 7  HOH HOH A . 
B 2 HOH 8  272 8  HOH HOH A . 
B 2 HOH 9  273 9  HOH HOH A . 
B 2 HOH 10 274 10 HOH HOH A . 
B 2 HOH 11 275 11 HOH HOH A . 
B 2 HOH 12 276 12 HOH HOH A . 
B 2 HOH 13 277 13 HOH HOH A . 
B 2 HOH 14 278 14 HOH HOH A . 
B 2 HOH 15 279 15 HOH HOH A . 
B 2 HOH 16 280 16 HOH HOH A . 
# 
loop_
_software.name 
_software.classification 
_software.version 
_software.citation_id 
_software.pdbx_ordinal 
X-PLOR 'model building' 3.1 ? 1 
X-PLOR refinement       3.1 ? 2 
XDS    'data reduction' .   ? 3 
X-PLOR phasing          3.1 ? 4 
# 
_cell.entry_id           1KXF 
_cell.length_a           57.000 
_cell.length_b           57.000 
_cell.length_c           109.800 
_cell.angle_alpha        90.00 
_cell.angle_beta         90.00 
_cell.angle_gamma        90.00 
_cell.Z_PDB              8 
_cell.pdbx_unique_axis   ? 
_cell.length_a_esd       ? 
_cell.length_b_esd       ? 
_cell.length_c_esd       ? 
_cell.angle_alpha_esd    ? 
_cell.angle_beta_esd     ? 
_cell.angle_gamma_esd    ? 
# 
_symmetry.entry_id                         1KXF 
_symmetry.space_group_name_H-M             'P 43 21 2' 
_symmetry.pdbx_full_space_group_name_H-M   ? 
_symmetry.cell_setting                     ? 
_symmetry.Int_Tables_number                96 
_symmetry.space_group_name_Hall            ? 
# 
_exptl.entry_id          1KXF 
_exptl.method            'X-RAY DIFFRACTION' 
_exptl.crystals_number   ? 
# 
_exptl_crystal.id                    1 
_exptl_crystal.density_meas          ? 
_exptl_crystal.density_Matthews      2.56 
_exptl_crystal.density_percent_sol   51.95 
_exptl_crystal.description           ? 
_exptl_crystal.F_000                 ? 
_exptl_crystal.preparation           ? 
# 
_diffrn.id                     1 
_diffrn.ambient_temp           ? 
_diffrn.ambient_temp_details   ? 
_diffrn.crystal_id             1 
# 
_diffrn_detector.diffrn_id              1 
_diffrn_detector.detector               'AREA DETECTOR' 
_diffrn_detector.type                   SIEMENS 
_diffrn_detector.pdbx_collection_date   1992-02-26 
_diffrn_detector.details                ? 
# 
_diffrn_radiation.diffrn_id                        1 
_diffrn_radiation.wavelength_id                    1 
_diffrn_radiation.pdbx_monochromatic_or_laue_m_l   M 
_diffrn_radiation.monochromator                    ? 
_diffrn_radiation.pdbx_diffrn_protocol             ? 
_diffrn_radiation.pdbx_scattering_type             x-ray 
# 
_diffrn_radiation_wavelength.id           1 
_diffrn_radiation_wavelength.wavelength   1.5418 
_diffrn_radiation_wavelength.wt           1.0 
# 
_diffrn_source.diffrn_id                   1 
_diffrn_source.source                      ? 
_diffrn_source.type                        ? 
_diffrn_source.pdbx_synchrotron_site       ? 
_diffrn_source.pdbx_synchrotron_beamline   ? 
_diffrn_source.pdbx_wavelength             1.5418 
_diffrn_source.pdbx_wavelength_list        ? 
# 
_reflns.entry_id                     1KXF 
_reflns.observed_criterion_sigma_I   1. 
_reflns.observed_criterion_sigma_F   ? 
_reflns.d_resolution_low             ? 
_reflns.d_resolution_high            2.38 
_reflns.number_obs                   7908 
_reflns.number_all                   ? 
_reflns.percent_possible_obs         96.2 
_reflns.pdbx_Rmerge_I_obs            0.0420000 
_reflns.pdbx_Rsym_value              ? 
_reflns.pdbx_netI_over_sigmaI        ? 
_reflns.B_iso_Wilson_estimate        ? 
_reflns.pdbx_redundancy              2.42 
_reflns.R_free_details               ? 
_reflns.limit_h_max                  ? 
_reflns.limit_h_min                  ? 
_reflns.limit_k_max                  ? 
_reflns.limit_k_min                  ? 
_reflns.limit_l_max                  ? 
_reflns.limit_l_min                  ? 
_reflns.observed_criterion_F_max     ? 
_reflns.observed_criterion_F_min     ? 
_reflns.pdbx_chi_squared             ? 
_reflns.pdbx_scaling_rejects         ? 
_reflns.pdbx_ordinal                 1 
_reflns.pdbx_diffrn_id               1 
# 
_refine.entry_id                                 1KXF 
_refine.ls_number_reflns_obs                     6383 
_refine.ls_number_reflns_all                     ? 
_refine.pdbx_ls_sigma_I                          ? 
_refine.pdbx_ls_sigma_F                          2.0 
_refine.pdbx_data_cutoff_high_absF               ? 
_refine.pdbx_data_cutoff_low_absF                ? 
_refine.pdbx_data_cutoff_high_rms_absF           ? 
_refine.ls_d_res_low                             6.0 
_refine.ls_d_res_high                            2.38 
_refine.ls_percent_reflns_obs                    ? 
_refine.ls_R_factor_obs                          0.1900000 
_refine.ls_R_factor_all                          ? 
_refine.ls_R_factor_R_work                       0.1900000 
_refine.ls_R_factor_R_free                       0.2840000 
_refine.ls_R_factor_R_free_error                 ? 
_refine.ls_R_factor_R_free_error_details         ? 
_refine.ls_percent_reflns_R_free                 ? 
_refine.ls_number_reflns_R_free                  ? 
_refine.ls_number_parameters                     ? 
_refine.ls_number_restraints                     ? 
_refine.occupancy_min                            ? 
_refine.occupancy_max                            ? 
_refine.B_iso_mean                               28.4 
_refine.aniso_B[1][1]                            ? 
_refine.aniso_B[2][2]                            ? 
_refine.aniso_B[3][3]                            ? 
_refine.aniso_B[1][2]                            ? 
_refine.aniso_B[1][3]                            ? 
_refine.aniso_B[2][3]                            ? 
_refine.solvent_model_details                    ? 
_refine.solvent_model_param_ksol                 ? 
_refine.solvent_model_param_bsol                 ? 
_refine.pdbx_ls_cross_valid_method               ? 
_refine.details                                  ? 
_refine.pdbx_starting_model                      ? 
_refine.pdbx_method_to_determine_struct          ? 
_refine.pdbx_isotropic_thermal_model             ? 
_refine.pdbx_stereochemistry_target_values       ? 
_refine.pdbx_stereochem_target_val_spec_case     ? 
_refine.pdbx_R_Free_selection_details            ? 
_refine.pdbx_overall_ESU_R                       ? 
_refine.pdbx_overall_ESU_R_Free                  ? 
_refine.overall_SU_ML                            ? 
_refine.overall_SU_B                             ? 
_refine.pdbx_refine_id                           'X-RAY DIFFRACTION' 
_refine.ls_redundancy_reflns_obs                 ? 
_refine.pdbx_overall_phase_error                 ? 
_refine.B_iso_min                                ? 
_refine.B_iso_max                                ? 
_refine.correlation_coeff_Fo_to_Fc               ? 
_refine.correlation_coeff_Fo_to_Fc_free          ? 
_refine.pdbx_solvent_vdw_probe_radii             ? 
_refine.pdbx_solvent_ion_probe_radii             ? 
_refine.pdbx_solvent_shrinkage_radii             ? 
_refine.overall_SU_R_Cruickshank_DPI             ? 
_refine.overall_SU_R_free                        ? 
_refine.ls_wR_factor_R_free                      ? 
_refine.ls_wR_factor_R_work                      ? 
_refine.overall_FOM_free_R_set                   ? 
_refine.overall_FOM_work_R_set                   ? 
_refine.pdbx_diffrn_id                           1 
_refine.pdbx_TLS_residual_ADP_flag               ? 
_refine.pdbx_overall_SU_R_free_Cruickshank_DPI   ? 
_refine.pdbx_overall_SU_R_Blow_DPI               ? 
_refine.pdbx_overall_SU_R_free_Blow_DPI          ? 
# 
_refine_hist.pdbx_refine_id                   'X-RAY DIFFRACTION' 
_refine_hist.cycle_id                         LAST 
_refine_hist.pdbx_number_atoms_protein        1224 
_refine_hist.pdbx_number_atoms_nucleic_acid   0 
_refine_hist.pdbx_number_atoms_ligand         0 
_refine_hist.number_atoms_solvent             16 
_refine_hist.number_atoms_total               1240 
_refine_hist.d_res_high                       2.38 
_refine_hist.d_res_low                        6.0 
# 
loop_
_refine_ls_restr.type 
_refine_ls_restr.dev_ideal 
_refine_ls_restr.dev_ideal_target 
_refine_ls_restr.weight 
_refine_ls_restr.number 
_refine_ls_restr.pdbx_refine_id 
_refine_ls_restr.pdbx_restraint_function 
x_bond_d                0.014 ? ? ? 'X-RAY DIFFRACTION' ? 
x_bond_d_na             ?     ? ? ? 'X-RAY DIFFRACTION' ? 
x_bond_d_prot           ?     ? ? ? 'X-RAY DIFFRACTION' ? 
x_angle_d               ?     ? ? ? 'X-RAY DIFFRACTION' ? 
x_angle_d_na            ?     ? ? ? 'X-RAY DIFFRACTION' ? 
x_angle_d_prot          ?     ? ? ? 'X-RAY DIFFRACTION' ? 
x_angle_deg             1.8   ? ? ? 'X-RAY DIFFRACTION' ? 
x_angle_deg_na          ?     ? ? ? 'X-RAY DIFFRACTION' ? 
x_angle_deg_prot        ?     ? ? ? 'X-RAY DIFFRACTION' ? 
x_dihedral_angle_d      ?     ? ? ? 'X-RAY DIFFRACTION' ? 
x_dihedral_angle_d_na   ?     ? ? ? 'X-RAY DIFFRACTION' ? 
x_dihedral_angle_d_prot ?     ? ? ? 'X-RAY DIFFRACTION' ? 
x_improper_angle_d      ?     ? ? ? 'X-RAY DIFFRACTION' ? 
x_improper_angle_d_na   ?     ? ? ? 'X-RAY DIFFRACTION' ? 
x_improper_angle_d_prot ?     ? ? ? 'X-RAY DIFFRACTION' ? 
x_mcbond_it             ?     ? ? ? 'X-RAY DIFFRACTION' ? 
x_mcangle_it            ?     ? ? ? 'X-RAY DIFFRACTION' ? 
x_scbond_it             ?     ? ? ? 'X-RAY DIFFRACTION' ? 
x_scangle_it            ?     ? ? ? 'X-RAY DIFFRACTION' ? 
# 
_struct.entry_id                  1KXF 
_struct.title                     'SINDBIS VIRUS CAPSID, (WILD-TYPE) RESIDUES 1-264, TETRAGONAL CRYSTAL FORM (FORM II)' 
_struct.pdbx_model_details        ? 
_struct.pdbx_CASP_flag            ? 
_struct.pdbx_model_type_details   ? 
# 
_struct_keywords.entry_id        1KXF 
_struct_keywords.pdbx_keywords   'VIRAL PROTEIN' 
_struct_keywords.text            
'SINDBIS VIRUS CAPSID PROTEIN, CHYMOTRYPSIN-LIKE SERINE PROTEINASE, WILD TYPE, VIRUS CAPSID PROTEIN, Viral protein' 
# 
loop_
_struct_asym.id 
_struct_asym.pdbx_blank_PDB_chainid_flag 
_struct_asym.pdbx_modified 
_struct_asym.entity_id 
_struct_asym.details 
A N N 1 ? 
B N N 2 ? 
# 
_struct_ref.id                         1 
_struct_ref.db_name                    UNP 
_struct_ref.db_code                    POLS_SINDV 
_struct_ref.entity_id                  1 
_struct_ref.pdbx_db_accession          P03316 
_struct_ref.pdbx_align_begin           106 
_struct_ref.pdbx_seq_one_letter_code   
;MALKLEADRLFDVKNEDGDVIGHALAMEGKVMKPLHVKGTIDHPVLSKLKFTKSSAYDMEFAQLPVNMRSEAFTYTSEHP
EGFYNWHHGAVQYSGGRFTIPRGVGGRGDSGRPIMDNSGRVVAIVLGGADEGTRTALSVVTWNSKGKTIKTTPEGTEEW
;
_struct_ref.pdbx_db_isoform            ? 
# 
_struct_ref_seq.align_id                      1 
_struct_ref_seq.ref_id                        1 
_struct_ref_seq.pdbx_PDB_id_code              1KXF 
_struct_ref_seq.pdbx_strand_id                A 
_struct_ref_seq.seq_align_beg                 1 
_struct_ref_seq.pdbx_seq_align_beg_ins_code   ? 
_struct_ref_seq.seq_align_end                 159 
_struct_ref_seq.pdbx_seq_align_end_ins_code   ? 
_struct_ref_seq.pdbx_db_accession             P03316 
_struct_ref_seq.db_align_beg                  106 
_struct_ref_seq.pdbx_db_align_beg_ins_code    ? 
_struct_ref_seq.db_align_end                  264 
_struct_ref_seq.pdbx_db_align_end_ins_code    ? 
_struct_ref_seq.pdbx_auth_seq_align_beg       106 
_struct_ref_seq.pdbx_auth_seq_align_end       264 
# 
_pdbx_struct_assembly.id                   1 
_pdbx_struct_assembly.details              author_defined_assembly 
_pdbx_struct_assembly.method_details       ? 
_pdbx_struct_assembly.oligomeric_details   monomeric 
_pdbx_struct_assembly.oligomeric_count     1 
# 
_pdbx_struct_assembly_gen.assembly_id       1 
_pdbx_struct_assembly_gen.oper_expression   1 
_pdbx_struct_assembly_gen.asym_id_list      A,B 
# 
_pdbx_struct_oper_list.id                   1 
_pdbx_struct_oper_list.type                 'identity operation' 
_pdbx_struct_oper_list.name                 1_555 
_pdbx_struct_oper_list.symmetry_operation   x,y,z 
_pdbx_struct_oper_list.matrix[1][1]         1.0000000000 
_pdbx_struct_oper_list.matrix[1][2]         0.0000000000 
_pdbx_struct_oper_list.matrix[1][3]         0.0000000000 
_pdbx_struct_oper_list.vector[1]            0.0000000000 
_pdbx_struct_oper_list.matrix[2][1]         0.0000000000 
_pdbx_struct_oper_list.matrix[2][2]         1.0000000000 
_pdbx_struct_oper_list.matrix[2][3]         0.0000000000 
_pdbx_struct_oper_list.vector[2]            0.0000000000 
_pdbx_struct_oper_list.matrix[3][1]         0.0000000000 
_pdbx_struct_oper_list.matrix[3][2]         0.0000000000 
_pdbx_struct_oper_list.matrix[3][3]         1.0000000000 
_pdbx_struct_oper_list.vector[3]            0.0000000000 
# 
_struct_biol.id        1 
_struct_biol.details   ? 
# 
_struct_conf.conf_type_id            HELX_P 
_struct_conf.id                      HELX_P1 
_struct_conf.pdbx_PDB_helix_id       1 
_struct_conf.beg_label_comp_id       LEU 
_struct_conf.beg_label_asym_id       A 
_struct_conf.beg_label_seq_id        46 
_struct_conf.pdbx_beg_PDB_ins_code   ? 
_struct_conf.end_label_comp_id       LYS 
_struct_conf.end_label_asym_id       A 
_struct_conf.end_label_seq_id        48 
_struct_conf.pdbx_end_PDB_ins_code   ? 
_struct_conf.beg_auth_comp_id        LEU 
_struct_conf.beg_auth_asym_id        A 
_struct_conf.beg_auth_seq_id         151 
_struct_conf.end_auth_comp_id        LYS 
_struct_conf.end_auth_asym_id        A 
_struct_conf.end_auth_seq_id         153 
_struct_conf.pdbx_PDB_helix_class    5 
_struct_conf.details                 ? 
_struct_conf.pdbx_PDB_helix_length   3 
# 
_struct_conf_type.id          HELX_P 
_struct_conf_type.criteria    ? 
_struct_conf_type.reference   ? 
# 
loop_
_struct_sheet.id 
_struct_sheet.type 
_struct_sheet.number_strands 
_struct_sheet.details 
A1 ? 6 ? 
A2 ? 8 ? 
# 
loop_
_struct_sheet_order.sheet_id 
_struct_sheet_order.range_id_1 
_struct_sheet_order.range_id_2 
_struct_sheet_order.offset 
_struct_sheet_order.sense 
A1 1 2 ? anti-parallel 
A1 2 3 ? anti-parallel 
A1 3 4 ? anti-parallel 
A1 4 5 ? anti-parallel 
A1 5 6 ? anti-parallel 
A2 1 2 ? anti-parallel 
A2 2 3 ? anti-parallel 
A2 3 4 ? anti-parallel 
A2 4 5 ? anti-parallel 
A2 5 6 ? anti-parallel 
A2 6 7 ? anti-parallel 
A2 7 8 ? anti-parallel 
# 
loop_
_struct_sheet_range.sheet_id 
_struct_sheet_range.id 
_struct_sheet_range.beg_label_comp_id 
_struct_sheet_range.beg_label_asym_id 
_struct_sheet_range.beg_label_seq_id 
_struct_sheet_range.pdbx_beg_PDB_ins_code 
_struct_sheet_range.end_label_comp_id 
_struct_sheet_range.end_label_asym_id 
_struct_sheet_range.end_label_seq_id 
_struct_sheet_range.pdbx_end_PDB_ins_code 
_struct_sheet_range.beg_auth_comp_id 
_struct_sheet_range.beg_auth_asym_id 
_struct_sheet_range.beg_auth_seq_id 
_struct_sheet_range.end_auth_comp_id 
_struct_sheet_range.end_auth_asym_id 
_struct_sheet_range.end_auth_seq_id 
A1 1 LEU A 10  ? LYS A 14  ? LEU A 115 LYS A 119 
A1 2 VAL A 20  ? MET A 27  ? VAL A 125 MET A 132 
A1 3 LYS A 30  ? PRO A 34  ? LYS A 135 PRO A 139 
A1 4 THR A 40  ? ILE A 41  ? THR A 145 ILE A 146 
A1 5 THR A 52  ? SER A 54  ? THR A 157 SER A 159 
A1 6 MET A 59  ? GLN A 63  ? MET A 164 GLN A 168 
A2 1 GLY A 82  ? TRP A 86  ? GLY A 187 TRP A 191 
A2 2 GLY A 89  ? SER A 94  ? GLY A 194 SER A 199 
A2 3 ARG A 97  ? PRO A 101 ? ARG A 202 PRO A 206 
A2 4 PRO A 113 ? MET A 115 ? PRO A 218 MET A 220 
A2 5 VAL A 121 ? GLU A 131 ? VAL A 226 GLU A 236 
A2 6 ARG A 134 ? TRP A 142 ? ARG A 239 TRP A 247 
A2 7 THR A 148 ? THR A 151 ? THR A 253 THR A 256 
A2 8 GLU A 157 ? GLU A 158 ? GLU A 262 GLU A 263 
# 
_struct_site.id                   TRI 
_struct_site.pdbx_evidence_code   Unknown 
_struct_site.pdbx_auth_asym_id    ? 
_struct_site.pdbx_auth_comp_id    ? 
_struct_site.pdbx_auth_seq_id     ? 
_struct_site.pdbx_auth_ins_code   ? 
_struct_site.pdbx_num_residues    3 
_struct_site.details              
'SINDBIS CAPSID PROTEIN HAS THE CATALYTIC TRIAD OF THE SERINE PROTEINASE. THE RESIDUES ARE SER 215, HIS 141, AND ASP 163.' 
# 
loop_
_struct_site_gen.id 
_struct_site_gen.site_id 
_struct_site_gen.pdbx_num_res 
_struct_site_gen.label_comp_id 
_struct_site_gen.label_asym_id 
_struct_site_gen.label_seq_id 
_struct_site_gen.pdbx_auth_ins_code 
_struct_site_gen.auth_comp_id 
_struct_site_gen.auth_asym_id 
_struct_site_gen.auth_seq_id 
_struct_site_gen.label_atom_id 
_struct_site_gen.label_alt_id 
_struct_site_gen.symmetry 
_struct_site_gen.details 
1 TRI 3 SER A 110 ? SER A 215 . ? 1_555 ? 
2 TRI 3 HIS A 36  ? HIS A 141 . ? 1_555 ? 
3 TRI 3 ASP A 58  ? ASP A 163 . ? 1_555 ? 
# 
_pdbx_entry_details.entry_id                 1KXF 
_pdbx_entry_details.nonpolymer_details       ? 
_pdbx_entry_details.sequence_details         
;crystallized construct 1-264 was possibly cleaved during crystallization somewhere before residue 106.  
The entry was annotated as 106-264 fragment
;
_pdbx_entry_details.compound_details         ? 
_pdbx_entry_details.source_details           ? 
_pdbx_entry_details.has_ligand_of_interest   ? 
# 
loop_
_chem_comp_atom.comp_id 
_chem_comp_atom.atom_id 
_chem_comp_atom.type_symbol 
_chem_comp_atom.pdbx_aromatic_flag 
_chem_comp_atom.pdbx_stereo_config 
_chem_comp_atom.pdbx_ordinal 
ALA N    N N N 1   
ALA CA   C N S 2   
ALA C    C N N 3   
ALA O    O N N 4   
ALA CB   C N N 5   
ALA OXT  O N N 6   
ALA H    H N N 7   
ALA H2   H N N 8   
ALA HA   H N N 9   
ALA HB1  H N N 10  
ALA HB2  H N N 11  
ALA HB3  H N N 12  
ALA HXT  H N N 13  
ARG N    N N N 14  
ARG CA   C N S 15  
ARG C    C N N 16  
ARG O    O N N 17  
ARG CB   C N N 18  
ARG CG   C N N 19  
ARG CD   C N N 20  
ARG NE   N N N 21  
ARG CZ   C N N 22  
ARG NH1  N N N 23  
ARG NH2  N N N 24  
ARG OXT  O N N 25  
ARG H    H N N 26  
ARG H2   H N N 27  
ARG HA   H N N 28  
ARG HB2  H N N 29  
ARG HB3  H N N 30  
ARG HG2  H N N 31  
ARG HG3  H N N 32  
ARG HD2  H N N 33  
ARG HD3  H N N 34  
ARG HE   H N N 35  
ARG HH11 H N N 36  
ARG HH12 H N N 37  
ARG HH21 H N N 38  
ARG HH22 H N N 39  
ARG HXT  H N N 40  
ASN N    N N N 41  
ASN CA   C N S 42  
ASN C    C N N 43  
ASN O    O N N 44  
ASN CB   C N N 45  
ASN CG   C N N 46  
ASN OD1  O N N 47  
ASN ND2  N N N 48  
ASN OXT  O N N 49  
ASN H    H N N 50  
ASN H2   H N N 51  
ASN HA   H N N 52  
ASN HB2  H N N 53  
ASN HB3  H N N 54  
ASN HD21 H N N 55  
ASN HD22 H N N 56  
ASN HXT  H N N 57  
ASP N    N N N 58  
ASP CA   C N S 59  
ASP C    C N N 60  
ASP O    O N N 61  
ASP CB   C N N 62  
ASP CG   C N N 63  
ASP OD1  O N N 64  
ASP OD2  O N N 65  
ASP OXT  O N N 66  
ASP H    H N N 67  
ASP H2   H N N 68  
ASP HA   H N N 69  
ASP HB2  H N N 70  
ASP HB3  H N N 71  
ASP HD2  H N N 72  
ASP HXT  H N N 73  
GLN N    N N N 74  
GLN CA   C N S 75  
GLN C    C N N 76  
GLN O    O N N 77  
GLN CB   C N N 78  
GLN CG   C N N 79  
GLN CD   C N N 80  
GLN OE1  O N N 81  
GLN NE2  N N N 82  
GLN OXT  O N N 83  
GLN H    H N N 84  
GLN H2   H N N 85  
GLN HA   H N N 86  
GLN HB2  H N N 87  
GLN HB3  H N N 88  
GLN HG2  H N N 89  
GLN HG3  H N N 90  
GLN HE21 H N N 91  
GLN HE22 H N N 92  
GLN HXT  H N N 93  
GLU N    N N N 94  
GLU CA   C N S 95  
GLU C    C N N 96  
GLU O    O N N 97  
GLU CB   C N N 98  
GLU CG   C N N 99  
GLU CD   C N N 100 
GLU OE1  O N N 101 
GLU OE2  O N N 102 
GLU OXT  O N N 103 
GLU H    H N N 104 
GLU H2   H N N 105 
GLU HA   H N N 106 
GLU HB2  H N N 107 
GLU HB3  H N N 108 
GLU HG2  H N N 109 
GLU HG3  H N N 110 
GLU HE2  H N N 111 
GLU HXT  H N N 112 
GLY N    N N N 113 
GLY CA   C N N 114 
GLY C    C N N 115 
GLY O    O N N 116 
GLY OXT  O N N 117 
GLY H    H N N 118 
GLY H2   H N N 119 
GLY HA2  H N N 120 
GLY HA3  H N N 121 
GLY HXT  H N N 122 
HIS N    N N N 123 
HIS CA   C N S 124 
HIS C    C N N 125 
HIS O    O N N 126 
HIS CB   C N N 127 
HIS CG   C Y N 128 
HIS ND1  N Y N 129 
HIS CD2  C Y N 130 
HIS CE1  C Y N 131 
HIS NE2  N Y N 132 
HIS OXT  O N N 133 
HIS H    H N N 134 
HIS H2   H N N 135 
HIS HA   H N N 136 
HIS HB2  H N N 137 
HIS HB3  H N N 138 
HIS HD1  H N N 139 
HIS HD2  H N N 140 
HIS HE1  H N N 141 
HIS HE2  H N N 142 
HIS HXT  H N N 143 
HOH O    O N N 144 
HOH H1   H N N 145 
HOH H2   H N N 146 
ILE N    N N N 147 
ILE CA   C N S 148 
ILE C    C N N 149 
ILE O    O N N 150 
ILE CB   C N S 151 
ILE CG1  C N N 152 
ILE CG2  C N N 153 
ILE CD1  C N N 154 
ILE OXT  O N N 155 
ILE H    H N N 156 
ILE H2   H N N 157 
ILE HA   H N N 158 
ILE HB   H N N 159 
ILE HG12 H N N 160 
ILE HG13 H N N 161 
ILE HG21 H N N 162 
ILE HG22 H N N 163 
ILE HG23 H N N 164 
ILE HD11 H N N 165 
ILE HD12 H N N 166 
ILE HD13 H N N 167 
ILE HXT  H N N 168 
LEU N    N N N 169 
LEU CA   C N S 170 
LEU C    C N N 171 
LEU O    O N N 172 
LEU CB   C N N 173 
LEU CG   C N N 174 
LEU CD1  C N N 175 
LEU CD2  C N N 176 
LEU OXT  O N N 177 
LEU H    H N N 178 
LEU H2   H N N 179 
LEU HA   H N N 180 
LEU HB2  H N N 181 
LEU HB3  H N N 182 
LEU HG   H N N 183 
LEU HD11 H N N 184 
LEU HD12 H N N 185 
LEU HD13 H N N 186 
LEU HD21 H N N 187 
LEU HD22 H N N 188 
LEU HD23 H N N 189 
LEU HXT  H N N 190 
LYS N    N N N 191 
LYS CA   C N S 192 
LYS C    C N N 193 
LYS O    O N N 194 
LYS CB   C N N 195 
LYS CG   C N N 196 
LYS CD   C N N 197 
LYS CE   C N N 198 
LYS NZ   N N N 199 
LYS OXT  O N N 200 
LYS H    H N N 201 
LYS H2   H N N 202 
LYS HA   H N N 203 
LYS HB2  H N N 204 
LYS HB3  H N N 205 
LYS HG2  H N N 206 
LYS HG3  H N N 207 
LYS HD2  H N N 208 
LYS HD3  H N N 209 
LYS HE2  H N N 210 
LYS HE3  H N N 211 
LYS HZ1  H N N 212 
LYS HZ2  H N N 213 
LYS HZ3  H N N 214 
LYS HXT  H N N 215 
MET N    N N N 216 
MET CA   C N S 217 
MET C    C N N 218 
MET O    O N N 219 
MET CB   C N N 220 
MET CG   C N N 221 
MET SD   S N N 222 
MET CE   C N N 223 
MET OXT  O N N 224 
MET H    H N N 225 
MET H2   H N N 226 
MET HA   H N N 227 
MET HB2  H N N 228 
MET HB3  H N N 229 
MET HG2  H N N 230 
MET HG3  H N N 231 
MET HE1  H N N 232 
MET HE2  H N N 233 
MET HE3  H N N 234 
MET HXT  H N N 235 
PHE N    N N N 236 
PHE CA   C N S 237 
PHE C    C N N 238 
PHE O    O N N 239 
PHE CB   C N N 240 
PHE CG   C Y N 241 
PHE CD1  C Y N 242 
PHE CD2  C Y N 243 
PHE CE1  C Y N 244 
PHE CE2  C Y N 245 
PHE CZ   C Y N 246 
PHE OXT  O N N 247 
PHE H    H N N 248 
PHE H2   H N N 249 
PHE HA   H N N 250 
PHE HB2  H N N 251 
PHE HB3  H N N 252 
PHE HD1  H N N 253 
PHE HD2  H N N 254 
PHE HE1  H N N 255 
PHE HE2  H N N 256 
PHE HZ   H N N 257 
PHE HXT  H N N 258 
PRO N    N N N 259 
PRO CA   C N S 260 
PRO C    C N N 261 
PRO O    O N N 262 
PRO CB   C N N 263 
PRO CG   C N N 264 
PRO CD   C N N 265 
PRO OXT  O N N 266 
PRO H    H N N 267 
PRO HA   H N N 268 
PRO HB2  H N N 269 
PRO HB3  H N N 270 
PRO HG2  H N N 271 
PRO HG3  H N N 272 
PRO HD2  H N N 273 
PRO HD3  H N N 274 
PRO HXT  H N N 275 
SER N    N N N 276 
SER CA   C N S 277 
SER C    C N N 278 
SER O    O N N 279 
SER CB   C N N 280 
SER OG   O N N 281 
SER OXT  O N N 282 
SER H    H N N 283 
SER H2   H N N 284 
SER HA   H N N 285 
SER HB2  H N N 286 
SER HB3  H N N 287 
SER HG   H N N 288 
SER HXT  H N N 289 
THR N    N N N 290 
THR CA   C N S 291 
THR C    C N N 292 
THR O    O N N 293 
THR CB   C N R 294 
THR OG1  O N N 295 
THR CG2  C N N 296 
THR OXT  O N N 297 
THR H    H N N 298 
THR H2   H N N 299 
THR HA   H N N 300 
THR HB   H N N 301 
THR HG1  H N N 302 
THR HG21 H N N 303 
THR HG22 H N N 304 
THR HG23 H N N 305 
THR HXT  H N N 306 
TRP N    N N N 307 
TRP CA   C N S 308 
TRP C    C N N 309 
TRP O    O N N 310 
TRP CB   C N N 311 
TRP CG   C Y N 312 
TRP CD1  C Y N 313 
TRP CD2  C Y N 314 
TRP NE1  N Y N 315 
TRP CE2  C Y N 316 
TRP CE3  C Y N 317 
TRP CZ2  C Y N 318 
TRP CZ3  C Y N 319 
TRP CH2  C Y N 320 
TRP OXT  O N N 321 
TRP H    H N N 322 
TRP H2   H N N 323 
TRP HA   H N N 324 
TRP HB2  H N N 325 
TRP HB3  H N N 326 
TRP HD1  H N N 327 
TRP HE1  H N N 328 
TRP HE3  H N N 329 
TRP HZ2  H N N 330 
TRP HZ3  H N N 331 
TRP HH2  H N N 332 
TRP HXT  H N N 333 
TYR N    N N N 334 
TYR CA   C N S 335 
TYR C    C N N 336 
TYR O    O N N 337 
TYR CB   C N N 338 
TYR CG   C Y N 339 
TYR CD1  C Y N 340 
TYR CD2  C Y N 341 
TYR CE1  C Y N 342 
TYR CE2  C Y N 343 
TYR CZ   C Y N 344 
TYR OH   O N N 345 
TYR OXT  O N N 346 
TYR H    H N N 347 
TYR H2   H N N 348 
TYR HA   H N N 349 
TYR HB2  H N N 350 
TYR HB3  H N N 351 
TYR HD1  H N N 352 
TYR HD2  H N N 353 
TYR HE1  H N N 354 
TYR HE2  H N N 355 
TYR HH   H N N 356 
TYR HXT  H N N 357 
VAL N    N N N 358 
VAL CA   C N S 359 
VAL C    C N N 360 
VAL O    O N N 361 
VAL CB   C N N 362 
VAL CG1  C N N 363 
VAL CG2  C N N 364 
VAL OXT  O N N 365 
VAL H    H N N 366 
VAL H2   H N N 367 
VAL HA   H N N 368 
VAL HB   H N N 369 
VAL HG11 H N N 370 
VAL HG12 H N N 371 
VAL HG13 H N N 372 
VAL HG21 H N N 373 
VAL HG22 H N N 374 
VAL HG23 H N N 375 
VAL HXT  H N N 376 
# 
loop_
_chem_comp_bond.comp_id 
_chem_comp_bond.atom_id_1 
_chem_comp_bond.atom_id_2 
_chem_comp_bond.value_order 
_chem_comp_bond.pdbx_aromatic_flag 
_chem_comp_bond.pdbx_stereo_config 
_chem_comp_bond.pdbx_ordinal 
ALA N   CA   sing N N 1   
ALA N   H    sing N N 2   
ALA N   H2   sing N N 3   
ALA CA  C    sing N N 4   
ALA CA  CB   sing N N 5   
ALA CA  HA   sing N N 6   
ALA C   O    doub N N 7   
ALA C   OXT  sing N N 8   
ALA CB  HB1  sing N N 9   
ALA CB  HB2  sing N N 10  
ALA CB  HB3  sing N N 11  
ALA OXT HXT  sing N N 12  
ARG N   CA   sing N N 13  
ARG N   H    sing N N 14  
ARG N   H2   sing N N 15  
ARG CA  C    sing N N 16  
ARG CA  CB   sing N N 17  
ARG CA  HA   sing N N 18  
ARG C   O    doub N N 19  
ARG C   OXT  sing N N 20  
ARG CB  CG   sing N N 21  
ARG CB  HB2  sing N N 22  
ARG CB  HB3  sing N N 23  
ARG CG  CD   sing N N 24  
ARG CG  HG2  sing N N 25  
ARG CG  HG3  sing N N 26  
ARG CD  NE   sing N N 27  
ARG CD  HD2  sing N N 28  
ARG CD  HD3  sing N N 29  
ARG NE  CZ   sing N N 30  
ARG NE  HE   sing N N 31  
ARG CZ  NH1  sing N N 32  
ARG CZ  NH2  doub N N 33  
ARG NH1 HH11 sing N N 34  
ARG NH1 HH12 sing N N 35  
ARG NH2 HH21 sing N N 36  
ARG NH2 HH22 sing N N 37  
ARG OXT HXT  sing N N 38  
ASN N   CA   sing N N 39  
ASN N   H    sing N N 40  
ASN N   H2   sing N N 41  
ASN CA  C    sing N N 42  
ASN CA  CB   sing N N 43  
ASN CA  HA   sing N N 44  
ASN C   O    doub N N 45  
ASN C   OXT  sing N N 46  
ASN CB  CG   sing N N 47  
ASN CB  HB2  sing N N 48  
ASN CB  HB3  sing N N 49  
ASN CG  OD1  doub N N 50  
ASN CG  ND2  sing N N 51  
ASN ND2 HD21 sing N N 52  
ASN ND2 HD22 sing N N 53  
ASN OXT HXT  sing N N 54  
ASP N   CA   sing N N 55  
ASP N   H    sing N N 56  
ASP N   H2   sing N N 57  
ASP CA  C    sing N N 58  
ASP CA  CB   sing N N 59  
ASP CA  HA   sing N N 60  
ASP C   O    doub N N 61  
ASP C   OXT  sing N N 62  
ASP CB  CG   sing N N 63  
ASP CB  HB2  sing N N 64  
ASP CB  HB3  sing N N 65  
ASP CG  OD1  doub N N 66  
ASP CG  OD2  sing N N 67  
ASP OD2 HD2  sing N N 68  
ASP OXT HXT  sing N N 69  
GLN N   CA   sing N N 70  
GLN N   H    sing N N 71  
GLN N   H2   sing N N 72  
GLN CA  C    sing N N 73  
GLN CA  CB   sing N N 74  
GLN CA  HA   sing N N 75  
GLN C   O    doub N N 76  
GLN C   OXT  sing N N 77  
GLN CB  CG   sing N N 78  
GLN CB  HB2  sing N N 79  
GLN CB  HB3  sing N N 80  
GLN CG  CD   sing N N 81  
GLN CG  HG2  sing N N 82  
GLN CG  HG3  sing N N 83  
GLN CD  OE1  doub N N 84  
GLN CD  NE2  sing N N 85  
GLN NE2 HE21 sing N N 86  
GLN NE2 HE22 sing N N 87  
GLN OXT HXT  sing N N 88  
GLU N   CA   sing N N 89  
GLU N   H    sing N N 90  
GLU N   H2   sing N N 91  
GLU CA  C    sing N N 92  
GLU CA  CB   sing N N 93  
GLU CA  HA   sing N N 94  
GLU C   O    doub N N 95  
GLU C   OXT  sing N N 96  
GLU CB  CG   sing N N 97  
GLU CB  HB2  sing N N 98  
GLU CB  HB3  sing N N 99  
GLU CG  CD   sing N N 100 
GLU CG  HG2  sing N N 101 
GLU CG  HG3  sing N N 102 
GLU CD  OE1  doub N N 103 
GLU CD  OE2  sing N N 104 
GLU OE2 HE2  sing N N 105 
GLU OXT HXT  sing N N 106 
GLY N   CA   sing N N 107 
GLY N   H    sing N N 108 
GLY N   H2   sing N N 109 
GLY CA  C    sing N N 110 
GLY CA  HA2  sing N N 111 
GLY CA  HA3  sing N N 112 
GLY C   O    doub N N 113 
GLY C   OXT  sing N N 114 
GLY OXT HXT  sing N N 115 
HIS N   CA   sing N N 116 
HIS N   H    sing N N 117 
HIS N   H2   sing N N 118 
HIS CA  C    sing N N 119 
HIS CA  CB   sing N N 120 
HIS CA  HA   sing N N 121 
HIS C   O    doub N N 122 
HIS C   OXT  sing N N 123 
HIS CB  CG   sing N N 124 
HIS CB  HB2  sing N N 125 
HIS CB  HB3  sing N N 126 
HIS CG  ND1  sing Y N 127 
HIS CG  CD2  doub Y N 128 
HIS ND1 CE1  doub Y N 129 
HIS ND1 HD1  sing N N 130 
HIS CD2 NE2  sing Y N 131 
HIS CD2 HD2  sing N N 132 
HIS CE1 NE2  sing Y N 133 
HIS CE1 HE1  sing N N 134 
HIS NE2 HE2  sing N N 135 
HIS OXT HXT  sing N N 136 
HOH O   H1   sing N N 137 
HOH O   H2   sing N N 138 
ILE N   CA   sing N N 139 
ILE N   H    sing N N 140 
ILE N   H2   sing N N 141 
ILE CA  C    sing N N 142 
ILE CA  CB   sing N N 143 
ILE CA  HA   sing N N 144 
ILE C   O    doub N N 145 
ILE C   OXT  sing N N 146 
ILE CB  CG1  sing N N 147 
ILE CB  CG2  sing N N 148 
ILE CB  HB   sing N N 149 
ILE CG1 CD1  sing N N 150 
ILE CG1 HG12 sing N N 151 
ILE CG1 HG13 sing N N 152 
ILE CG2 HG21 sing N N 153 
ILE CG2 HG22 sing N N 154 
ILE CG2 HG23 sing N N 155 
ILE CD1 HD11 sing N N 156 
ILE CD1 HD12 sing N N 157 
ILE CD1 HD13 sing N N 158 
ILE OXT HXT  sing N N 159 
LEU N   CA   sing N N 160 
LEU N   H    sing N N 161 
LEU N   H2   sing N N 162 
LEU CA  C    sing N N 163 
LEU CA  CB   sing N N 164 
LEU CA  HA   sing N N 165 
LEU C   O    doub N N 166 
LEU C   OXT  sing N N 167 
LEU CB  CG   sing N N 168 
LEU CB  HB2  sing N N 169 
LEU CB  HB3  sing N N 170 
LEU CG  CD1  sing N N 171 
LEU CG  CD2  sing N N 172 
LEU CG  HG   sing N N 173 
LEU CD1 HD11 sing N N 174 
LEU CD1 HD12 sing N N 175 
LEU CD1 HD13 sing N N 176 
LEU CD2 HD21 sing N N 177 
LEU CD2 HD22 sing N N 178 
LEU CD2 HD23 sing N N 179 
LEU OXT HXT  sing N N 180 
LYS N   CA   sing N N 181 
LYS N   H    sing N N 182 
LYS N   H2   sing N N 183 
LYS CA  C    sing N N 184 
LYS CA  CB   sing N N 185 
LYS CA  HA   sing N N 186 
LYS C   O    doub N N 187 
LYS C   OXT  sing N N 188 
LYS CB  CG   sing N N 189 
LYS CB  HB2  sing N N 190 
LYS CB  HB3  sing N N 191 
LYS CG  CD   sing N N 192 
LYS CG  HG2  sing N N 193 
LYS CG  HG3  sing N N 194 
LYS CD  CE   sing N N 195 
LYS CD  HD2  sing N N 196 
LYS CD  HD3  sing N N 197 
LYS CE  NZ   sing N N 198 
LYS CE  HE2  sing N N 199 
LYS CE  HE3  sing N N 200 
LYS NZ  HZ1  sing N N 201 
LYS NZ  HZ2  sing N N 202 
LYS NZ  HZ3  sing N N 203 
LYS OXT HXT  sing N N 204 
MET N   CA   sing N N 205 
MET N   H    sing N N 206 
MET N   H2   sing N N 207 
MET CA  C    sing N N 208 
MET CA  CB   sing N N 209 
MET CA  HA   sing N N 210 
MET C   O    doub N N 211 
MET C   OXT  sing N N 212 
MET CB  CG   sing N N 213 
MET CB  HB2  sing N N 214 
MET CB  HB3  sing N N 215 
MET CG  SD   sing N N 216 
MET CG  HG2  sing N N 217 
MET CG  HG3  sing N N 218 
MET SD  CE   sing N N 219 
MET CE  HE1  sing N N 220 
MET CE  HE2  sing N N 221 
MET CE  HE3  sing N N 222 
MET OXT HXT  sing N N 223 
PHE N   CA   sing N N 224 
PHE N   H    sing N N 225 
PHE N   H2   sing N N 226 
PHE CA  C    sing N N 227 
PHE CA  CB   sing N N 228 
PHE CA  HA   sing N N 229 
PHE C   O    doub N N 230 
PHE C   OXT  sing N N 231 
PHE CB  CG   sing N N 232 
PHE CB  HB2  sing N N 233 
PHE CB  HB3  sing N N 234 
PHE CG  CD1  doub Y N 235 
PHE CG  CD2  sing Y N 236 
PHE CD1 CE1  sing Y N 237 
PHE CD1 HD1  sing N N 238 
PHE CD2 CE2  doub Y N 239 
PHE CD2 HD2  sing N N 240 
PHE CE1 CZ   doub Y N 241 
PHE CE1 HE1  sing N N 242 
PHE CE2 CZ   sing Y N 243 
PHE CE2 HE2  sing N N 244 
PHE CZ  HZ   sing N N 245 
PHE OXT HXT  sing N N 246 
PRO N   CA   sing N N 247 
PRO N   CD   sing N N 248 
PRO N   H    sing N N 249 
PRO CA  C    sing N N 250 
PRO CA  CB   sing N N 251 
PRO CA  HA   sing N N 252 
PRO C   O    doub N N 253 
PRO C   OXT  sing N N 254 
PRO CB  CG   sing N N 255 
PRO CB  HB2  sing N N 256 
PRO CB  HB3  sing N N 257 
PRO CG  CD   sing N N 258 
PRO CG  HG2  sing N N 259 
PRO CG  HG3  sing N N 260 
PRO CD  HD2  sing N N 261 
PRO CD  HD3  sing N N 262 
PRO OXT HXT  sing N N 263 
SER N   CA   sing N N 264 
SER N   H    sing N N 265 
SER N   H2   sing N N 266 
SER CA  C    sing N N 267 
SER CA  CB   sing N N 268 
SER CA  HA   sing N N 269 
SER C   O    doub N N 270 
SER C   OXT  sing N N 271 
SER CB  OG   sing N N 272 
SER CB  HB2  sing N N 273 
SER CB  HB3  sing N N 274 
SER OG  HG   sing N N 275 
SER OXT HXT  sing N N 276 
THR N   CA   sing N N 277 
THR N   H    sing N N 278 
THR N   H2   sing N N 279 
THR CA  C    sing N N 280 
THR CA  CB   sing N N 281 
THR CA  HA   sing N N 282 
THR C   O    doub N N 283 
THR C   OXT  sing N N 284 
THR CB  OG1  sing N N 285 
THR CB  CG2  sing N N 286 
THR CB  HB   sing N N 287 
THR OG1 HG1  sing N N 288 
THR CG2 HG21 sing N N 289 
THR CG2 HG22 sing N N 290 
THR CG2 HG23 sing N N 291 
THR OXT HXT  sing N N 292 
TRP N   CA   sing N N 293 
TRP N   H    sing N N 294 
TRP N   H2   sing N N 295 
TRP CA  C    sing N N 296 
TRP CA  CB   sing N N 297 
TRP CA  HA   sing N N 298 
TRP C   O    doub N N 299 
TRP C   OXT  sing N N 300 
TRP CB  CG   sing N N 301 
TRP CB  HB2  sing N N 302 
TRP CB  HB3  sing N N 303 
TRP CG  CD1  doub Y N 304 
TRP CG  CD2  sing Y N 305 
TRP CD1 NE1  sing Y N 306 
TRP CD1 HD1  sing N N 307 
TRP CD2 CE2  doub Y N 308 
TRP CD2 CE3  sing Y N 309 
TRP NE1 CE2  sing Y N 310 
TRP NE1 HE1  sing N N 311 
TRP CE2 CZ2  sing Y N 312 
TRP CE3 CZ3  doub Y N 313 
TRP CE3 HE3  sing N N 314 
TRP CZ2 CH2  doub Y N 315 
TRP CZ2 HZ2  sing N N 316 
TRP CZ3 CH2  sing Y N 317 
TRP CZ3 HZ3  sing N N 318 
TRP CH2 HH2  sing N N 319 
TRP OXT HXT  sing N N 320 
TYR N   CA   sing N N 321 
TYR N   H    sing N N 322 
TYR N   H2   sing N N 323 
TYR CA  C    sing N N 324 
TYR CA  CB   sing N N 325 
TYR CA  HA   sing N N 326 
TYR C   O    doub N N 327 
TYR C   OXT  sing N N 328 
TYR CB  CG   sing N N 329 
TYR CB  HB2  sing N N 330 
TYR CB  HB3  sing N N 331 
TYR CG  CD1  doub Y N 332 
TYR CG  CD2  sing Y N 333 
TYR CD1 CE1  sing Y N 334 
TYR CD1 HD1  sing N N 335 
TYR CD2 CE2  doub Y N 336 
TYR CD2 HD2  sing N N 337 
TYR CE1 CZ   doub Y N 338 
TYR CE1 HE1  sing N N 339 
TYR CE2 CZ   sing Y N 340 
TYR CE2 HE2  sing N N 341 
TYR CZ  OH   sing N N 342 
TYR OH  HH   sing N N 343 
TYR OXT HXT  sing N N 344 
VAL N   CA   sing N N 345 
VAL N   H    sing N N 346 
VAL N   H2   sing N N 347 
VAL CA  C    sing N N 348 
VAL CA  CB   sing N N 349 
VAL CA  HA   sing N N 350 
VAL C   O    doub N N 351 
VAL C   OXT  sing N N 352 
VAL CB  CG1  sing N N 353 
VAL CB  CG2  sing N N 354 
VAL CB  HB   sing N N 355 
VAL CG1 HG11 sing N N 356 
VAL CG1 HG12 sing N N 357 
VAL CG1 HG13 sing N N 358 
VAL CG2 HG21 sing N N 359 
VAL CG2 HG22 sing N N 360 
VAL CG2 HG23 sing N N 361 
VAL OXT HXT  sing N N 362 
# 
_atom_sites.entry_id                    1KXF 
_atom_sites.fract_transf_matrix[1][1]   0.00989984 
_atom_sites.fract_transf_matrix[1][2]   -0.01448389 
_atom_sites.fract_transf_matrix[1][3]   0.00004602 
_atom_sites.fract_transf_matrix[2][1]   -0.01236136 
_atom_sites.fract_transf_matrix[2][2]   -0.00841994 
_atom_sites.fract_transf_matrix[2][3]   0.00917024 
_atom_sites.fract_transf_matrix[3][1]   -0.00391846 
_atom_sites.fract_transf_matrix[3][2]   -0.00270296 
_atom_sites.fract_transf_matrix[3][3]   -0.00776384 
_atom_sites.fract_transf_vector[1]      0.765638 
_atom_sites.fract_transf_vector[2]      0.464355 
_atom_sites.fract_transf_vector[3]      0.113715 
# 
loop_
_atom_type.symbol 
C 
N 
O 
S 
# 
loop_
_atom_site.group_PDB 
_atom_site.id 
_atom_site.type_symbol 
_atom_site.label_atom_id 
_atom_site.label_alt_id 
_atom_site.label_comp_id 
_atom_site.label_asym_id 
_atom_site.label_entity_id 
_atom_site.label_seq_id 
_atom_site.pdbx_PDB_ins_code 
_atom_site.Cartn_x 
_atom_site.Cartn_y 
_atom_site.Cartn_z 
_atom_site.occupancy 
_atom_site.B_iso_or_equiv 
_atom_site.pdbx_formal_charge 
_atom_site.auth_seq_id 
_atom_site.auth_comp_id 
_atom_site.auth_asym_id 
_atom_site.auth_atom_id 
_atom_site.pdbx_PDB_model_num 
ATOM   1    N N   . MET A 1 1   ? 13.738  6.644   24.877  1.00 53.53 ? 106 MET A N   1 
ATOM   2    C CA  . MET A 1 1   ? 13.134  5.273   24.866  1.00 56.62 ? 106 MET A CA  1 
ATOM   3    C C   . MET A 1 1   ? 13.178  4.500   23.512  1.00 57.64 ? 106 MET A C   1 
ATOM   4    O O   . MET A 1 1   ? 13.803  3.393   23.420  1.00 54.56 ? 106 MET A O   1 
ATOM   5    C CB  . MET A 1 1   ? 11.677  5.328   25.359  1.00 56.49 ? 106 MET A CB  1 
ATOM   6    C CG  . MET A 1 1   ? 11.550  5.455   26.869  1.00 60.11 ? 106 MET A CG  1 
ATOM   7    S SD  . MET A 1 1   ? 12.215  3.902   27.734  1.00 63.66 ? 106 MET A SD  1 
ATOM   8    C CE  . MET A 1 1   ? 13.602  4.745   28.880  1.00 65.51 ? 106 MET A CE  1 
ATOM   9    N N   . ALA A 1 2   ? 12.598  5.089   22.460  1.00 58.96 ? 107 ALA A N   1 
ATOM   10   C CA  . ALA A 1 2   ? 12.499  4.383   21.179  1.00 58.63 ? 107 ALA A CA  1 
ATOM   11   C C   . ALA A 1 2   ? 13.273  4.789   19.925  1.00 55.49 ? 107 ALA A C   1 
ATOM   12   O O   . ALA A 1 2   ? 13.291  5.947   19.514  1.00 55.75 ? 107 ALA A O   1 
ATOM   13   C CB  . ALA A 1 2   ? 11.012  4.198   20.820  1.00 60.70 ? 107 ALA A CB  1 
ATOM   14   N N   . LEU A 1 3   ? 13.829  3.771   19.280  1.00 51.32 ? 108 LEU A N   1 
ATOM   15   C CA  . LEU A 1 3   ? 14.561  3.906   18.036  1.00 48.18 ? 108 LEU A CA  1 
ATOM   16   C C   . LEU A 1 3   ? 13.735  3.088   17.049  1.00 47.87 ? 108 LEU A C   1 
ATOM   17   O O   . LEU A 1 3   ? 13.381  1.937   17.336  1.00 46.95 ? 108 LEU A O   1 
ATOM   18   C CB  . LEU A 1 3   ? 15.952  3.291   18.181  1.00 46.85 ? 108 LEU A CB  1 
ATOM   19   C CG  . LEU A 1 3   ? 16.774  3.897   19.314  1.00 43.79 ? 108 LEU A CG  1 
ATOM   20   C CD1 . LEU A 1 3   ? 18.018  3.087   19.563  1.00 45.34 ? 108 LEU A CD1 1 
ATOM   21   C CD2 . LEU A 1 3   ? 17.120  5.333   18.988  1.00 42.66 ? 108 LEU A CD2 1 
ATOM   22   N N   . LYS A 1 4   ? 13.389  3.686   15.913  1.00 47.97 ? 109 LYS A N   1 
ATOM   23   C CA  . LYS A 1 4   ? 12.588  2.992   14.900  1.00 48.49 ? 109 LYS A CA  1 
ATOM   24   C C   . LYS A 1 4   ? 13.409  2.045   14.016  1.00 46.23 ? 109 LYS A C   1 
ATOM   25   O O   . LYS A 1 4   ? 13.661  2.340   12.844  1.00 47.58 ? 109 LYS A O   1 
ATOM   26   C CB  . LYS A 1 4   ? 11.830  3.998   14.020  1.00 50.55 ? 109 LYS A CB  1 
ATOM   27   C CG  . LYS A 1 4   ? 10.592  3.428   13.346  1.00 55.82 ? 109 LYS A CG  1 
ATOM   28   C CD  . LYS A 1 4   ? 10.362  4.016   11.953  1.00 60.79 ? 109 LYS A CD  1 
ATOM   29   C CE  . LYS A 1 4   ? 8.887   4.374   11.684  1.00 63.54 ? 109 LYS A CE  1 
ATOM   30   N NZ  . LYS A 1 4   ? 7.926   3.242   11.828  1.00 66.00 ? 109 LYS A NZ  1 
ATOM   31   N N   . LEU A 1 5   ? 13.873  0.945   14.602  1.00 43.71 ? 110 LEU A N   1 
ATOM   32   C CA  . LEU A 1 5   ? 14.628  -0.066  13.870  1.00 42.85 ? 110 LEU A CA  1 
ATOM   33   C C   . LEU A 1 5   ? 13.611  -1.105  13.453  1.00 43.39 ? 110 LEU A C   1 
ATOM   34   O O   . LEU A 1 5   ? 12.923  -1.691  14.303  1.00 42.42 ? 110 LEU A O   1 
ATOM   35   C CB  . LEU A 1 5   ? 15.688  -0.724  14.746  1.00 43.62 ? 110 LEU A CB  1 
ATOM   36   C CG  . LEU A 1 5   ? 17.153  -0.306  14.563  1.00 45.00 ? 110 LEU A CG  1 
ATOM   37   C CD1 . LEU A 1 5   ? 17.950  -0.757  15.771  1.00 47.25 ? 110 LEU A CD1 1 
ATOM   38   C CD2 . LEU A 1 5   ? 17.739  -0.894  13.297  1.00 41.26 ? 110 LEU A CD2 1 
ATOM   39   N N   . GLU A 1 6   ? 13.484  -1.274  12.136  1.00 43.88 ? 111 GLU A N   1 
ATOM   40   C CA  . GLU A 1 6   ? 12.545  -2.218  11.532  1.00 41.94 ? 111 GLU A CA  1 
ATOM   41   C C   . GLU A 1 6   ? 13.161  -2.957  10.361  1.00 37.82 ? 111 GLU A C   1 
ATOM   42   O O   . GLU A 1 6   ? 14.099  -2.479  9.710   1.00 34.66 ? 111 GLU A O   1 
ATOM   43   C CB  . GLU A 1 6   ? 11.296  -1.491  11.015  1.00 46.80 ? 111 GLU A CB  1 
ATOM   44   C CG  . GLU A 1 6   ? 10.326  -1.029  12.081  1.00 55.88 ? 111 GLU A CG  1 
ATOM   45   C CD  . GLU A 1 6   ? 9.789   0.374   11.830  1.00 60.19 ? 111 GLU A CD  1 
ATOM   46   O OE1 . GLU A 1 6   ? 10.277  1.058   10.893  1.00 59.23 ? 111 GLU A OE1 1 
ATOM   47   O OE2 . GLU A 1 6   ? 8.887   0.792   12.599  1.00 62.45 ? 111 GLU A OE2 1 
ATOM   48   N N   . ALA A 1 7   ? 12.556  -4.098  10.056  1.00 33.09 ? 112 ALA A N   1 
ATOM   49   C CA  . ALA A 1 7   ? 12.989  -4.922  8.945   1.00 30.94 ? 112 ALA A CA  1 
ATOM   50   C C   . ALA A 1 7   ? 12.814  -4.194  7.610   1.00 27.74 ? 112 ALA A C   1 
ATOM   51   O O   . ALA A 1 7   ? 12.213  -3.122  7.523   1.00 22.00 ? 112 ALA A O   1 
ATOM   52   C CB  . ALA A 1 7   ? 12.210  -6.212  8.941   1.00 27.42 ? 112 ALA A CB  1 
ATOM   53   N N   . ASP A 1 8   ? 13.394  -4.766  6.571   1.00 29.40 ? 113 ASP A N   1 
ATOM   54   C CA  . ASP A 1 8   ? 13.259  -4.190  5.247   1.00 30.41 ? 113 ASP A CA  1 
ATOM   55   C C   . ASP A 1 8   ? 11.970  -4.767  4.631   1.00 28.63 ? 113 ASP A C   1 
ATOM   56   O O   . ASP A 1 8   ? 11.934  -5.915  4.189   1.00 28.41 ? 113 ASP A O   1 
ATOM   57   C CB  . ASP A 1 8   ? 14.496  -4.526  4.416   1.00 35.74 ? 113 ASP A CB  1 
ATOM   58   C CG  . ASP A 1 8   ? 15.710  -3.651  4.760   1.00 38.49 ? 113 ASP A CG  1 
ATOM   59   O OD1 . ASP A 1 8   ? 15.581  -2.592  5.432   1.00 37.57 ? 113 ASP A OD1 1 
ATOM   60   O OD2 . ASP A 1 8   ? 16.810  -4.021  4.309   1.00 43.10 ? 113 ASP A OD2 1 
ATOM   61   N N   . ARG A 1 9   ? 10.906  -3.968  4.657   1.00 24.77 ? 114 ARG A N   1 
ATOM   62   C CA  . ARG A 1 9   ? 9.593   -4.375  4.156   1.00 21.26 ? 114 ARG A CA  1 
ATOM   63   C C   . ARG A 1 9   ? 9.024   -3.492  3.075   1.00 17.38 ? 114 ARG A C   1 
ATOM   64   O O   . ARG A 1 9   ? 8.240   -3.950  2.267   1.00 18.69 ? 114 ARG A O   1 
ATOM   65   C CB  . ARG A 1 9   ? 8.573   -4.360  5.290   1.00 20.10 ? 114 ARG A CB  1 
ATOM   66   C CG  . ARG A 1 9   ? 8.751   -5.397  6.328   1.00 24.39 ? 114 ARG A CG  1 
ATOM   67   C CD  . ARG A 1 9   ? 8.526   -4.746  7.644   1.00 28.37 ? 114 ARG A CD  1 
ATOM   68   N NE  . ARG A 1 9   ? 7.796   -5.611  8.552   1.00 34.66 ? 114 ARG A NE  1 
ATOM   69   C CZ  . ARG A 1 9   ? 7.169   -5.170  9.637   1.00 34.62 ? 114 ARG A CZ  1 
ATOM   70   N NH1 . ARG A 1 9   ? 7.203   -3.874  9.947   1.00 28.09 ? 114 ARG A NH1 1 
ATOM   71   N NH2 . ARG A 1 9   ? 6.445   -6.017  10.363  1.00 37.24 ? 114 ARG A NH2 1 
ATOM   72   N N   . LEU A 1 10  ? 9.332   -2.208  3.122   1.00 15.96 ? 115 LEU A N   1 
ATOM   73   C CA  . LEU A 1 10  ? 8.807   -1.281  2.134   1.00 19.34 ? 115 LEU A CA  1 
ATOM   74   C C   . LEU A 1 10  ? 9.937   -0.962  1.155   1.00 21.12 ? 115 LEU A C   1 
ATOM   75   O O   . LEU A 1 10  ? 11.078  -0.705  1.562   1.00 20.94 ? 115 LEU A O   1 
ATOM   76   C CB  . LEU A 1 10  ? 8.277   -0.029  2.826   1.00 17.61 ? 115 LEU A CB  1 
ATOM   77   C CG  . LEU A 1 10  ? 7.331   0.822   1.991   1.00 23.53 ? 115 LEU A CG  1 
ATOM   78   C CD1 . LEU A 1 10  ? 5.978   0.132   1.804   1.00 20.00 ? 115 LEU A CD1 1 
ATOM   79   C CD2 . LEU A 1 10  ? 7.143   2.144   2.695   1.00 26.65 ? 115 LEU A CD2 1 
ATOM   80   N N   . PHE A 1 11  ? 9.634   -1.001  -0.137  1.00 19.70 ? 116 PHE A N   1 
ATOM   81   C CA  . PHE A 1 11  ? 10.664  -0.783  -1.137  1.00 18.95 ? 116 PHE A CA  1 
ATOM   82   C C   . PHE A 1 11  ? 10.227  0.232   -2.186  1.00 20.56 ? 116 PHE A C   1 
ATOM   83   O O   . PHE A 1 11  ? 9.038   0.411   -2.413  1.00 20.80 ? 116 PHE A O   1 
ATOM   84   C CB  . PHE A 1 11  ? 10.987  -2.122  -1.820  1.00 17.76 ? 116 PHE A CB  1 
ATOM   85   C CG  . PHE A 1 11  ? 11.245  -3.259  -0.856  1.00 15.68 ? 116 PHE A CG  1 
ATOM   86   C CD1 . PHE A 1 11  ? 12.526  -3.500  -0.358  1.00 12.77 ? 116 PHE A CD1 1 
ATOM   87   C CD2 . PHE A 1 11  ? 10.205  -4.101  -0.458  1.00 16.30 ? 116 PHE A CD2 1 
ATOM   88   C CE1 . PHE A 1 11  ? 12.766  -4.552  0.508   1.00 8.40  ? 116 PHE A CE1 1 
ATOM   89   C CE2 . PHE A 1 11  ? 10.447  -5.154  0.413   1.00 13.04 ? 116 PHE A CE2 1 
ATOM   90   C CZ  . PHE A 1 11  ? 11.731  -5.372  0.891   1.00 13.96 ? 116 PHE A CZ  1 
ATOM   91   N N   . ASP A 1 12  ? 11.192  0.889   -2.820  1.00 20.04 ? 117 ASP A N   1 
ATOM   92   C CA  . ASP A 1 12  ? 10.878  1.871   -3.846  1.00 23.02 ? 117 ASP A CA  1 
ATOM   93   C C   . ASP A 1 12  ? 10.747  1.222   -5.211  1.00 24.60 ? 117 ASP A C   1 
ATOM   94   O O   . ASP A 1 12  ? 11.393  0.204   -5.504  1.00 23.20 ? 117 ASP A O   1 
ATOM   95   C CB  . ASP A 1 12  ? 11.986  2.927   -3.991  1.00 27.27 ? 117 ASP A CB  1 
ATOM   96   C CG  . ASP A 1 12  ? 12.169  3.775   -2.764  1.00 28.68 ? 117 ASP A CG  1 
ATOM   97   O OD1 . ASP A 1 12  ? 11.238  3.816   -1.933  1.00 34.26 ? 117 ASP A OD1 1 
ATOM   98   O OD2 . ASP A 1 12  ? 13.254  4.398   -2.636  1.00 30.89 ? 117 ASP A OD2 1 
ATOM   99   N N   . VAL A 1 13  ? 9.911   1.850   -6.037  1.00 24.14 ? 118 VAL A N   1 
ATOM   100  C CA  . VAL A 1 13  ? 9.700   1.459   -7.427  1.00 20.44 ? 118 VAL A CA  1 
ATOM   101  C C   . VAL A 1 13  ? 10.060  2.751   -8.140  1.00 21.49 ? 118 VAL A C   1 
ATOM   102  O O   . VAL A 1 13  ? 9.560   3.823   -7.800  1.00 18.54 ? 118 VAL A O   1 
ATOM   103  C CB  . VAL A 1 13  ? 8.250   1.104   -7.730  1.00 16.23 ? 118 VAL A CB  1 
ATOM   104  C CG1 . VAL A 1 13  ? 8.103   0.846   -9.194  1.00 14.16 ? 118 VAL A CG1 1 
ATOM   105  C CG2 . VAL A 1 13  ? 7.830   -0.103  -6.945  1.00 11.01 ? 118 VAL A CG2 1 
ATOM   106  N N   . LYS A 1 14  ? 11.024  2.667   -9.042  1.00 25.84 ? 119 LYS A N   1 
ATOM   107  C CA  . LYS A 1 14  ? 11.485  3.849   -9.772  1.00 27.01 ? 119 LYS A CA  1 
ATOM   108  C C   . LYS A 1 14  ? 11.174  3.806   -11.262 1.00 29.09 ? 119 LYS A C   1 
ATOM   109  O O   . LYS A 1 14  ? 10.982  2.736   -11.832 1.00 32.71 ? 119 LYS A O   1 
ATOM   110  C CB  . LYS A 1 14  ? 12.997  4.028   -9.565  1.00 25.21 ? 119 LYS A CB  1 
ATOM   111  C CG  . LYS A 1 14  ? 13.410  4.111   -8.112  1.00 22.55 ? 119 LYS A CG  1 
ATOM   112  C CD  . LYS A 1 14  ? 14.861  4.523   -7.977  1.00 21.27 ? 119 LYS A CD  1 
ATOM   113  C CE  . LYS A 1 14  ? 15.229  4.786   -6.514  1.00 21.75 ? 119 LYS A CE  1 
ATOM   114  N NZ  . LYS A 1 14  ? 16.687  5.023   -6.323  1.00 21.79 ? 119 LYS A NZ  1 
ATOM   115  N N   . ASN A 1 15  ? 11.104  4.976   -11.885 1.00 31.83 ? 120 ASN A N   1 
ATOM   116  C CA  . ASN A 1 15  ? 10.853  5.057   -13.312 1.00 32.64 ? 120 ASN A CA  1 
ATOM   117  C C   . ASN A 1 15  ? 12.168  4.969   -14.070 1.00 36.78 ? 120 ASN A C   1 
ATOM   118  O O   . ASN A 1 15  ? 13.227  4.879   -13.453 1.00 38.77 ? 120 ASN A O   1 
ATOM   119  C CB  . ASN A 1 15  ? 10.093  6.330   -13.669 1.00 29.94 ? 120 ASN A CB  1 
ATOM   120  C CG  . ASN A 1 15  ? 10.792  7.582   -13.226 1.00 27.83 ? 120 ASN A CG  1 
ATOM   121  O OD1 . ASN A 1 15  ? 11.975  7.568   -12.894 1.00 24.78 ? 120 ASN A OD1 1 
ATOM   122  N ND2 . ASN A 1 15  ? 10.061  8.689   -13.239 1.00 24.76 ? 120 ASN A ND2 1 
ATOM   123  N N   . GLU A 1 16  ? 12.093  5.029   -15.398 1.00 42.62 ? 121 GLU A N   1 
ATOM   124  C CA  . GLU A 1 16  ? 13.264  4.905   -16.271 1.00 45.19 ? 121 GLU A CA  1 
ATOM   125  C C   . GLU A 1 16  ? 14.459  5.754   -15.885 1.00 43.06 ? 121 GLU A C   1 
ATOM   126  O O   . GLU A 1 16  ? 15.578  5.260   -15.912 1.00 45.35 ? 121 GLU A O   1 
ATOM   127  C CB  . GLU A 1 16  ? 12.900  5.140   -17.746 1.00 50.60 ? 121 GLU A CB  1 
ATOM   128  C CG  . GLU A 1 16  ? 13.698  4.231   -18.728 1.00 60.10 ? 121 GLU A CG  1 
ATOM   129  C CD  . GLU A 1 16  ? 13.387  4.484   -20.218 1.00 63.40 ? 121 GLU A CD  1 
ATOM   130  O OE1 . GLU A 1 16  ? 12.441  3.855   -20.754 1.00 65.03 ? 121 GLU A OE1 1 
ATOM   131  O OE2 . GLU A 1 16  ? 14.100  5.302   -20.851 1.00 62.96 ? 121 GLU A OE2 1 
ATOM   132  N N   . ASP A 1 17  ? 14.238  7.005   -15.493 1.00 40.75 ? 122 ASP A N   1 
ATOM   133  C CA  . ASP A 1 17  ? 15.361  7.855   -15.108 1.00 38.05 ? 122 ASP A CA  1 
ATOM   134  C C   . ASP A 1 17  ? 15.632  7.824   -13.616 1.00 36.13 ? 122 ASP A C   1 
ATOM   135  O O   . ASP A 1 17  ? 16.474  8.585   -13.126 1.00 35.82 ? 122 ASP A O   1 
ATOM   136  C CB  . ASP A 1 17  ? 15.166  9.286   -15.589 1.00 41.13 ? 122 ASP A CB  1 
ATOM   137  C CG  . ASP A 1 17  ? 14.001  9.965   -14.917 1.00 46.73 ? 122 ASP A CG  1 
ATOM   138  O OD1 . ASP A 1 17  ? 14.208  10.582  -13.847 1.00 51.41 ? 122 ASP A OD1 1 
ATOM   139  O OD2 . ASP A 1 17  ? 12.883  9.880   -15.457 1.00 47.77 ? 122 ASP A OD2 1 
ATOM   140  N N   . GLY A 1 18  ? 14.858  7.005   -12.894 1.00 34.87 ? 123 GLY A N   1 
ATOM   141  C CA  . GLY A 1 18  ? 15.063  6.830   -11.460 1.00 30.65 ? 123 GLY A CA  1 
ATOM   142  C C   . GLY A 1 18  ? 14.239  7.567   -10.427 1.00 30.16 ? 123 GLY A C   1 
ATOM   143  O O   . GLY A 1 18  ? 14.670  7.640   -9.282  1.00 32.19 ? 123 GLY A O   1 
ATOM   144  N N   . ASP A 1 19  ? 13.150  8.220   -10.830 1.00 29.07 ? 124 ASP A N   1 
ATOM   145  C CA  . ASP A 1 19  ? 12.262  8.919   -9.893  1.00 27.28 ? 124 ASP A CA  1 
ATOM   146  C C   . ASP A 1 19  ? 11.438  7.888   -9.159  1.00 24.06 ? 124 ASP A C   1 
ATOM   147  O O   . ASP A 1 19  ? 10.942  6.968   -9.792  1.00 24.70 ? 124 ASP A O   1 
ATOM   148  C CB  . ASP A 1 19  ? 11.220  9.758   -10.634 1.00 33.48 ? 124 ASP A CB  1 
ATOM   149  C CG  . ASP A 1 19  ? 11.791  10.951  -11.330 1.00 37.81 ? 124 ASP A CG  1 
ATOM   150  O OD1 . ASP A 1 19  ? 12.513  11.746  -10.680 1.00 38.31 ? 124 ASP A OD1 1 
ATOM   151  O OD2 . ASP A 1 19  ? 11.453  11.119  -12.527 1.00 42.26 ? 124 ASP A OD2 1 
ATOM   152  N N   . VAL A 1 20  ? 11.187  8.095   -7.871  1.00 20.68 ? 125 VAL A N   1 
ATOM   153  C CA  . VAL A 1 20  ? 10.350  7.158   -7.121  1.00 23.29 ? 125 VAL A CA  1 
ATOM   154  C C   . VAL A 1 20  ? 8.909   7.490   -7.489  1.00 24.82 ? 125 VAL A C   1 
ATOM   155  O O   . VAL A 1 20  ? 8.437   8.597   -7.259  1.00 26.66 ? 125 VAL A O   1 
ATOM   156  C CB  . VAL A 1 20  ? 10.550  7.251   -5.591  1.00 22.15 ? 125 VAL A CB  1 
ATOM   157  C CG1 . VAL A 1 20  ? 9.529   6.406   -4.871  1.00 18.37 ? 125 VAL A CG1 1 
ATOM   158  C CG2 . VAL A 1 20  ? 11.948  6.799   -5.220  1.00 22.40 ? 125 VAL A CG2 1 
ATOM   159  N N   . ILE A 1 21  ? 8.237   6.521   -8.104  1.00 25.29 ? 126 ILE A N   1 
ATOM   160  C CA  . ILE A 1 21  ? 6.867   6.689   -8.565  1.00 23.75 ? 126 ILE A CA  1 
ATOM   161  C C   . ILE A 1 21  ? 5.851   5.847   -7.782  1.00 22.40 ? 126 ILE A C   1 
ATOM   162  O O   . ILE A 1 21  ? 4.649   5.902   -8.041  1.00 22.89 ? 126 ILE A O   1 
ATOM   163  C CB  . ILE A 1 21  ? 6.788   6.370   -10.075 1.00 23.99 ? 126 ILE A CB  1 
ATOM   164  C CG1 . ILE A 1 21  ? 7.115   4.888   -10.325 1.00 26.94 ? 126 ILE A CG1 1 
ATOM   165  C CG2 . ILE A 1 21  ? 7.740   7.290   -10.837 1.00 24.74 ? 126 ILE A CG2 1 
ATOM   166  C CD1 . ILE A 1 21  ? 7.022   4.425   -11.794 1.00 21.12 ? 126 ILE A CD1 1 
ATOM   167  N N   . GLY A 1 22  ? 6.340   5.126   -6.782  1.00 20.81 ? 127 GLY A N   1 
ATOM   168  C CA  . GLY A 1 22  ? 5.482   4.284   -5.974  1.00 18.15 ? 127 GLY A CA  1 
ATOM   169  C C   . GLY A 1 22  ? 6.264   3.405   -5.021  1.00 15.94 ? 127 GLY A C   1 
ATOM   170  O O   . GLY A 1 22  ? 7.491   3.561   -4.846  1.00 15.92 ? 127 GLY A O   1 
ATOM   171  N N   . HIS A 1 23  ? 5.556   2.439   -4.438  1.00 14.42 ? 128 HIS A N   1 
ATOM   172  C CA  . HIS A 1 23  ? 6.142   1.531   -3.458  1.00 15.16 ? 128 HIS A CA  1 
ATOM   173  C C   . HIS A 1 23  ? 5.671   0.097   -3.573  1.00 16.34 ? 128 HIS A C   1 
ATOM   174  O O   . HIS A 1 23  ? 4.601   -0.176  -4.099  1.00 20.00 ? 128 HIS A O   1 
ATOM   175  C CB  . HIS A 1 23  ? 5.872   2.054   -2.043  1.00 12.40 ? 128 HIS A CB  1 
ATOM   176  C CG  . HIS A 1 23  ? 6.562   3.342   -1.755  1.00 14.96 ? 128 HIS A CG  1 
ATOM   177  N ND1 . HIS A 1 23  ? 5.993   4.567   -2.031  1.00 14.70 ? 128 HIS A ND1 1 
ATOM   178  C CD2 . HIS A 1 23  ? 7.825   3.597   -1.339  1.00 18.89 ? 128 HIS A CD2 1 
ATOM   179  C CE1 . HIS A 1 23  ? 6.878   5.519   -1.813  1.00 16.24 ? 128 HIS A CE1 1 
ATOM   180  N NE2 . HIS A 1 23  ? 7.997   4.959   -1.391  1.00 20.80 ? 128 HIS A NE2 1 
ATOM   181  N N   . ALA A 1 24  ? 6.506   -0.818  -3.102  1.00 15.05 ? 129 ALA A N   1 
ATOM   182  C CA  . ALA A 1 24  ? 6.202   -2.233  -3.117  1.00 16.60 ? 129 ALA A CA  1 
ATOM   183  C C   . ALA A 1 24  ? 6.334   -2.729  -1.672  1.00 17.29 ? 129 ALA A C   1 
ATOM   184  O O   . ALA A 1 24  ? 7.044   -2.114  -0.865  1.00 17.01 ? 129 ALA A O   1 
ATOM   185  C CB  . ALA A 1 24  ? 7.172   -2.976  -4.067  1.00 14.48 ? 129 ALA A CB  1 
ATOM   186  N N   . LEU A 1 25  ? 5.635   -3.807  -1.315  1.00 17.76 ? 130 LEU A N   1 
ATOM   187  C CA  . LEU A 1 25  ? 5.754   -4.260  0.048   1.00 19.18 ? 130 LEU A CA  1 
ATOM   188  C C   . LEU A 1 25  ? 5.748   -5.751  0.322   1.00 17.57 ? 130 LEU A C   1 
ATOM   189  O O   . LEU A 1 25  ? 5.115   -6.511  -0.379  1.00 18.27 ? 130 LEU A O   1 
ATOM   190  C CB  . LEU A 1 25  ? 4.751   -3.518  0.940   1.00 21.42 ? 130 LEU A CB  1 
ATOM   191  C CG  . LEU A 1 25  ? 3.248   -3.713  0.802   1.00 22.83 ? 130 LEU A CG  1 
ATOM   192  C CD1 . LEU A 1 25  ? 2.854   -5.094  1.232   1.00 29.48 ? 130 LEU A CD1 1 
ATOM   193  C CD2 . LEU A 1 25  ? 2.551   -2.735  1.699   1.00 24.18 ? 130 LEU A CD2 1 
ATOM   194  N N   . ALA A 1 26  ? 6.485   -6.136  1.366   1.00 17.58 ? 131 ALA A N   1 
ATOM   195  C CA  . ALA A 1 26  ? 6.603   -7.512  1.810   1.00 13.95 ? 131 ALA A CA  1 
ATOM   196  C C   . ALA A 1 26  ? 5.502   -7.722  2.826   1.00 16.00 ? 131 ALA A C   1 
ATOM   197  O O   . ALA A 1 26  ? 5.501   -7.107  3.895   1.00 19.53 ? 131 ALA A O   1 
ATOM   198  C CB  . ALA A 1 26  ? 7.963   -7.746  2.449   1.00 10.79 ? 131 ALA A CB  1 
ATOM   199  N N   . MET A 1 27  ? 4.574   -8.606  2.511   1.00 17.87 ? 132 MET A N   1 
ATOM   200  C CA  . MET A 1 27  ? 3.451   -8.856  3.393   1.00 18.13 ? 132 MET A CA  1 
ATOM   201  C C   . MET A 1 27  ? 2.811   -10.184 3.070   1.00 18.39 ? 132 MET A C   1 
ATOM   202  O O   . MET A 1 27  ? 2.564   -10.487 1.910   1.00 17.67 ? 132 MET A O   1 
ATOM   203  C CB  . MET A 1 27  ? 2.414   -7.729  3.253   1.00 16.67 ? 132 MET A CB  1 
ATOM   204  C CG  . MET A 1 27  ? 1.098   -8.009  3.924   1.00 15.53 ? 132 MET A CG  1 
ATOM   205  S SD  . MET A 1 27  ? 0.104   -6.548  4.033   1.00 20.84 ? 132 MET A SD  1 
ATOM   206  C CE  . MET A 1 27  ? -0.863  -6.586  2.492   1.00 20.46 ? 132 MET A CE  1 
ATOM   207  N N   . GLU A 1 28  ? 2.514   -10.933 4.127   1.00 19.15 ? 133 GLU A N   1 
ATOM   208  C CA  . GLU A 1 28  ? 1.892   -12.244 4.069   1.00 23.18 ? 133 GLU A CA  1 
ATOM   209  C C   . GLU A 1 28  ? 2.524   -13.216 3.055   1.00 22.85 ? 133 GLU A C   1 
ATOM   210  O O   . GLU A 1 28  ? 1.848   -14.001 2.380   1.00 25.04 ? 133 GLU A O   1 
ATOM   211  C CB  . GLU A 1 28  ? 0.361   -12.132 3.953   1.00 24.57 ? 133 GLU A CB  1 
ATOM   212  C CG  . GLU A 1 28  ? -0.340  -11.435 5.160   1.00 28.62 ? 133 GLU A CG  1 
ATOM   213  C CD  . GLU A 1 28  ? -0.278  -12.197 6.533   1.00 35.28 ? 133 GLU A CD  1 
ATOM   214  O OE1 . GLU A 1 28  ? 0.580   -13.084 6.762   1.00 37.60 ? 133 GLU A OE1 1 
ATOM   215  O OE2 . GLU A 1 28  ? -1.097  -11.872 7.417   1.00 34.87 ? 133 GLU A OE2 1 
ATOM   216  N N   . GLY A 1 29  ? 3.853   -13.156 3.013   1.00 25.36 ? 134 GLY A N   1 
ATOM   217  C CA  . GLY A 1 29  ? 4.651   -14.015 2.163   1.00 23.53 ? 134 GLY A CA  1 
ATOM   218  C C   . GLY A 1 29  ? 4.855   -13.582 0.741   1.00 24.57 ? 134 GLY A C   1 
ATOM   219  O O   . GLY A 1 29  ? 5.493   -14.309 -0.009  1.00 22.92 ? 134 GLY A O   1 
ATOM   220  N N   . LYS A 1 30  ? 4.359   -12.399 0.379   1.00 24.91 ? 135 LYS A N   1 
ATOM   221  C CA  . LYS A 1 30  ? 4.472   -11.895 -0.996  1.00 21.61 ? 135 LYS A CA  1 
ATOM   222  C C   . LYS A 1 30  ? 5.042   -10.499 -1.105  1.00 21.18 ? 135 LYS A C   1 
ATOM   223  O O   . LYS A 1 30  ? 5.042   -9.741  -0.138  1.00 22.94 ? 135 LYS A O   1 
ATOM   224  C CB  . LYS A 1 30  ? 3.091   -11.871 -1.638  1.00 25.32 ? 135 LYS A CB  1 
ATOM   225  C CG  . LYS A 1 30  ? 2.399   -13.209 -1.613  1.00 31.34 ? 135 LYS A CG  1 
ATOM   226  C CD  . LYS A 1 30  ? 0.939   -13.118 -1.992  1.00 38.37 ? 135 LYS A CD  1 
ATOM   227  C CE  . LYS A 1 30  ? 0.327   -14.528 -1.948  1.00 45.29 ? 135 LYS A CE  1 
ATOM   228  N NZ  . LYS A 1 30  ? -1.164  -14.560 -1.770  1.00 49.88 ? 135 LYS A NZ  1 
ATOM   229  N N   . VAL A 1 31  ? 5.580   -10.175 -2.270  1.00 20.65 ? 136 VAL A N   1 
ATOM   230  C CA  . VAL A 1 31  ? 6.066   -8.825  -2.521  1.00 23.00 ? 136 VAL A CA  1 
ATOM   231  C C   . VAL A 1 31  ? 4.973   -8.308  -3.438  1.00 21.52 ? 136 VAL A C   1 
ATOM   232  O O   . VAL A 1 31  ? 4.767   -8.866  -4.496  1.00 24.87 ? 136 VAL A O   1 
ATOM   233  C CB  . VAL A 1 31  ? 7.319   -8.764  -3.375  1.00 24.91 ? 136 VAL A CB  1 
ATOM   234  C CG1 . VAL A 1 31  ? 8.015   -7.457  -3.118  1.00 24.20 ? 136 VAL A CG1 1 
ATOM   235  C CG2 . VAL A 1 31  ? 8.201   -9.966  -3.141  1.00 31.16 ? 136 VAL A CG2 1 
ATOM   236  N N   . MET A 1 32  ? 4.273   -7.254  -3.050  1.00 20.52 ? 137 MET A N   1 
ATOM   237  C CA  . MET A 1 32  ? 3.209   -6.730  -3.888  1.00 17.81 ? 137 MET A CA  1 
ATOM   238  C C   . MET A 1 32  ? 3.334   -5.246  -4.184  1.00 17.04 ? 137 MET A C   1 
ATOM   239  O O   . MET A 1 32  ? 3.890   -4.462  -3.406  1.00 17.71 ? 137 MET A O   1 
ATOM   240  C CB  . MET A 1 32  ? 1.834   -7.092  -3.307  1.00 18.52 ? 137 MET A CB  1 
ATOM   241  C CG  . MET A 1 32  ? 1.626   -6.731  -1.848  1.00 25.68 ? 137 MET A CG  1 
ATOM   242  S SD  . MET A 1 32  ? 0.181   -7.517  -1.109  1.00 30.88 ? 137 MET A SD  1 
ATOM   243  C CE  . MET A 1 32  ? 0.801   -9.078  -0.708  1.00 28.53 ? 137 MET A CE  1 
ATOM   244  N N   . LYS A 1 33  ? 2.861   -4.869  -5.359  1.00 18.36 ? 138 LYS A N   1 
ATOM   245  C CA  . LYS A 1 33  ? 2.918   -3.480  -5.784  1.00 18.98 ? 138 LYS A CA  1 
ATOM   246  C C   . LYS A 1 33  ? 1.776   -3.209  -6.733  1.00 18.01 ? 138 LYS A C   1 
ATOM   247  O O   . LYS A 1 33  ? 1.314   -4.111  -7.419  1.00 19.05 ? 138 LYS A O   1 
ATOM   248  C CB  . LYS A 1 33  ? 4.247   -3.183  -6.514  1.00 17.50 ? 138 LYS A CB  1 
ATOM   249  C CG  . LYS A 1 33  ? 4.415   -3.949  -7.831  1.00 17.99 ? 138 LYS A CG  1 
ATOM   250  C CD  . LYS A 1 33  ? 5.545   -3.381  -8.647  1.00 14.56 ? 138 LYS A CD  1 
ATOM   251  C CE  . LYS A 1 33  ? 5.127   -2.126  -9.325  1.00 16.35 ? 138 LYS A CE  1 
ATOM   252  N NZ  . LYS A 1 33  ? 4.170   -2.429  -10.408 1.00 17.61 ? 138 LYS A NZ  1 
ATOM   253  N N   . PRO A 1 34  ? 1.299   -1.957  -6.775  1.00 20.25 ? 139 PRO A N   1 
ATOM   254  C CA  . PRO A 1 34  ? 0.202   -1.611  -7.683  1.00 21.16 ? 139 PRO A CA  1 
ATOM   255  C C   . PRO A 1 34  ? 0.652   -1.910  -9.114  1.00 21.34 ? 139 PRO A C   1 
ATOM   256  O O   . PRO A 1 34  ? 1.819   -1.684  -9.475  1.00 22.12 ? 139 PRO A O   1 
ATOM   257  C CB  . PRO A 1 34  ? 0.043   -0.108  -7.447  1.00 21.06 ? 139 PRO A CB  1 
ATOM   258  C CG  . PRO A 1 34  ? 0.377   0.023   -6.006  1.00 17.65 ? 139 PRO A CG  1 
ATOM   259  C CD  . PRO A 1 34  ? 1.621   -0.818  -5.897  1.00 19.02 ? 139 PRO A CD  1 
ATOM   260  N N   . LEU A 1 35  ? -0.257  -2.454  -9.913  1.00 18.88 ? 140 LEU A N   1 
ATOM   261  C CA  . LEU A 1 35  ? 0.056   -2.799  -11.293 1.00 19.56 ? 140 LEU A CA  1 
ATOM   262  C C   . LEU A 1 35  ? 0.235   -1.544  -12.164 1.00 19.49 ? 140 LEU A C   1 
ATOM   263  O O   . LEU A 1 35  ? 1.162   -1.476  -12.969 1.00 18.19 ? 140 LEU A O   1 
ATOM   264  C CB  . LEU A 1 35  ? -1.037  -3.734  -11.832 1.00 20.76 ? 140 LEU A CB  1 
ATOM   265  C CG  . LEU A 1 35  ? -1.146  -4.263  -13.266 1.00 22.17 ? 140 LEU A CG  1 
ATOM   266  C CD1 . LEU A 1 35  ? -0.044  -5.260  -13.594 1.00 22.69 ? 140 LEU A CD1 1 
ATOM   267  C CD2 . LEU A 1 35  ? -2.509  -4.920  -13.386 1.00 23.37 ? 140 LEU A CD2 1 
ATOM   268  N N   . HIS A 1 36  ? -0.592  -0.519  -11.927 1.00 20.58 ? 141 HIS A N   1 
ATOM   269  C CA  . HIS A 1 36  ? -0.509  0.736   -12.686 1.00 17.92 ? 141 HIS A CA  1 
ATOM   270  C C   . HIS A 1 36  ? 0.836   1.447   -12.574 1.00 17.84 ? 141 HIS A C   1 
ATOM   271  O O   . HIS A 1 36  ? 1.131   2.328   -13.377 1.00 23.43 ? 141 HIS A O   1 
ATOM   272  C CB  . HIS A 1 36  ? -1.667  1.691   -12.322 1.00 14.07 ? 141 HIS A CB  1 
ATOM   273  C CG  . HIS A 1 36  ? -1.486  2.460   -11.042 1.00 16.45 ? 141 HIS A CG  1 
ATOM   274  N ND1 . HIS A 1 36  ? -2.124  2.108   -9.869  1.00 19.81 ? 141 HIS A ND1 1 
ATOM   275  C CD2 . HIS A 1 36  ? -0.842  3.626   -10.778 1.00 12.63 ? 141 HIS A CD2 1 
ATOM   276  C CE1 . HIS A 1 36  ? -1.892  3.024   -8.944  1.00 17.71 ? 141 HIS A CE1 1 
ATOM   277  N NE2 . HIS A 1 36  ? -1.115  3.955   -9.470  1.00 15.66 ? 141 HIS A NE2 1 
ATOM   278  N N   . VAL A 1 37  ? 1.648   1.074   -11.579 1.00 20.11 ? 142 VAL A N   1 
ATOM   279  C CA  . VAL A 1 37  ? 2.975   1.686   -11.378 1.00 20.32 ? 142 VAL A CA  1 
ATOM   280  C C   . VAL A 1 37  ? 4.023   0.952   -12.235 1.00 23.35 ? 142 VAL A C   1 
ATOM   281  O O   . VAL A 1 37  ? 4.453   -0.157  -11.918 1.00 21.32 ? 142 VAL A O   1 
ATOM   282  C CB  . VAL A 1 37  ? 3.410   1.674   -9.877  1.00 21.68 ? 142 VAL A CB  1 
ATOM   283  C CG1 . VAL A 1 37  ? 4.698   2.485   -9.702  1.00 19.89 ? 142 VAL A CG1 1 
ATOM   284  C CG2 . VAL A 1 37  ? 2.286   2.237   -8.968  1.00 15.58 ? 142 VAL A CG2 1 
ATOM   285  N N   . LYS A 1 38  ? 4.413   1.586   -13.333 1.00 25.64 ? 143 LYS A N   1 
ATOM   286  C CA  . LYS A 1 38  ? 5.360   0.997   -14.259 1.00 27.71 ? 143 LYS A CA  1 
ATOM   287  C C   . LYS A 1 38  ? 6.755   1.518   -14.042 1.00 29.40 ? 143 LYS A C   1 
ATOM   288  O O   . LYS A 1 38  ? 7.118   2.624   -14.479 1.00 31.71 ? 143 LYS A O   1 
ATOM   289  C CB  . LYS A 1 38  ? 4.900   1.226   -15.696 1.00 30.52 ? 143 LYS A CB  1 
ATOM   290  C CG  . LYS A 1 38  ? 3.447   0.784   -15.945 1.00 34.98 ? 143 LYS A CG  1 
ATOM   291  C CD  . LYS A 1 38  ? 3.255   -0.698  -15.586 1.00 38.52 ? 143 LYS A CD  1 
ATOM   292  C CE  . LYS A 1 38  ? 1.835   -1.180  -15.842 1.00 40.80 ? 143 LYS A CE  1 
ATOM   293  N NZ  . LYS A 1 38  ? 1.719   -2.671  -15.784 1.00 44.94 ? 143 LYS A NZ  1 
ATOM   294  N N   . GLY A 1 39  ? 7.517   0.715   -13.307 1.00 30.16 ? 144 GLY A N   1 
ATOM   295  C CA  . GLY A 1 39  ? 8.894   1.025   -12.991 1.00 29.19 ? 144 GLY A CA  1 
ATOM   296  C C   . GLY A 1 39  ? 9.500   -0.259  -12.476 1.00 30.81 ? 144 GLY A C   1 
ATOM   297  O O   . GLY A 1 39  ? 8.872   -1.322  -12.550 1.00 28.65 ? 144 GLY A O   1 
ATOM   298  N N   . THR A 1 40  ? 10.707  -0.174  -11.927 1.00 32.01 ? 145 THR A N   1 
ATOM   299  C CA  . THR A 1 40  ? 11.363  -1.363  -11.398 1.00 31.67 ? 145 THR A CA  1 
ATOM   300  C C   . THR A 1 40  ? 11.492  -1.288  -9.895  1.00 27.65 ? 145 THR A C   1 
ATOM   301  O O   . THR A 1 40  ? 11.645  -0.200  -9.336  1.00 25.68 ? 145 THR A O   1 
ATOM   302  C CB  . THR A 1 40  ? 12.785  -1.531  -11.955 1.00 31.96 ? 145 THR A CB  1 
ATOM   303  O OG1 . THR A 1 40  ? 12.833  -1.071  -13.309 1.00 38.23 ? 145 THR A OG1 1 
ATOM   304  C CG2 . THR A 1 40  ? 13.164  -2.991  -11.937 1.00 33.65 ? 145 THR A CG2 1 
ATOM   305  N N   . ILE A 1 41  ? 11.406  -2.443  -9.239  1.00 26.07 ? 146 ILE A N   1 
ATOM   306  C CA  . ILE A 1 41  ? 11.592  -2.478  -7.792  1.00 24.59 ? 146 ILE A CA  1 
ATOM   307  C C   . ILE A 1 41  ? 13.089  -2.286  -7.497  1.00 26.17 ? 146 ILE A C   1 
ATOM   308  O O   . ILE A 1 41  ? 13.935  -3.018  -8.009  1.00 28.79 ? 146 ILE A O   1 
ATOM   309  C CB  . ILE A 1 41  ? 11.101  -3.797  -7.170  1.00 19.71 ? 146 ILE A CB  1 
ATOM   310  C CG1 . ILE A 1 41  ? 9.600   -3.920  -7.365  1.00 17.12 ? 146 ILE A CG1 1 
ATOM   311  C CG2 . ILE A 1 41  ? 11.355  -3.802  -5.675  1.00 23.37 ? 146 ILE A CG2 1 
ATOM   312  C CD1 . ILE A 1 41  ? 9.018   -5.070  -6.607  1.00 17.82 ? 146 ILE A CD1 1 
ATOM   313  N N   . ASP A 1 42  ? 13.402  -1.252  -6.729  1.00 26.53 ? 147 ASP A N   1 
ATOM   314  C CA  . ASP A 1 42  ? 14.769  -0.925  -6.341  1.00 24.74 ? 147 ASP A CA  1 
ATOM   315  C C   . ASP A 1 42  ? 15.313  -1.931  -5.333  1.00 22.92 ? 147 ASP A C   1 
ATOM   316  O O   . ASP A 1 42  ? 15.529  -1.606  -4.168  1.00 20.18 ? 147 ASP A O   1 
ATOM   317  C CB  . ASP A 1 42  ? 14.786  0.478   -5.729  1.00 28.59 ? 147 ASP A CB  1 
ATOM   318  C CG  . ASP A 1 42  ? 16.185  1.043   -5.578  1.00 31.43 ? 147 ASP A CG  1 
ATOM   319  O OD1 . ASP A 1 42  ? 17.131  0.470   -6.134  1.00 34.14 ? 147 ASP A OD1 1 
ATOM   320  O OD2 . ASP A 1 42  ? 16.330  2.081   -4.911  1.00 38.05 ? 147 ASP A OD2 1 
ATOM   321  N N   . HIS A 1 43  ? 15.537  -3.155  -5.789  1.00 21.59 ? 148 HIS A N   1 
ATOM   322  C CA  . HIS A 1 43  ? 16.053  -4.206  -4.924  1.00 21.07 ? 148 HIS A CA  1 
ATOM   323  C C   . HIS A 1 43  ? 16.656  -5.288  -5.805  1.00 21.51 ? 148 HIS A C   1 
ATOM   324  O O   . HIS A 1 43  ? 15.966  -5.837  -6.666  1.00 23.87 ? 148 HIS A O   1 
ATOM   325  C CB  . HIS A 1 43  ? 14.940  -4.779  -4.066  1.00 19.15 ? 148 HIS A CB  1 
ATOM   326  C CG  . HIS A 1 43  ? 15.434  -5.599  -2.924  1.00 18.66 ? 148 HIS A CG  1 
ATOM   327  N ND1 . HIS A 1 43  ? 16.224  -6.712  -3.097  1.00 20.42 ? 148 HIS A ND1 1 
ATOM   328  C CD2 . HIS A 1 43  ? 15.294  -5.446  -1.590  1.00 19.83 ? 148 HIS A CD2 1 
ATOM   329  C CE1 . HIS A 1 43  ? 16.557  -7.205  -1.922  1.00 15.88 ? 148 HIS A CE1 1 
ATOM   330  N NE2 . HIS A 1 43  ? 16.007  -6.454  -0.991  1.00 19.65 ? 148 HIS A NE2 1 
ATOM   331  N N   . PRO A 1 44  ? 17.948  -5.624  -5.582  1.00 22.21 ? 149 PRO A N   1 
ATOM   332  C CA  . PRO A 1 44  ? 18.725  -6.626  -6.323  1.00 21.61 ? 149 PRO A CA  1 
ATOM   333  C C   . PRO A 1 44  ? 18.132  -8.008  -6.405  1.00 20.78 ? 149 PRO A C   1 
ATOM   334  O O   . PRO A 1 44  ? 18.390  -8.733  -7.361  1.00 19.82 ? 149 PRO A O   1 
ATOM   335  C CB  . PRO A 1 44  ? 20.066  -6.625  -5.601  1.00 22.31 ? 149 PRO A CB  1 
ATOM   336  C CG  . PRO A 1 44  ? 19.696  -6.219  -4.209  1.00 26.56 ? 149 PRO A CG  1 
ATOM   337  C CD  . PRO A 1 44  ? 18.766  -5.074  -4.490  1.00 24.49 ? 149 PRO A CD  1 
ATOM   338  N N   . VAL A 1 45  ? 17.344  -8.381  -5.410  1.00 19.80 ? 150 VAL A N   1 
ATOM   339  C CA  . VAL A 1 45  ? 16.725  -9.690  -5.426  1.00 20.93 ? 150 VAL A CA  1 
ATOM   340  C C   . VAL A 1 45  ? 15.277  -9.598  -5.924  1.00 23.44 ? 150 VAL A C   1 
ATOM   341  O O   . VAL A 1 45  ? 14.886  -10.279 -6.867  1.00 27.24 ? 150 VAL A O   1 
ATOM   342  C CB  . VAL A 1 45  ? 16.752  -10.319 -4.016  1.00 21.50 ? 150 VAL A CB  1 
ATOM   343  C CG1 . VAL A 1 45  ? 16.067  -11.669 -4.040  1.00 20.80 ? 150 VAL A CG1 1 
ATOM   344  C CG2 . VAL A 1 45  ? 18.200  -10.416 -3.488  1.00 15.31 ? 150 VAL A CG2 1 
ATOM   345  N N   . LEU A 1 46  ? 14.499  -8.709  -5.316  1.00 22.96 ? 151 LEU A N   1 
ATOM   346  C CA  . LEU A 1 46  ? 13.099  -8.547  -5.673  1.00 20.09 ? 151 LEU A CA  1 
ATOM   347  C C   . LEU A 1 46  ? 12.807  -8.187  -7.132  1.00 19.93 ? 151 LEU A C   1 
ATOM   348  O O   . LEU A 1 46  ? 11.808  -8.631  -7.707  1.00 20.18 ? 151 LEU A O   1 
ATOM   349  C CB  . LEU A 1 46  ? 12.441  -7.554  -4.719  1.00 19.59 ? 151 LEU A CB  1 
ATOM   350  C CG  . LEU A 1 46  ? 12.515  -7.931  -3.237  1.00 18.35 ? 151 LEU A CG  1 
ATOM   351  C CD1 . LEU A 1 46  ? 11.656  -6.972  -2.487  1.00 15.82 ? 151 LEU A CD1 1 
ATOM   352  C CD2 . LEU A 1 46  ? 12.054  -9.368  -2.992  1.00 15.50 ? 151 LEU A CD2 1 
ATOM   353  N N   . SER A 1 47  ? 13.695  -7.414  -7.740  1.00 19.88 ? 152 SER A N   1 
ATOM   354  C CA  . SER A 1 47  ? 13.509  -7.012  -9.122  1.00 19.68 ? 152 SER A CA  1 
ATOM   355  C C   . SER A 1 47  ? 13.701  -8.165  -10.119 1.00 21.03 ? 152 SER A C   1 
ATOM   356  O O   . SER A 1 47  ? 13.344  -8.045  -11.281 1.00 24.01 ? 152 SER A O   1 
ATOM   357  C CB  . SER A 1 47  ? 14.417  -5.828  -9.469  1.00 14.91 ? 152 SER A CB  1 
ATOM   358  O OG  . SER A 1 47  ? 15.786  -6.174  -9.392  1.00 20.92 ? 152 SER A OG  1 
ATOM   359  N N   . LYS A 1 48  ? 14.226  -9.295  -9.668  1.00 19.91 ? 153 LYS A N   1 
ATOM   360  C CA  . LYS A 1 48  ? 14.435  -10.399 -10.579 1.00 21.08 ? 153 LYS A CA  1 
ATOM   361  C C   . LYS A 1 48  ? 13.385  -11.483 -10.444 1.00 25.55 ? 153 LYS A C   1 
ATOM   362  O O   . LYS A 1 48  ? 13.454  -12.505 -11.114 1.00 30.30 ? 153 LYS A O   1 
ATOM   363  C CB  . LYS A 1 48  ? 15.810  -10.999 -10.350 1.00 18.90 ? 153 LYS A CB  1 
ATOM   364  C CG  . LYS A 1 48  ? 16.908  -9.994  -10.442 1.00 20.53 ? 153 LYS A CG  1 
ATOM   365  C CD  . LYS A 1 48  ? 18.083  -10.530 -11.216 1.00 21.33 ? 153 LYS A CD  1 
ATOM   366  C CE  . LYS A 1 48  ? 17.943  -10.273 -12.692 1.00 20.94 ? 153 LYS A CE  1 
ATOM   367  N NZ  . LYS A 1 48  ? 19.045  -10.896 -13.442 1.00 19.55 ? 153 LYS A NZ  1 
ATOM   368  N N   . LEU A 1 49  ? 12.413  -11.281 -9.568  1.00 29.51 ? 154 LEU A N   1 
ATOM   369  C CA  . LEU A 1 49  ? 11.397  -12.300 -9.371  1.00 28.24 ? 154 LEU A CA  1 
ATOM   370  C C   . LEU A 1 49  ? 10.371  -12.217 -10.469 1.00 31.31 ? 154 LEU A C   1 
ATOM   371  O O   . LEU A 1 49  ? 10.216  -11.188 -11.127 1.00 30.96 ? 154 LEU A O   1 
ATOM   372  C CB  . LEU A 1 49  ? 10.705  -12.137 -8.015  1.00 29.15 ? 154 LEU A CB  1 
ATOM   373  C CG  . LEU A 1 49  ? 11.507  -12.062 -6.709  1.00 28.90 ? 154 LEU A CG  1 
ATOM   374  C CD1 . LEU A 1 49  ? 10.520  -11.867 -5.588  1.00 27.17 ? 154 LEU A CD1 1 
ATOM   375  C CD2 . LEU A 1 49  ? 12.351  -13.307 -6.470  1.00 23.99 ? 154 LEU A CD2 1 
ATOM   376  N N   . LYS A 1 50  ? 9.662   -13.321 -10.649 1.00 35.94 ? 155 LYS A N   1 
ATOM   377  C CA  . LYS A 1 50  ? 8.609   -13.452 -11.654 1.00 37.72 ? 155 LYS A CA  1 
ATOM   378  C C   . LYS A 1 50  ? 7.287   -12.954 -11.021 1.00 32.53 ? 155 LYS A C   1 
ATOM   379  O O   . LYS A 1 50  ? 6.769   -13.572 -10.084 1.00 32.66 ? 155 LYS A O   1 
ATOM   380  C CB  . LYS A 1 50  ? 8.532   -14.938 -12.029 1.00 43.06 ? 155 LYS A CB  1 
ATOM   381  C CG  . LYS A 1 50  ? 7.671   -15.306 -13.216 1.00 51.44 ? 155 LYS A CG  1 
ATOM   382  C CD  . LYS A 1 50  ? 7.425   -16.833 -13.239 1.00 57.83 ? 155 LYS A CD  1 
ATOM   383  C CE  . LYS A 1 50  ? 8.731   -17.682 -13.263 1.00 59.97 ? 155 LYS A CE  1 
ATOM   384  N NZ  . LYS A 1 50  ? 9.323   -18.007 -11.921 1.00 60.65 ? 155 LYS A NZ  1 
ATOM   385  N N   . PHE A 1 51  ? 6.756   -11.839 -11.520 1.00 28.84 ? 156 PHE A N   1 
ATOM   386  C CA  . PHE A 1 51  ? 5.526   -11.260 -10.965 1.00 26.15 ? 156 PHE A CA  1 
ATOM   387  C C   . PHE A 1 51  ? 4.227   -11.654 -11.637 1.00 25.85 ? 156 PHE A C   1 
ATOM   388  O O   . PHE A 1 51  ? 4.153   -11.648 -12.836 1.00 31.09 ? 156 PHE A O   1 
ATOM   389  C CB  . PHE A 1 51  ? 5.609   -9.731  -10.940 1.00 24.78 ? 156 PHE A CB  1 
ATOM   390  C CG  . PHE A 1 51  ? 6.406   -9.180  -9.780  1.00 23.72 ? 156 PHE A CG  1 
ATOM   391  C CD1 . PHE A 1 51  ? 7.799   -9.192  -9.802  1.00 22.28 ? 156 PHE A CD1 1 
ATOM   392  C CD2 . PHE A 1 51  ? 5.761   -8.660  -8.661  1.00 22.69 ? 156 PHE A CD2 1 
ATOM   393  C CE1 . PHE A 1 51  ? 8.533   -8.695  -8.724  1.00 20.79 ? 156 PHE A CE1 1 
ATOM   394  C CE2 . PHE A 1 51  ? 6.491   -8.163  -7.580  1.00 18.44 ? 156 PHE A CE2 1 
ATOM   395  C CZ  . PHE A 1 51  ? 7.870   -8.181  -7.616  1.00 19.96 ? 156 PHE A CZ  1 
ATOM   396  N N   . THR A 1 52  ? 3.216   -12.017 -10.848 1.00 24.76 ? 157 THR A N   1 
ATOM   397  C CA  . THR A 1 52  ? 1.900   -12.368 -11.343 1.00 23.18 ? 157 THR A CA  1 
ATOM   398  C C   . THR A 1 52  ? 1.035   -11.142 -11.254 1.00 25.32 ? 157 THR A C   1 
ATOM   399  O O   . THR A 1 52  ? 1.017   -10.471 -10.246 1.00 24.83 ? 157 THR A O   1 
ATOM   400  C CB  . THR A 1 52  ? 1.252   -13.408 -10.501 1.00 24.89 ? 157 THR A CB  1 
ATOM   401  O OG1 . THR A 1 52  ? 2.026   -14.598 -10.566 1.00 31.80 ? 157 THR A OG1 1 
ATOM   402  C CG2 . THR A 1 52  ? -0.130  -13.693 -11.024 1.00 26.71 ? 157 THR A CG2 1 
ATOM   403  N N   . LYS A 1 53  ? 0.206   -10.941 -12.257 1.00 28.16 ? 158 LYS A N   1 
ATOM   404  C CA  . LYS A 1 53  ? -0.628  -9.765  -12.334 1.00 28.23 ? 158 LYS A CA  1 
ATOM   405  C C   . LYS A 1 53  ? -2.065  -10.031 -11.964 1.00 28.65 ? 158 LYS A C   1 
ATOM   406  O O   . LYS A 1 53  ? -2.525  -11.172 -11.998 1.00 28.59 ? 158 LYS A O   1 
ATOM   407  C CB  . LYS A 1 53  ? -0.449  -9.191  -13.741 1.00 30.04 ? 158 LYS A CB  1 
ATOM   408  C CG  . LYS A 1 53  ? -1.492  -8.284  -14.316 1.00 40.51 ? 158 LYS A CG  1 
ATOM   409  C CD  . LYS A 1 53  ? -1.064  -7.993  -15.776 1.00 47.02 ? 158 LYS A CD  1 
ATOM   410  C CE  . LYS A 1 53  ? -1.981  -7.014  -16.510 1.00 50.56 ? 158 LYS A CE  1 
ATOM   411  N NZ  . LYS A 1 53  ? -1.199  -6.190  -17.502 1.00 50.16 ? 158 LYS A NZ  1 
ATOM   412  N N   . SER A 1 54  ? -2.730  -8.990  -11.480 1.00 27.91 ? 159 SER A N   1 
ATOM   413  C CA  . SER A 1 54  ? -4.134  -9.076  -11.095 1.00 28.48 ? 159 SER A CA  1 
ATOM   414  C C   . SER A 1 54  ? -4.786  -7.746  -11.448 1.00 29.43 ? 159 SER A C   1 
ATOM   415  O O   . SER A 1 54  ? -4.902  -6.830  -10.622 1.00 30.33 ? 159 SER A O   1 
ATOM   416  C CB  . SER A 1 54  ? -4.285  -9.384  -9.609  1.00 29.63 ? 159 SER A CB  1 
ATOM   417  O OG  . SER A 1 54  ? -5.656  -9.369  -9.260  1.00 30.07 ? 159 SER A OG  1 
ATOM   418  N N   . SER A 1 55  ? -5.212  -7.655  -12.700 1.00 28.95 ? 160 SER A N   1 
ATOM   419  C CA  . SER A 1 55  ? -5.808  -6.440  -13.224 1.00 29.85 ? 160 SER A CA  1 
ATOM   420  C C   . SER A 1 55  ? -7.091  -6.016  -12.545 1.00 27.56 ? 160 SER A C   1 
ATOM   421  O O   . SER A 1 55  ? -7.295  -4.829  -12.293 1.00 29.83 ? 160 SER A O   1 
ATOM   422  C CB  . SER A 1 55  ? -5.976  -6.579  -14.730 1.00 34.03 ? 160 SER A CB  1 
ATOM   423  O OG  . SER A 1 55  ? -4.765  -7.092  -15.288 1.00 40.16 ? 160 SER A OG  1 
ATOM   424  N N   . ALA A 1 56  ? -7.899  -6.989  -12.156 1.00 25.15 ? 161 ALA A N   1 
ATOM   425  C CA  . ALA A 1 56  ? -9.158  -6.726  -11.476 1.00 27.89 ? 161 ALA A CA  1 
ATOM   426  C C   . ALA A 1 56  ? -8.944  -5.914  -10.175 1.00 32.54 ? 161 ALA A C   1 
ATOM   427  O O   . ALA A 1 56  ? -9.839  -5.172  -9.730  1.00 38.46 ? 161 ALA A O   1 
ATOM   428  C CB  . ALA A 1 56  ? -9.854  -8.054  -11.154 1.00 21.41 ? 161 ALA A CB  1 
ATOM   429  N N   . TYR A 1 57  ? -7.748  -6.025  -9.594  1.00 32.12 ? 162 TYR A N   1 
ATOM   430  C CA  . TYR A 1 57  ? -7.448  -5.357  -8.337  1.00 28.69 ? 162 TYR A CA  1 
ATOM   431  C C   . TYR A 1 57  ? -6.244  -4.433  -8.336  1.00 27.60 ? 162 TYR A C   1 
ATOM   432  O O   . TYR A 1 57  ? -5.803  -4.020  -7.267  1.00 25.12 ? 162 TYR A O   1 
ATOM   433  C CB  . TYR A 1 57  ? -7.271  -6.412  -7.255  1.00 32.78 ? 162 TYR A CB  1 
ATOM   434  C CG  . TYR A 1 57  ? -8.471  -7.306  -7.107  1.00 34.20 ? 162 TYR A CG  1 
ATOM   435  C CD1 . TYR A 1 57  ? -9.639  -6.832  -6.511  1.00 36.90 ? 162 TYR A CD1 1 
ATOM   436  C CD2 . TYR A 1 57  ? -8.455  -8.608  -7.587  1.00 34.68 ? 162 TYR A CD2 1 
ATOM   437  C CE1 . TYR A 1 57  ? -10.767 -7.628  -6.390  1.00 39.51 ? 162 TYR A CE1 1 
ATOM   438  C CE2 . TYR A 1 57  ? -9.578  -9.419  -7.477  1.00 40.87 ? 162 TYR A CE2 1 
ATOM   439  C CZ  . TYR A 1 57  ? -10.738 -8.923  -6.874  1.00 42.84 ? 162 TYR A CZ  1 
ATOM   440  O OH  . TYR A 1 57  ? -11.864 -9.717  -6.761  1.00 45.69 ? 162 TYR A OH  1 
ATOM   441  N N   . ASP A 1 58  ? -5.675  -4.170  -9.514  1.00 25.13 ? 163 ASP A N   1 
ATOM   442  C CA  . ASP A 1 58  ? -4.536  -3.259  -9.665  1.00 20.24 ? 163 ASP A CA  1 
ATOM   443  C C   . ASP A 1 58  ? -3.337  -3.713  -8.833  1.00 20.66 ? 163 ASP A C   1 
ATOM   444  O O   . ASP A 1 58  ? -2.542  -2.897  -8.336  1.00 19.09 ? 163 ASP A O   1 
ATOM   445  C CB  . ASP A 1 58  ? -4.968  -1.837  -9.279  1.00 19.42 ? 163 ASP A CB  1 
ATOM   446  C CG  . ASP A 1 58  ? -4.012  -0.760  -9.772  1.00 24.16 ? 163 ASP A CG  1 
ATOM   447  O OD1 . ASP A 1 58  ? -3.151  -1.017  -10.649 1.00 28.69 ? 163 ASP A OD1 1 
ATOM   448  O OD2 . ASP A 1 58  ? -4.148  0.387   -9.292  1.00 26.86 ? 163 ASP A OD2 1 
ATOM   449  N N   . MET A 1 59  ? -3.205  -5.024  -8.694  1.00 20.22 ? 164 MET A N   1 
ATOM   450  C CA  . MET A 1 59  ? -2.105  -5.586  -7.929  1.00 23.00 ? 164 MET A CA  1 
ATOM   451  C C   . MET A 1 59  ? -1.203  -6.483  -8.768  1.00 23.93 ? 164 MET A C   1 
ATOM   452  O O   . MET A 1 59  ? -1.625  -7.143  -9.711  1.00 25.58 ? 164 MET A O   1 
ATOM   453  C CB  . MET A 1 59  ? -2.622  -6.347  -6.704  1.00 23.69 ? 164 MET A CB  1 
ATOM   454  C CG  . MET A 1 59  ? -3.173  -5.465  -5.572  1.00 27.15 ? 164 MET A CG  1 
ATOM   455  S SD  . MET A 1 59  ? -1.969  -4.313  -4.876  1.00 26.06 ? 164 MET A SD  1 
ATOM   456  C CE  . MET A 1 59  ? -0.838  -5.420  -4.273  1.00 21.32 ? 164 MET A CE  1 
ATOM   457  N N   . GLU A 1 60  ? 0.043   -6.565  -8.349  1.00 26.18 ? 165 GLU A N   1 
ATOM   458  C CA  . GLU A 1 60  ? 1.044   -7.345  -9.045  1.00 25.45 ? 165 GLU A CA  1 
ATOM   459  C C   . GLU A 1 60  ? 1.833   -7.929  -7.889  1.00 26.45 ? 165 GLU A C   1 
ATOM   460  O O   . GLU A 1 60  ? 2.227   -7.194  -6.986  1.00 29.07 ? 165 GLU A O   1 
ATOM   461  C CB  . GLU A 1 60  ? 1.868   -6.374  -9.874  1.00 25.21 ? 165 GLU A CB  1 
ATOM   462  C CG  . GLU A 1 60  ? 2.937   -6.957  -10.670 1.00 30.06 ? 165 GLU A CG  1 
ATOM   463  C CD  . GLU A 1 60  ? 3.324   -6.047  -11.804 1.00 35.05 ? 165 GLU A CD  1 
ATOM   464  O OE1 . GLU A 1 60  ? 3.527   -4.842  -11.569 1.00 36.82 ? 165 GLU A OE1 1 
ATOM   465  O OE2 . GLU A 1 60  ? 3.435   -6.542  -12.946 1.00 46.42 ? 165 GLU A OE2 1 
ATOM   466  N N   . PHE A 1 61  ? 2.068   -9.238  -7.906  1.00 26.07 ? 166 PHE A N   1 
ATOM   467  C CA  . PHE A 1 61  ? 2.752   -9.882  -6.791  1.00 23.52 ? 166 PHE A CA  1 
ATOM   468  C C   . PHE A 1 61  ? 3.594   -11.092 -7.151  1.00 22.81 ? 166 PHE A C   1 
ATOM   469  O O   . PHE A 1 61  ? 3.372   -11.743 -8.155  1.00 24.23 ? 166 PHE A O   1 
ATOM   470  C CB  . PHE A 1 61  ? 1.708   -10.303 -5.759  1.00 22.05 ? 166 PHE A CB  1 
ATOM   471  C CG  . PHE A 1 61  ? 0.719   -11.280 -6.293  1.00 22.44 ? 166 PHE A CG  1 
ATOM   472  C CD1 . PHE A 1 61  ? -0.366  -10.851 -7.041  1.00 26.16 ? 166 PHE A CD1 1 
ATOM   473  C CD2 . PHE A 1 61  ? 0.914   -12.641 -6.138  1.00 24.63 ? 166 PHE A CD2 1 
ATOM   474  C CE1 . PHE A 1 61  ? -1.233  -11.768 -7.631  1.00 24.55 ? 166 PHE A CE1 1 
ATOM   475  C CE2 . PHE A 1 61  ? 0.042   -13.550 -6.727  1.00 24.84 ? 166 PHE A CE2 1 
ATOM   476  C CZ  . PHE A 1 61  ? -1.025  -13.101 -7.473  1.00 23.30 ? 166 PHE A CZ  1 
ATOM   477  N N   . ALA A 1 62  ? 4.511   -11.422 -6.246  1.00 24.40 ? 167 ALA A N   1 
ATOM   478  C CA  . ALA A 1 62  ? 5.434   -12.555 -6.361  1.00 21.47 ? 167 ALA A CA  1 
ATOM   479  C C   . ALA A 1 62  ? 5.650   -13.161 -4.956  1.00 21.94 ? 167 ALA A C   1 
ATOM   480  O O   . ALA A 1 62  ? 5.375   -12.534 -3.941  1.00 16.34 ? 167 ALA A O   1 
ATOM   481  C CB  . ALA A 1 62  ? 6.778   -12.079 -6.959  1.00 18.11 ? 167 ALA A CB  1 
ATOM   482  N N   . GLN A 1 63  ? 6.106   -14.401 -4.905  1.00 25.72 ? 168 GLN A N   1 
ATOM   483  C CA  . GLN A 1 63  ? 6.350   -15.041 -3.625  1.00 31.01 ? 168 GLN A CA  1 
ATOM   484  C C   . GLN A 1 63  ? 7.686   -14.556 -3.039  1.00 30.36 ? 168 GLN A C   1 
ATOM   485  O O   . GLN A 1 63  ? 8.666   -14.378 -3.760  1.00 30.27 ? 168 GLN A O   1 
ATOM   486  C CB  . GLN A 1 63  ? 6.331   -16.564 -3.786  1.00 36.44 ? 168 GLN A CB  1 
ATOM   487  C CG  . GLN A 1 63  ? 6.639   -17.348 -2.504  1.00 50.56 ? 168 GLN A CG  1 
ATOM   488  C CD  . GLN A 1 63  ? 7.304   -18.704 -2.784  1.00 58.77 ? 168 GLN A CD  1 
ATOM   489  O OE1 . GLN A 1 63  ? 6.654   -19.767 -2.706  1.00 60.48 ? 168 GLN A OE1 1 
ATOM   490  N NE2 . GLN A 1 63  ? 8.615   -18.672 -3.108  1.00 61.64 ? 168 GLN A NE2 1 
ATOM   491  N N   . LEU A 1 64  ? 7.693   -14.288 -1.732  1.00 32.99 ? 169 LEU A N   1 
ATOM   492  C CA  . LEU A 1 64  ? 8.891   -13.827 -1.024  1.00 32.23 ? 169 LEU A CA  1 
ATOM   493  C C   . LEU A 1 64  ? 9.956   -14.900 -0.945  1.00 33.17 ? 169 LEU A C   1 
ATOM   494  O O   . LEU A 1 64  ? 9.653   -16.090 -0.790  1.00 35.21 ? 169 LEU A O   1 
ATOM   495  C CB  . LEU A 1 64  ? 8.559   -13.409 0.403   1.00 27.82 ? 169 LEU A CB  1 
ATOM   496  C CG  . LEU A 1 64  ? 8.074   -11.986 0.604   1.00 27.89 ? 169 LEU A CG  1 
ATOM   497  C CD1 . LEU A 1 64  ? 7.812   -11.716 2.101   1.00 20.92 ? 169 LEU A CD1 1 
ATOM   498  C CD2 . LEU A 1 64  ? 9.125   -11.024 0.022   1.00 23.83 ? 169 LEU A CD2 1 
ATOM   499  N N   . PRO A 1 65  ? 11.221  -14.504 -1.094  1.00 35.20 ? 170 PRO A N   1 
ATOM   500  C CA  . PRO A 1 65  ? 12.282  -15.503 -1.010  1.00 36.95 ? 170 PRO A CA  1 
ATOM   501  C C   . PRO A 1 65  ? 12.181  -16.087 0.401   1.00 39.92 ? 170 PRO A C   1 
ATOM   502  O O   . PRO A 1 65  ? 11.843  -15.368 1.349   1.00 38.90 ? 170 PRO A O   1 
ATOM   503  C CB  . PRO A 1 65  ? 13.553  -14.660 -1.183  1.00 36.77 ? 170 PRO A CB  1 
ATOM   504  C CG  . PRO A 1 65  ? 13.113  -13.514 -2.033  1.00 34.18 ? 170 PRO A CG  1 
ATOM   505  C CD  . PRO A 1 65  ? 11.762  -13.174 -1.428  1.00 36.28 ? 170 PRO A CD  1 
ATOM   506  N N   . VAL A 1 66  ? 12.424  -17.390 0.522   1.00 45.82 ? 171 VAL A N   1 
ATOM   507  C CA  . VAL A 1 66  ? 12.359  -18.109 1.804   1.00 51.18 ? 171 VAL A CA  1 
ATOM   508  C C   . VAL A 1 66  ? 12.886  -17.285 2.962   1.00 54.99 ? 171 VAL A C   1 
ATOM   509  O O   . VAL A 1 66  ? 12.261  -17.226 4.023   1.00 57.23 ? 171 VAL A O   1 
ATOM   510  C CB  . VAL A 1 66  ? 13.142  -19.475 1.766   1.00 51.09 ? 171 VAL A CB  1 
ATOM   511  C CG1 . VAL A 1 66  ? 12.272  -20.571 1.140   1.00 47.81 ? 171 VAL A CG1 1 
ATOM   512  C CG2 . VAL A 1 66  ? 14.476  -19.323 0.980   1.00 50.96 ? 171 VAL A CG2 1 
ATOM   513  N N   . ASN A 1 67  ? 14.010  -16.613 2.719   1.00 58.22 ? 172 ASN A N   1 
ATOM   514  C CA  . ASN A 1 67  ? 14.670  -15.776 3.711   1.00 59.62 ? 172 ASN A CA  1 
ATOM   515  C C   . ASN A 1 67  ? 13.868  -14.546 4.123   1.00 58.59 ? 172 ASN A C   1 
ATOM   516  O O   . ASN A 1 67  ? 13.597  -14.322 5.308   1.00 60.25 ? 172 ASN A O   1 
ATOM   517  C CB  . ASN A 1 67  ? 16.032  -15.335 3.181   1.00 64.78 ? 172 ASN A CB  1 
ATOM   518  C CG  . ASN A 1 67  ? 16.573  -14.120 3.913   1.00 72.55 ? 172 ASN A CG  1 
ATOM   519  O OD1 . ASN A 1 67  ? 16.951  -13.120 3.287   1.00 76.56 ? 172 ASN A OD1 1 
ATOM   520  N ND2 . ASN A 1 67  ? 16.580  -14.182 5.251   1.00 75.98 ? 172 ASN A ND2 1 
ATOM   521  N N   . MET A 1 68  ? 13.512  -13.736 3.142   1.00 54.55 ? 173 MET A N   1 
ATOM   522  C CA  . MET A 1 68  ? 12.783  -12.524 3.419   1.00 51.72 ? 173 MET A CA  1 
ATOM   523  C C   . MET A 1 68  ? 11.404  -12.734 4.007   1.00 50.52 ? 173 MET A C   1 
ATOM   524  O O   . MET A 1 68  ? 10.837  -11.802 4.564   1.00 50.33 ? 173 MET A O   1 
ATOM   525  C CB  . MET A 1 68  ? 12.663  -11.699 2.146   1.00 52.97 ? 173 MET A CB  1 
ATOM   526  C CG  . MET A 1 68  ? 13.978  -11.365 1.500   1.00 51.31 ? 173 MET A CG  1 
ATOM   527  S SD  . MET A 1 68  ? 13.801  -10.306 0.063   1.00 50.74 ? 173 MET A SD  1 
ATOM   528  C CE  . MET A 1 68  ? 15.120  -10.918 -0.890  1.00 46.80 ? 173 MET A CE  1 
ATOM   529  N N   . ARG A 1 69  ? 10.863  -13.944 3.912   1.00 51.88 ? 174 ARG A N   1 
ATOM   530  C CA  . ARG A 1 69  ? 9.506   -14.199 4.425   1.00 55.21 ? 174 ARG A CA  1 
ATOM   531  C C   . ARG A 1 69  ? 9.248   -13.780 5.874   1.00 54.86 ? 174 ARG A C   1 
ATOM   532  O O   . ARG A 1 69  ? 8.106   -13.534 6.257   1.00 53.85 ? 174 ARG A O   1 
ATOM   533  C CB  . ARG A 1 69  ? 9.054   -15.651 4.181   1.00 56.32 ? 174 ARG A CB  1 
ATOM   534  C CG  . ARG A 1 69  ? 9.040   -16.051 2.711   1.00 55.89 ? 174 ARG A CG  1 
ATOM   535  C CD  . ARG A 1 69  ? 7.989   -17.100 2.386   1.00 57.56 ? 174 ARG A CD  1 
ATOM   536  N NE  . ARG A 1 69  ? 8.227   -17.687 1.065   1.00 59.71 ? 174 ARG A NE  1 
ATOM   537  C CZ  . ARG A 1 69  ? 8.683   -18.922 0.870   1.00 60.29 ? 174 ARG A CZ  1 
ATOM   538  N NH1 . ARG A 1 69  ? 8.929   -19.721 1.900   1.00 59.96 ? 174 ARG A NH1 1 
ATOM   539  N NH2 . ARG A 1 69  ? 9.018   -19.321 -0.345  1.00 61.10 ? 174 ARG A NH2 1 
ATOM   540  N N   . SER A 1 70  ? 10.312  -13.684 6.660   1.00 56.29 ? 175 SER A N   1 
ATOM   541  C CA  . SER A 1 70  ? 10.212  -13.255 8.050   1.00 58.87 ? 175 SER A CA  1 
ATOM   542  C C   . SER A 1 70  ? 10.153  -11.717 8.133   1.00 59.24 ? 175 SER A C   1 
ATOM   543  O O   . SER A 1 70  ? 9.442   -11.161 8.973   1.00 60.63 ? 175 SER A O   1 
ATOM   544  C CB  . SER A 1 70  ? 11.398  -13.796 8.842   1.00 60.54 ? 175 SER A CB  1 
ATOM   545  O OG  . SER A 1 70  ? 12.561  -13.802 8.034   1.00 63.79 ? 175 SER A OG  1 
ATOM   546  N N   . GLU A 1 71  ? 10.917  -11.042 7.273   1.00 57.54 ? 176 GLU A N   1 
ATOM   547  C CA  . GLU A 1 71  ? 10.931  -9.576  7.212   1.00 55.56 ? 176 GLU A CA  1 
ATOM   548  C C   . GLU A 1 71  ? 9.680   -9.145  6.430   1.00 51.93 ? 176 GLU A C   1 
ATOM   549  O O   . GLU A 1 71  ? 9.786   -8.802  5.239   1.00 52.03 ? 176 GLU A O   1 
ATOM   550  C CB  . GLU A 1 71  ? 12.180  -9.074  6.448   1.00 58.13 ? 176 GLU A CB  1 
ATOM   551  C CG  . GLU A 1 71  ? 13.437  -8.763  7.279   1.00 59.05 ? 176 GLU A CG  1 
ATOM   552  C CD  . GLU A 1 71  ? 14.256  -9.996  7.631   1.00 61.82 ? 176 GLU A CD  1 
ATOM   553  O OE1 . GLU A 1 71  ? 14.623  -10.747 6.689   1.00 62.23 ? 176 GLU A OE1 1 
ATOM   554  O OE2 . GLU A 1 71  ? 14.541  -10.200 8.845   1.00 59.76 ? 176 GLU A OE2 1 
ATOM   555  N N   . ALA A 1 72  ? 8.509   -9.150  7.073   1.00 45.34 ? 177 ALA A N   1 
ATOM   556  C CA  . ALA A 1 72  ? 7.279   -8.781  6.359   1.00 40.53 ? 177 ALA A CA  1 
ATOM   557  C C   . ALA A 1 72  ? 6.128   -8.348  7.250   1.00 35.68 ? 177 ALA A C   1 
ATOM   558  O O   . ALA A 1 72  ? 6.059   -8.771  8.395   1.00 36.19 ? 177 ALA A O   1 
ATOM   559  C CB  . ALA A 1 72  ? 6.826   -9.954  5.468   1.00 40.97 ? 177 ALA A CB  1 
ATOM   560  N N   . PHE A 1 73  ? 5.229   -7.508  6.723   1.00 29.19 ? 178 PHE A N   1 
ATOM   561  C CA  . PHE A 1 73  ? 4.057   -7.044  7.482   1.00 23.52 ? 178 PHE A CA  1 
ATOM   562  C C   . PHE A 1 73  ? 3.008   -8.143  7.641   1.00 21.48 ? 178 PHE A C   1 
ATOM   563  O O   . PHE A 1 73  ? 2.984   -9.127  6.915   1.00 18.64 ? 178 PHE A O   1 
ATOM   564  C CB  . PHE A 1 73  ? 3.344   -5.865  6.809   1.00 20.76 ? 178 PHE A CB  1 
ATOM   565  C CG  . PHE A 1 73  ? 4.137   -4.609  6.740   1.00 18.48 ? 178 PHE A CG  1 
ATOM   566  C CD1 . PHE A 1 73  ? 4.116   -3.704  7.790   1.00 23.85 ? 178 PHE A CD1 1 
ATOM   567  C CD2 . PHE A 1 73  ? 4.846   -4.290  5.596   1.00 16.64 ? 178 PHE A CD2 1 
ATOM   568  C CE1 . PHE A 1 73  ? 4.794   -2.481  7.700   1.00 18.78 ? 178 PHE A CE1 1 
ATOM   569  C CE2 . PHE A 1 73  ? 5.517   -3.088  5.486   1.00 19.06 ? 178 PHE A CE2 1 
ATOM   570  C CZ  . PHE A 1 73  ? 5.495   -2.177  6.541   1.00 18.17 ? 178 PHE A CZ  1 
ATOM   571  N N   . THR A 1 74  ? 2.112   -7.926  8.587   1.00 22.01 ? 179 THR A N   1 
ATOM   572  C CA  . THR A 1 74  ? 1.032   -8.851  8.859   1.00 22.17 ? 179 THR A CA  1 
ATOM   573  C C   . THR A 1 74  ? -0.216  -8.047  8.510   1.00 18.61 ? 179 THR A C   1 
ATOM   574  O O   . THR A 1 74  ? -0.298  -6.871  8.792   1.00 19.89 ? 179 THR A O   1 
ATOM   575  C CB  . THR A 1 74  ? 1.037   -9.237  10.365  1.00 23.94 ? 179 THR A CB  1 
ATOM   576  O OG1 . THR A 1 74  ? 2.313   -9.782  10.701  1.00 31.52 ? 179 THR A OG1 1 
ATOM   577  C CG2 . THR A 1 74  ? -0.002  -10.274 10.683  1.00 25.50 ? 179 THR A CG2 1 
ATOM   578  N N   . TYR A 1 75  ? -1.187  -8.664  7.883   1.00 15.40 ? 180 TYR A N   1 
ATOM   579  C CA  . TYR A 1 75  ? -2.369  -7.941  7.542   1.00 14.20 ? 180 TYR A CA  1 
ATOM   580  C C   . TYR A 1 75  ? -3.469  -8.244  8.546   1.00 17.37 ? 180 TYR A C   1 
ATOM   581  O O   . TYR A 1 75  ? -3.422  -9.246  9.249   1.00 18.60 ? 180 TYR A O   1 
ATOM   582  C CB  . TYR A 1 75  ? -2.833  -8.385  6.164   1.00 17.07 ? 180 TYR A CB  1 
ATOM   583  C CG  . TYR A 1 75  ? -3.999  -7.605  5.652   1.00 17.50 ? 180 TYR A CG  1 
ATOM   584  C CD1 . TYR A 1 75  ? -3.809  -6.334  5.121   1.00 21.65 ? 180 TYR A CD1 1 
ATOM   585  C CD2 . TYR A 1 75  ? -5.301  -8.107  5.731   1.00 17.25 ? 180 TYR A CD2 1 
ATOM   586  C CE1 . TYR A 1 75  ? -4.874  -5.564  4.680   1.00 21.68 ? 180 TYR A CE1 1 
ATOM   587  C CE2 . TYR A 1 75  ? -6.389  -7.338  5.286   1.00 20.23 ? 180 TYR A CE2 1 
ATOM   588  C CZ  . TYR A 1 75  ? -6.156  -6.060  4.764   1.00 20.64 ? 180 TYR A CZ  1 
ATOM   589  O OH  . TYR A 1 75  ? -7.184  -5.249  4.346   1.00 18.97 ? 180 TYR A OH  1 
ATOM   590  N N   . THR A 1 76  ? -4.461  -7.359  8.605   1.00 19.80 ? 181 THR A N   1 
ATOM   591  C CA  . THR A 1 76  ? -5.630  -7.548  9.443   1.00 19.25 ? 181 THR A CA  1 
ATOM   592  C C   . THR A 1 76  ? -6.853  -6.972  8.736   1.00 20.47 ? 181 THR A C   1 
ATOM   593  O O   . THR A 1 76  ? -6.817  -5.903  8.132   1.00 20.89 ? 181 THR A O   1 
ATOM   594  C CB  . THR A 1 76  ? -5.468  -6.983  10.856  1.00 22.58 ? 181 THR A CB  1 
ATOM   595  O OG1 . THR A 1 76  ? -6.526  -7.498  11.673  1.00 27.48 ? 181 THR A OG1 1 
ATOM   596  C CG2 . THR A 1 76  ? -5.543  -5.474  10.861  1.00 20.99 ? 181 THR A CG2 1 
ATOM   597  N N   . SER A 1 77  ? -7.921  -7.753  8.748   1.00 24.09 ? 182 SER A N   1 
ATOM   598  C CA  . SER A 1 77  ? -9.160  -7.389  8.098   1.00 26.34 ? 182 SER A CA  1 
ATOM   599  C C   . SER A 1 77  ? -10.140 -6.660  9.016   1.00 29.12 ? 182 SER A C   1 
ATOM   600  O O   . SER A 1 77  ? -11.252 -6.327  8.620   1.00 29.01 ? 182 SER A O   1 
ATOM   601  C CB  . SER A 1 77  ? -9.798  -8.650  7.543   1.00 27.52 ? 182 SER A CB  1 
ATOM   602  O OG  . SER A 1 77  ? -10.133 -9.527  8.595   1.00 31.41 ? 182 SER A OG  1 
ATOM   603  N N   . GLU A 1 78  ? -9.740  -6.418  10.251  1.00 33.13 ? 183 GLU A N   1 
ATOM   604  C CA  . GLU A 1 78  ? -10.622 -5.718  11.158  1.00 34.16 ? 183 GLU A CA  1 
ATOM   605  C C   . GLU A 1 78  ? -10.168 -4.269  11.259  1.00 32.71 ? 183 GLU A C   1 
ATOM   606  O O   . GLU A 1 78  ? -9.009  -3.991  11.559  1.00 32.45 ? 183 GLU A O   1 
ATOM   607  C CB  . GLU A 1 78  ? -10.672 -6.442  12.507  1.00 39.81 ? 183 GLU A CB  1 
ATOM   608  C CG  . GLU A 1 78  ? -11.150 -7.933  12.384  1.00 50.73 ? 183 GLU A CG  1 
ATOM   609  C CD  . GLU A 1 78  ? -12.492 -8.137  11.612  1.00 55.49 ? 183 GLU A CD  1 
ATOM   610  O OE1 . GLU A 1 78  ? -13.554 -7.713  12.133  1.00 57.56 ? 183 GLU A OE1 1 
ATOM   611  O OE2 . GLU A 1 78  ? -12.489 -8.739  10.500  1.00 53.26 ? 183 GLU A OE2 1 
ATOM   612  N N   . HIS A 1 79  ? -11.058 -3.359  10.871  1.00 29.77 ? 184 HIS A N   1 
ATOM   613  C CA  . HIS A 1 79  ? -10.763 -1.939  10.886  1.00 28.40 ? 184 HIS A CA  1 
ATOM   614  C C   . HIS A 1 79  ? -11.902 -1.147  11.485  1.00 27.39 ? 184 HIS A C   1 
ATOM   615  O O   . HIS A 1 79  ? -12.697 -0.565  10.740  1.00 30.12 ? 184 HIS A O   1 
ATOM   616  C CB  . HIS A 1 79  ? -10.570 -1.365  9.466   1.00 32.21 ? 184 HIS A CB  1 
ATOM   617  C CG  . HIS A 1 79  ? -10.286 -2.378  8.403   1.00 34.57 ? 184 HIS A CG  1 
ATOM   618  N ND1 . HIS A 1 79  ? -10.994 -2.420  7.221   1.00 30.86 ? 184 HIS A ND1 1 
ATOM   619  C CD2 . HIS A 1 79  ? -9.347  -3.356  8.318   1.00 34.32 ? 184 HIS A CD2 1 
ATOM   620  C CE1 . HIS A 1 79  ? -10.503 -3.380  6.454   1.00 36.50 ? 184 HIS A CE1 1 
ATOM   621  N NE2 . HIS A 1 79  ? -9.504  -3.961  7.096   1.00 35.09 ? 184 HIS A NE2 1 
ATOM   622  N N   . PRO A 1 80  ? -12.001 -1.080  12.817  1.00 23.75 ? 185 PRO A N   1 
ATOM   623  C CA  . PRO A 1 80  ? -13.117 -0.295  13.345  1.00 23.26 ? 185 PRO A CA  1 
ATOM   624  C C   . PRO A 1 80  ? -12.909 1.152   12.936  1.00 24.39 ? 185 PRO A C   1 
ATOM   625  O O   . PRO A 1 80  ? -11.806 1.542   12.555  1.00 27.30 ? 185 PRO A O   1 
ATOM   626  C CB  . PRO A 1 80  ? -12.969 -0.474  14.849  1.00 21.08 ? 185 PRO A CB  1 
ATOM   627  C CG  . PRO A 1 80  ? -11.519 -0.610  15.027  1.00 22.97 ? 185 PRO A CG  1 
ATOM   628  C CD  . PRO A 1 80  ? -11.136 -1.545  13.910  1.00 24.23 ? 185 PRO A CD  1 
ATOM   629  N N   . GLU A 1 81  ? -13.963 1.942   12.951  1.00 25.06 ? 186 GLU A N   1 
ATOM   630  C CA  . GLU A 1 81  ? -13.815 3.341   12.588  1.00 27.00 ? 186 GLU A CA  1 
ATOM   631  C C   . GLU A 1 81  ? -12.847 4.009   13.566  1.00 26.44 ? 186 GLU A C   1 
ATOM   632  O O   . GLU A 1 81  ? -12.645 3.510   14.674  1.00 28.89 ? 186 GLU A O   1 
ATOM   633  C CB  . GLU A 1 81  ? -15.166 4.032   12.641  1.00 28.53 ? 186 GLU A CB  1 
ATOM   634  C CG  . GLU A 1 81  ? -16.110 3.576   11.575  1.00 36.21 ? 186 GLU A CG  1 
ATOM   635  C CD  . GLU A 1 81  ? -17.256 4.550   11.374  1.00 43.51 ? 186 GLU A CD  1 
ATOM   636  O OE1 . GLU A 1 81  ? -17.247 5.629   12.028  1.00 44.28 ? 186 GLU A OE1 1 
ATOM   637  O OE2 . GLU A 1 81  ? -18.152 4.241   10.550  1.00 45.50 ? 186 GLU A OE2 1 
ATOM   638  N N   . GLY A 1 82  ? -12.238 5.117   13.159  1.00 23.56 ? 187 GLY A N   1 
ATOM   639  C CA  . GLY A 1 82  ? -11.305 5.797   14.041  1.00 21.36 ? 187 GLY A CA  1 
ATOM   640  C C   . GLY A 1 82  ? -10.127 6.300   13.233  1.00 22.66 ? 187 GLY A C   1 
ATOM   641  O O   . GLY A 1 82  ? -10.275 6.503   12.038  1.00 25.25 ? 187 GLY A O   1 
ATOM   642  N N   . PHE A 1 83  ? -8.969  6.495   13.861  1.00 19.48 ? 188 PHE A N   1 
ATOM   643  C CA  . PHE A 1 83  ? -7.794  6.964   13.146  1.00 14.96 ? 188 PHE A CA  1 
ATOM   644  C C   . PHE A 1 83  ? -6.770  5.884   12.980  1.00 16.40 ? 188 PHE A C   1 
ATOM   645  O O   . PHE A 1 83  ? -6.715  4.953   13.783  1.00 17.18 ? 188 PHE A O   1 
ATOM   646  C CB  . PHE A 1 83  ? -7.183  8.197   13.796  1.00 12.84 ? 188 PHE A CB  1 
ATOM   647  C CG  . PHE A 1 83  ? -7.897  9.442   13.450  1.00 15.87 ? 188 PHE A CG  1 
ATOM   648  C CD1 . PHE A 1 83  ? -7.642  10.087  12.241  1.00 14.94 ? 188 PHE A CD1 1 
ATOM   649  C CD2 . PHE A 1 83  ? -8.888  9.942   14.285  1.00 13.96 ? 188 PHE A CD2 1 
ATOM   650  C CE1 . PHE A 1 83  ? -8.370  11.214  11.861  1.00 10.63 ? 188 PHE A CE1 1 
ATOM   651  C CE2 . PHE A 1 83  ? -9.610  11.064  13.910  1.00 14.92 ? 188 PHE A CE2 1 
ATOM   652  C CZ  . PHE A 1 83  ? -9.351  11.703  12.692  1.00 11.91 ? 188 PHE A CZ  1 
ATOM   653  N N   . TYR A 1 84  ? -6.005  5.998   11.888  1.00 16.57 ? 189 TYR A N   1 
ATOM   654  C CA  . TYR A 1 84  ? -4.960  5.047   11.508  1.00 14.77 ? 189 TYR A CA  1 
ATOM   655  C C   . TYR A 1 84  ? -3.747  5.826   11.137  1.00 14.75 ? 189 TYR A C   1 
ATOM   656  O O   . TYR A 1 84  ? -3.809  7.035   11.013  1.00 17.31 ? 189 TYR A O   1 
ATOM   657  C CB  . TYR A 1 84  ? -5.393  4.170   10.329  1.00 11.78 ? 189 TYR A CB  1 
ATOM   658  C CG  . TYR A 1 84  ? -6.496  3.212   10.697  1.00 17.34 ? 189 TYR A CG  1 
ATOM   659  C CD1 . TYR A 1 84  ? -7.854  3.616   10.692  1.00 14.38 ? 189 TYR A CD1 1 
ATOM   660  C CD2 . TYR A 1 84  ? -6.187  1.926   11.156  1.00 16.93 ? 189 TYR A CD2 1 
ATOM   661  C CE1 . TYR A 1 84  ? -8.854  2.759   11.146  1.00 14.39 ? 189 TYR A CE1 1 
ATOM   662  C CE2 . TYR A 1 84  ? -7.176  1.077   11.614  1.00 16.43 ? 189 TYR A CE2 1 
ATOM   663  C CZ  . TYR A 1 84  ? -8.498  1.494   11.611  1.00 16.80 ? 189 TYR A CZ  1 
ATOM   664  O OH  . TYR A 1 84  ? -9.439  0.631   12.114  1.00 20.61 ? 189 TYR A OH  1 
ATOM   665  N N   . ASN A 1 85  ? -2.648  5.116   10.925  1.00 16.85 ? 190 ASN A N   1 
ATOM   666  C CA  . ASN A 1 85  ? -1.373  5.732   10.603  1.00 16.58 ? 190 ASN A CA  1 
ATOM   667  C C   . ASN A 1 85  ? -0.847  5.401   9.218   1.00 17.25 ? 190 ASN A C   1 
ATOM   668  O O   . ASN A 1 85  ? -1.055  4.299   8.707   1.00 17.25 ? 190 ASN A O   1 
ATOM   669  C CB  . ASN A 1 85  ? -0.288  5.248   11.595  1.00 15.37 ? 190 ASN A CB  1 
ATOM   670  C CG  . ASN A 1 85  ? -0.818  5.017   12.999  1.00 17.93 ? 190 ASN A CG  1 
ATOM   671  O OD1 . ASN A 1 85  ? -0.785  5.904   13.853  1.00 25.23 ? 190 ASN A OD1 1 
ATOM   672  N ND2 . ASN A 1 85  ? -1.314  3.832   13.239  1.00 16.73 ? 190 ASN A ND2 1 
ATOM   673  N N   . TRP A 1 86  ? -0.151  6.372   8.634   1.00 18.07 ? 191 TRP A N   1 
ATOM   674  C CA  . TRP A 1 86  ? 0.562   6.203   7.373   1.00 18.81 ? 191 TRP A CA  1 
ATOM   675  C C   . TRP A 1 86  ? 1.702   7.190   7.333   1.00 20.50 ? 191 TRP A C   1 
ATOM   676  O O   . TRP A 1 86  ? 1.870   8.004   8.240   1.00 22.98 ? 191 TRP A O   1 
ATOM   677  C CB  . TRP A 1 86  ? -0.307  6.231   6.119   1.00 19.74 ? 191 TRP A CB  1 
ATOM   678  C CG  . TRP A 1 86  ? -0.596  7.528   5.493   1.00 18.87 ? 191 TRP A CG  1 
ATOM   679  C CD1 . TRP A 1 86  ? -0.995  8.693   6.108   1.00 14.11 ? 191 TRP A CD1 1 
ATOM   680  C CD2 . TRP A 1 86  ? -0.634  7.776   4.089   1.00 16.36 ? 191 TRP A CD2 1 
ATOM   681  N NE1 . TRP A 1 86  ? -1.293  9.645   5.159   1.00 11.14 ? 191 TRP A NE1 1 
ATOM   682  C CE2 . TRP A 1 86  ? -1.077  9.114   3.912   1.00 18.18 ? 191 TRP A CE2 1 
ATOM   683  C CE3 . TRP A 1 86  ? -0.345  6.994   2.961   1.00 17.53 ? 191 TRP A CE3 1 
ATOM   684  C CZ2 . TRP A 1 86  ? -1.238  9.696   2.633   1.00 20.73 ? 191 TRP A CZ2 1 
ATOM   685  C CZ3 . TRP A 1 86  ? -0.508  7.563   1.692   1.00 18.98 ? 191 TRP A CZ3 1 
ATOM   686  C CH2 . TRP A 1 86  ? -0.954  8.911   1.540   1.00 18.70 ? 191 TRP A CH2 1 
ATOM   687  N N   . HIS A 1 87  ? 2.528   7.063   6.313   1.00 20.86 ? 192 HIS A N   1 
ATOM   688  C CA  . HIS A 1 87  ? 3.700   7.898   6.168   1.00 19.82 ? 192 HIS A CA  1 
ATOM   689  C C   . HIS A 1 87  ? 3.516   9.384   6.412   1.00 22.26 ? 192 HIS A C   1 
ATOM   690  O O   . HIS A 1 87  ? 4.407   10.026  6.937   1.00 23.94 ? 192 HIS A O   1 
ATOM   691  C CB  . HIS A 1 87  ? 4.270   7.715   4.783   1.00 17.92 ? 192 HIS A CB  1 
ATOM   692  C CG  . HIS A 1 87  ? 5.595   8.369   4.609   1.00 19.93 ? 192 HIS A CG  1 
ATOM   693  N ND1 . HIS A 1 87  ? 5.771   9.495   3.834   1.00 21.43 ? 192 HIS A ND1 1 
ATOM   694  C CD2 . HIS A 1 87  ? 6.808   8.069   5.130   1.00 19.42 ? 192 HIS A CD2 1 
ATOM   695  C CE1 . HIS A 1 87  ? 7.039   9.860   3.885   1.00 23.04 ? 192 HIS A CE1 1 
ATOM   696  N NE2 . HIS A 1 87  ? 7.689   9.012   4.663   1.00 23.20 ? 192 HIS A NE2 1 
ATOM   697  N N   . HIS A 1 88  ? 2.389   9.938   5.984   1.00 22.30 ? 193 HIS A N   1 
ATOM   698  C CA  . HIS A 1 88  ? 2.158   11.361  6.137   1.00 21.28 ? 193 HIS A CA  1 
ATOM   699  C C   . HIS A 1 88  ? 1.409   11.793  7.373   1.00 23.22 ? 193 HIS A C   1 
ATOM   700  O O   . HIS A 1 88  ? 1.196   12.994  7.582   1.00 28.20 ? 193 HIS A O   1 
ATOM   701  C CB  . HIS A 1 88  ? 1.486   11.911  4.902   1.00 21.45 ? 193 HIS A CB  1 
ATOM   702  C CG  . HIS A 1 88  ? 2.257   11.651  3.650   1.00 21.36 ? 193 HIS A CG  1 
ATOM   703  N ND1 . HIS A 1 88  ? 3.396   12.352  3.323   1.00 21.08 ? 193 HIS A ND1 1 
ATOM   704  C CD2 . HIS A 1 88  ? 2.077   10.744  2.664   1.00 19.43 ? 193 HIS A CD2 1 
ATOM   705  C CE1 . HIS A 1 88  ? 3.889   11.887  2.193   1.00 18.74 ? 193 HIS A CE1 1 
ATOM   706  N NE2 . HIS A 1 88  ? 3.107   10.910  1.773   1.00 18.67 ? 193 HIS A NE2 1 
ATOM   707  N N   . GLY A 1 89  ? 1.019   10.825  8.198   1.00 20.16 ? 194 GLY A N   1 
ATOM   708  C CA  . GLY A 1 89  ? 0.324   11.159  9.423   1.00 14.70 ? 194 GLY A CA  1 
ATOM   709  C C   . GLY A 1 89  ? -0.876  10.301  9.701   1.00 13.93 ? 194 GLY A C   1 
ATOM   710  O O   . GLY A 1 89  ? -0.805  9.093   9.605   1.00 17.36 ? 194 GLY A O   1 
ATOM   711  N N   . ALA A 1 90  ? -1.987  10.955  10.016  1.00 15.47 ? 195 ALA A N   1 
ATOM   712  C CA  . ALA A 1 90  ? -3.232  10.294  10.359  1.00 11.83 ? 195 ALA A CA  1 
ATOM   713  C C   . ALA A 1 90  ? -4.092  10.007  9.177   1.00 13.24 ? 195 ALA A C   1 
ATOM   714  O O   . ALA A 1 90  ? -4.184  10.810  8.264   1.00 18.63 ? 195 ALA A O   1 
ATOM   715  C CB  . ALA A 1 90  ? -4.016  11.167  11.331  1.00 10.35 ? 195 ALA A CB  1 
ATOM   716  N N   . VAL A 1 91  ? -4.740  8.855   9.198   1.00 15.83 ? 196 VAL A N   1 
ATOM   717  C CA  . VAL A 1 91  ? -5.679  8.476   8.154   1.00 15.56 ? 196 VAL A CA  1 
ATOM   718  C C   . VAL A 1 91  ? -6.985  8.194   8.919   1.00 19.57 ? 196 VAL A C   1 
ATOM   719  O O   . VAL A 1 91  ? -6.996  7.446   9.890   1.00 19.30 ? 196 VAL A O   1 
ATOM   720  C CB  . VAL A 1 91  ? -5.265  7.209   7.395   1.00 12.35 ? 196 VAL A CB  1 
ATOM   721  C CG1 . VAL A 1 91  ? -6.247  6.963   6.262   1.00 10.39 ? 196 VAL A CG1 1 
ATOM   722  C CG2 . VAL A 1 91  ? -3.857  7.345   6.848   1.00 12.03 ? 196 VAL A CG2 1 
ATOM   723  N N   . GLN A 1 92  ? -8.075  8.823   8.507   1.00 20.95 ? 197 GLN A N   1 
ATOM   724  C CA  . GLN A 1 92  ? -9.334  8.616   9.177   1.00 20.72 ? 197 GLN A CA  1 
ATOM   725  C C   . GLN A 1 92  ? -10.146 7.573   8.445   1.00 20.71 ? 197 GLN A C   1 
ATOM   726  O O   . GLN A 1 92  ? -10.171 7.541   7.225   1.00 22.61 ? 197 GLN A O   1 
ATOM   727  C CB  . GLN A 1 92  ? -10.111 9.936   9.251   1.00 23.83 ? 197 GLN A CB  1 
ATOM   728  C CG  . GLN A 1 92  ? -11.485 9.807   9.910   1.00 32.17 ? 197 GLN A CG  1 
ATOM   729  C CD  . GLN A 1 92  ? -12.336 11.057  9.804   1.00 34.45 ? 197 GLN A CD  1 
ATOM   730  O OE1 . GLN A 1 92  ? -12.821 11.556  10.804  1.00 37.69 ? 197 GLN A OE1 1 
ATOM   731  N NE2 . GLN A 1 92  ? -12.546 11.549  8.586   1.00 39.26 ? 197 GLN A NE2 1 
ATOM   732  N N   . TYR A 1 93  ? -10.772 6.677   9.184   1.00 20.67 ? 198 TYR A N   1 
ATOM   733  C CA  . TYR A 1 93  ? -11.610 5.687   8.555   1.00 25.06 ? 198 TYR A CA  1 
ATOM   734  C C   . TYR A 1 93  ? -13.038 5.821   9.094   1.00 29.62 ? 198 TYR A C   1 
ATOM   735  O O   . TYR A 1 93  ? -13.323 5.520   10.260  1.00 26.73 ? 198 TYR A O   1 
ATOM   736  C CB  . TYR A 1 93  ? -11.086 4.274   8.791   1.00 27.83 ? 198 TYR A CB  1 
ATOM   737  C CG  . TYR A 1 93  ? -11.911 3.222   8.064   1.00 30.26 ? 198 TYR A CG  1 
ATOM   738  C CD1 . TYR A 1 93  ? -12.066 3.271   6.689   1.00 30.59 ? 198 TYR A CD1 1 
ATOM   739  C CD2 . TYR A 1 93  ? -12.539 2.189   8.755   1.00 30.95 ? 198 TYR A CD2 1 
ATOM   740  C CE1 . TYR A 1 93  ? -12.808 2.334   6.026   1.00 33.49 ? 198 TYR A CE1 1 
ATOM   741  C CE2 . TYR A 1 93  ? -13.289 1.247   8.088   1.00 31.99 ? 198 TYR A CE2 1 
ATOM   742  C CZ  . TYR A 1 93  ? -13.414 1.333   6.721   1.00 33.30 ? 198 TYR A CZ  1 
ATOM   743  O OH  . TYR A 1 93  ? -14.152 0.417   6.029   1.00 40.25 ? 198 TYR A OH  1 
ATOM   744  N N   . SER A 1 94  ? -13.928 6.301   8.237   1.00 32.77 ? 199 SER A N   1 
ATOM   745  C CA  . SER A 1 94  ? -15.324 6.467   8.610   1.00 38.63 ? 199 SER A CA  1 
ATOM   746  C C   . SER A 1 94  ? -16.174 6.440   7.359   1.00 37.45 ? 199 SER A C   1 
ATOM   747  O O   . SER A 1 94  ? -15.781 6.967   6.316   1.00 39.37 ? 199 SER A O   1 
ATOM   748  C CB  . SER A 1 94  ? -15.536 7.804   9.332   1.00 41.54 ? 199 SER A CB  1 
ATOM   749  O OG  . SER A 1 94  ? -14.646 7.933   10.424  1.00 51.31 ? 199 SER A OG  1 
ATOM   750  N N   . GLY A 1 95  ? -17.343 5.827   7.476   1.00 38.13 ? 200 GLY A N   1 
ATOM   751  C CA  . GLY A 1 95  ? -18.262 5.747   6.355   1.00 38.11 ? 200 GLY A CA  1 
ATOM   752  C C   . GLY A 1 95  ? -17.837 4.783   5.275   1.00 36.34 ? 200 GLY A C   1 
ATOM   753  O O   . GLY A 1 95  ? -18.238 4.940   4.130   1.00 39.13 ? 200 GLY A O   1 
ATOM   754  N N   . GLY A 1 96  ? -17.058 3.770   5.634   1.00 35.63 ? 201 GLY A N   1 
ATOM   755  C CA  . GLY A 1 96  ? -16.589 2.827   4.636   1.00 34.78 ? 201 GLY A CA  1 
ATOM   756  C C   . GLY A 1 96  ? -15.402 3.385   3.859   1.00 34.78 ? 201 GLY A C   1 
ATOM   757  O O   . GLY A 1 96  ? -14.787 2.671   3.063   1.00 34.18 ? 201 GLY A O   1 
ATOM   758  N N   . ARG A 1 97  ? -15.037 4.637   4.153   1.00 33.26 ? 202 ARG A N   1 
ATOM   759  C CA  . ARG A 1 97  ? -13.924 5.312   3.479   1.00 32.42 ? 202 ARG A CA  1 
ATOM   760  C C   . ARG A 1 97  ? -12.751 5.764   4.345   1.00 27.54 ? 202 ARG A C   1 
ATOM   761  O O   . ARG A 1 97  ? -12.926 6.201   5.485   1.00 25.77 ? 202 ARG A O   1 
ATOM   762  C CB  . ARG A 1 97  ? -14.434 6.557   2.736   1.00 37.66 ? 202 ARG A CB  1 
ATOM   763  C CG  . ARG A 1 97  ? -15.496 6.279   1.686   1.00 46.21 ? 202 ARG A CG  1 
ATOM   764  C CD  . ARG A 1 97  ? -16.539 7.392   1.675   1.00 53.00 ? 202 ARG A CD  1 
ATOM   765  N NE  . ARG A 1 97  ? -15.911 8.710   1.640   1.00 57.84 ? 202 ARG A NE  1 
ATOM   766  C CZ  . ARG A 1 97  ? -15.634 9.390   0.530   1.00 60.60 ? 202 ARG A CZ  1 
ATOM   767  N NH1 . ARG A 1 97  ? -15.938 8.889   -0.669  1.00 57.84 ? 202 ARG A NH1 1 
ATOM   768  N NH2 . ARG A 1 97  ? -15.013 10.564  0.624   1.00 62.64 ? 202 ARG A NH2 1 
ATOM   769  N N   . PHE A 1 98  ? -11.560 5.681   3.751   1.00 25.30 ? 203 PHE A N   1 
ATOM   770  C CA  . PHE A 1 98  ? -10.310 6.144   4.345   1.00 21.70 ? 203 PHE A CA  1 
ATOM   771  C C   . PHE A 1 98  ? -10.068 7.514   3.698   1.00 23.08 ? 203 PHE A C   1 
ATOM   772  O O   . PHE A 1 98  ? -10.129 7.654   2.468   1.00 21.99 ? 203 PHE A O   1 
ATOM   773  C CB  . PHE A 1 98  ? -9.143  5.220   3.990   1.00 17.90 ? 203 PHE A CB  1 
ATOM   774  C CG  . PHE A 1 98  ? -9.159  3.891   4.717   1.00 18.72 ? 203 PHE A CG  1 
ATOM   775  C CD1 . PHE A 1 98  ? -8.714  3.792   6.043   1.00 16.77 ? 203 PHE A CD1 1 
ATOM   776  C CD2 . PHE A 1 98  ? -9.554  2.731   4.063   1.00 15.95 ? 203 PHE A CD2 1 
ATOM   777  C CE1 . PHE A 1 98  ? -8.661  2.545   6.690   1.00 19.20 ? 203 PHE A CE1 1 
ATOM   778  C CE2 . PHE A 1 98  ? -9.504  1.493   4.697   1.00 13.02 ? 203 PHE A CE2 1 
ATOM   779  C CZ  . PHE A 1 98  ? -9.059  1.392   6.006   1.00 16.56 ? 203 PHE A CZ  1 
ATOM   780  N N   . THR A 1 99  ? -9.876  8.543   4.519   1.00 22.66 ? 204 THR A N   1 
ATOM   781  C CA  . THR A 1 99  ? -9.630  9.876   3.993   1.00 19.13 ? 204 THR A CA  1 
ATOM   782  C C   . THR A 1 99  ? -8.448  10.514  4.667   1.00 19.49 ? 204 THR A C   1 
ATOM   783  O O   . THR A 1 99  ? -8.054  10.130  5.759   1.00 20.05 ? 204 THR A O   1 
ATOM   784  C CB  . THR A 1 99  ? -10.809 10.823  4.192   1.00 21.71 ? 204 THR A CB  1 
ATOM   785  O OG1 . THR A 1 99  ? -11.150 10.881  5.582   1.00 22.96 ? 204 THR A OG1 1 
ATOM   786  C CG2 . THR A 1 99  ? -12.005 10.402  3.353   1.00 18.23 ? 204 THR A CG2 1 
ATOM   787  N N   . ILE A 1 100 ? -7.881  11.496  3.988   1.00 19.42 ? 205 ILE A N   1 
ATOM   788  C CA  . ILE A 1 100 ? -6.739  12.239  4.495   1.00 20.85 ? 205 ILE A CA  1 
ATOM   789  C C   . ILE A 1 100 ? -7.030  13.679  4.106   1.00 21.09 ? 205 ILE A C   1 
ATOM   790  O O   . ILE A 1 100 ? -8.019  13.949  3.427   1.00 25.92 ? 205 ILE A O   1 
ATOM   791  C CB  . ILE A 1 100 ? -5.393  11.763  3.827   1.00 19.89 ? 205 ILE A CB  1 
ATOM   792  C CG1 . ILE A 1 100 ? -5.499  11.774  2.286   1.00 18.24 ? 205 ILE A CG1 1 
ATOM   793  C CG2 . ILE A 1 100 ? -5.014  10.373  4.329   1.00 21.69 ? 205 ILE A CG2 1 
ATOM   794  C CD1 . ILE A 1 100 ? -4.195  11.426  1.531   1.00 10.10 ? 205 ILE A CD1 1 
ATOM   795  N N   . PRO A 1 101 ? -6.246  14.630  4.613   1.00 20.12 ? 206 PRO A N   1 
ATOM   796  C CA  . PRO A 1 101 ? -6.516  16.008  4.227   1.00 19.75 ? 206 PRO A CA  1 
ATOM   797  C C   . PRO A 1 101 ? -6.150  16.193  2.752   1.00 20.71 ? 206 PRO A C   1 
ATOM   798  O O   . PRO A 1 101 ? -5.276  15.507  2.223   1.00 21.60 ? 206 PRO A O   1 
ATOM   799  C CB  . PRO A 1 101 ? -5.551  16.801  5.114   1.00 20.52 ? 206 PRO A CB  1 
ATOM   800  C CG  . PRO A 1 101 ? -5.344  15.944  6.278   1.00 19.11 ? 206 PRO A CG  1 
ATOM   801  C CD  . PRO A 1 101 ? -5.234  14.577  5.681   1.00 22.44 ? 206 PRO A CD  1 
ATOM   802  N N   . ARG A 1 102 ? -6.858  17.104  2.091   1.00 22.14 ? 207 ARG A N   1 
ATOM   803  C CA  . ARG A 1 102 ? -6.630  17.457  0.690   1.00 20.04 ? 207 ARG A CA  1 
ATOM   804  C C   . ARG A 1 102 ? -5.225  18.049  0.539   1.00 19.67 ? 207 ARG A C   1 
ATOM   805  O O   . ARG A 1 102 ? -4.676  18.634  1.472   1.00 21.46 ? 207 ARG A O   1 
ATOM   806  C CB  . ARG A 1 102 ? -7.683  18.483  0.254   1.00 23.37 ? 207 ARG A CB  1 
ATOM   807  C CG  . ARG A 1 102 ? -7.442  19.105  -1.099  1.00 30.66 ? 207 ARG A CG  1 
ATOM   808  C CD  . ARG A 1 102 ? -8.427  20.221  -1.390  1.00 31.63 ? 207 ARG A CD  1 
ATOM   809  N NE  . ARG A 1 102 ? -9.775  19.702  -1.539  1.00 33.80 ? 207 ARG A NE  1 
ATOM   810  C CZ  . ARG A 1 102 ? -10.379 19.525  -2.709  1.00 37.11 ? 207 ARG A CZ  1 
ATOM   811  N NH1 . ARG A 1 102 ? -9.748  19.829  -3.841  1.00 38.28 ? 207 ARG A NH1 1 
ATOM   812  N NH2 . ARG A 1 102 ? -11.607 19.023  -2.754  1.00 35.77 ? 207 ARG A NH2 1 
ATOM   813  N N   . GLY A 1 103 ? -4.630  17.840  -0.624  1.00 17.25 ? 208 GLY A N   1 
ATOM   814  C CA  . GLY A 1 103 ? -3.308  18.348  -0.869  1.00 17.98 ? 208 GLY A CA  1 
ATOM   815  C C   . GLY A 1 103 ? -2.192  17.617  -0.162  1.00 23.38 ? 208 GLY A C   1 
ATOM   816  O O   . GLY A 1 103 ? -1.126  18.204  0.026   1.00 28.48 ? 208 GLY A O   1 
ATOM   817  N N   . VAL A 1 104 ? -2.392  16.347  0.199   1.00 23.55 ? 209 VAL A N   1 
ATOM   818  C CA  . VAL A 1 104 ? -1.345  15.570  0.892   1.00 21.29 ? 209 VAL A CA  1 
ATOM   819  C C   . VAL A 1 104 ? -0.843  14.332  0.091   1.00 20.69 ? 209 VAL A C   1 
ATOM   820  O O   . VAL A 1 104 ? 0.349   14.042  0.065   1.00 22.85 ? 209 VAL A O   1 
ATOM   821  C CB  . VAL A 1 104 ? -1.807  15.154  2.360   1.00 20.64 ? 209 VAL A CB  1 
ATOM   822  C CG1 . VAL A 1 104 ? -0.768  14.305  3.048   1.00 13.76 ? 209 VAL A CG1 1 
ATOM   823  C CG2 . VAL A 1 104 ? -2.082  16.366  3.207   1.00 15.28 ? 209 VAL A CG2 1 
ATOM   824  N N   . GLY A 1 105 ? -1.756  13.610  -0.549  1.00 18.85 ? 210 GLY A N   1 
ATOM   825  C CA  . GLY A 1 105 ? -1.376  12.447  -1.318  1.00 18.67 ? 210 GLY A CA  1 
ATOM   826  C C   . GLY A 1 105 ? -1.125  12.822  -2.768  1.00 20.07 ? 210 GLY A C   1 
ATOM   827  O O   . GLY A 1 105 ? -1.629  13.840  -3.242  1.00 22.02 ? 210 GLY A O   1 
ATOM   828  N N   . GLY A 1 106 ? -0.352  12.003  -3.479  1.00 17.50 ? 211 GLY A N   1 
ATOM   829  C CA  . GLY A 1 106 ? -0.056  12.292  -4.865  1.00 15.29 ? 211 GLY A CA  1 
ATOM   830  C C   . GLY A 1 106 ? 0.948   11.269  -5.328  1.00 16.74 ? 211 GLY A C   1 
ATOM   831  O O   . GLY A 1 106 ? 1.111   10.245  -4.675  1.00 14.36 ? 211 GLY A O   1 
ATOM   832  N N   . ARG A 1 107 ? 1.677   11.567  -6.398  1.00 20.25 ? 212 ARG A N   1 
ATOM   833  C CA  . ARG A 1 107 ? 2.648   10.630  -6.932  1.00 23.19 ? 212 ARG A CA  1 
ATOM   834  C C   . ARG A 1 107 ? 3.715   10.243  -5.924  1.00 22.46 ? 212 ARG A C   1 
ATOM   835  O O   . ARG A 1 107 ? 4.295   11.106  -5.257  1.00 21.85 ? 212 ARG A O   1 
ATOM   836  C CB  . ARG A 1 107 ? 3.282   11.135  -8.248  1.00 27.66 ? 212 ARG A CB  1 
ATOM   837  C CG  . ARG A 1 107 ? 3.273   10.037  -9.379  1.00 35.49 ? 212 ARG A CG  1 
ATOM   838  C CD  . ARG A 1 107 ? 4.206   10.328  -10.531 1.00 36.45 ? 212 ARG A CD  1 
ATOM   839  N NE  . ARG A 1 107 ? 5.436   10.956  -10.037 1.00 48.09 ? 212 ARG A NE  1 
ATOM   840  C CZ  . ARG A 1 107 ? 6.478   11.300  -10.799 1.00 49.39 ? 212 ARG A CZ  1 
ATOM   841  N NH1 . ARG A 1 107 ? 6.460   11.069  -12.109 1.00 48.95 ? 212 ARG A NH1 1 
ATOM   842  N NH2 . ARG A 1 107 ? 7.520   11.927  -10.257 1.00 48.22 ? 212 ARG A NH2 1 
ATOM   843  N N   . GLY A 1 108 ? 3.960   8.932   -5.831  1.00 22.99 ? 213 GLY A N   1 
ATOM   844  C CA  . GLY A 1 108 ? 4.951   8.399   -4.908  1.00 20.07 ? 213 GLY A CA  1 
ATOM   845  C C   . GLY A 1 108 ? 4.275   7.634   -3.784  1.00 21.60 ? 213 GLY A C   1 
ATOM   846  O O   . GLY A 1 108 ? 4.872   6.706   -3.223  1.00 20.71 ? 213 GLY A O   1 
ATOM   847  N N   . ASP A 1 109 ? 3.003   7.976   -3.520  1.00 19.69 ? 214 ASP A N   1 
ATOM   848  C CA  . ASP A 1 109 ? 2.186   7.360   -2.450  1.00 18.95 ? 214 ASP A CA  1 
ATOM   849  C C   . ASP A 1 109 ? 1.482   6.046   -2.755  1.00 16.90 ? 214 ASP A C   1 
ATOM   850  O O   . ASP A 1 109 ? 0.868   5.460   -1.877  1.00 16.04 ? 214 ASP A O   1 
ATOM   851  C CB  . ASP A 1 109 ? 1.178   8.371   -1.873  1.00 14.96 ? 214 ASP A CB  1 
ATOM   852  C CG  . ASP A 1 109 ? 1.865   9.542   -1.210  1.00 15.65 ? 214 ASP A CG  1 
ATOM   853  O OD1 . ASP A 1 109 ? 2.870   9.310   -0.516  1.00 14.91 ? 214 ASP A OD1 1 
ATOM   854  O OD2 . ASP A 1 109 ? 1.419   10.687  -1.395  1.00 16.16 ? 214 ASP A OD2 1 
ATOM   855  N N   . SER A 1 110 ? 1.502   5.626   -4.012  1.00 19.55 ? 215 SER A N   1 
ATOM   856  C CA  . SER A 1 110 ? 0.902   4.350   -4.398  1.00 20.67 ? 215 SER A CA  1 
ATOM   857  C C   . SER A 1 110 ? 1.733   3.194   -3.837  1.00 20.03 ? 215 SER A C   1 
ATOM   858  O O   . SER A 1 110 ? 2.960   3.136   -4.037  1.00 20.10 ? 215 SER A O   1 
ATOM   859  C CB  . SER A 1 110 ? 0.867   4.209   -5.919  1.00 21.16 ? 215 SER A CB  1 
ATOM   860  O OG  . SER A 1 110 ? -0.430  4.466   -6.414  1.00 29.89 ? 215 SER A OG  1 
ATOM   861  N N   . GLY A 1 111 ? 1.047   2.262   -3.178  1.00 17.30 ? 216 GLY A N   1 
ATOM   862  C CA  . GLY A 1 111 ? 1.707   1.111   -2.612  1.00 15.05 ? 216 GLY A CA  1 
ATOM   863  C C   . GLY A 1 111 ? 2.035   1.276   -1.153  1.00 16.03 ? 216 GLY A C   1 
ATOM   864  O O   . GLY A 1 111 ? 2.533   0.336   -0.540  1.00 16.90 ? 216 GLY A O   1 
ATOM   865  N N   . ARG A 1 112 ? 1.830   2.482   -0.616  1.00 17.58 ? 217 ARG A N   1 
ATOM   866  C CA  . ARG A 1 112 ? 2.098   2.755   0.797   1.00 18.61 ? 217 ARG A CA  1 
ATOM   867  C C   . ARG A 1 112 ? 0.981   2.105   1.602   1.00 18.30 ? 217 ARG A C   1 
ATOM   868  O O   . ARG A 1 112 ? -0.186  2.148   1.200   1.00 18.98 ? 217 ARG A O   1 
ATOM   869  C CB  . ARG A 1 112 ? 2.129   4.272   1.116   1.00 17.21 ? 217 ARG A CB  1 
ATOM   870  C CG  . ARG A 1 112 ? 3.034   5.108   0.250   1.00 17.56 ? 217 ARG A CG  1 
ATOM   871  C CD  . ARG A 1 112 ? 3.342   6.476   0.842   1.00 16.51 ? 217 ARG A CD  1 
ATOM   872  N NE  . ARG A 1 112 ? 4.645   6.393   1.481   1.00 26.83 ? 217 ARG A NE  1 
ATOM   873  C CZ  . ARG A 1 112 ? 5.705   7.116   1.155   1.00 24.36 ? 217 ARG A CZ  1 
ATOM   874  N NH1 . ARG A 1 112 ? 5.625   8.025   0.210   1.00 25.22 ? 217 ARG A NH1 1 
ATOM   875  N NH2 . ARG A 1 112 ? 6.886   6.808   1.668   1.00 29.08 ? 217 ARG A NH2 1 
ATOM   876  N N   . PRO A 1 113 ? 1.326   1.455   2.724   1.00 17.99 ? 218 PRO A N   1 
ATOM   877  C CA  . PRO A 1 113 ? 0.310   0.808   3.558   1.00 15.85 ? 218 PRO A CA  1 
ATOM   878  C C   . PRO A 1 113 ? -0.278  1.747   4.606   1.00 18.94 ? 218 PRO A C   1 
ATOM   879  O O   . PRO A 1 113 ? 0.342   2.750   4.969   1.00 18.88 ? 218 PRO A O   1 
ATOM   880  C CB  . PRO A 1 113 ? 1.100   -0.308  4.240   1.00 16.93 ? 218 PRO A CB  1 
ATOM   881  C CG  . PRO A 1 113 ? 2.432   0.350   4.495   1.00 16.18 ? 218 PRO A CG  1 
ATOM   882  C CD  . PRO A 1 113 ? 2.688   1.103   3.169   1.00 17.48 ? 218 PRO A CD  1 
ATOM   883  N N   . ILE A 1 114 ? -1.519  1.479   5.009   1.00 18.19 ? 219 ILE A N   1 
ATOM   884  C CA  . ILE A 1 114 ? -2.157  2.241   6.078   1.00 16.00 ? 219 ILE A CA  1 
ATOM   885  C C   . ILE A 1 114 ? -2.148  1.248   7.252   1.00 17.69 ? 219 ILE A C   1 
ATOM   886  O O   . ILE A 1 114 ? -2.562  0.090   7.079   1.00 16.21 ? 219 ILE A O   1 
ATOM   887  C CB  . ILE A 1 114 ? -3.609  2.628   5.747   1.00 13.60 ? 219 ILE A CB  1 
ATOM   888  C CG1 . ILE A 1 114 ? -3.649  3.592   4.560   1.00 12.69 ? 219 ILE A CG1 1 
ATOM   889  C CG2 . ILE A 1 114 ? -4.263  3.277   6.955   1.00 9.35  ? 219 ILE A CG2 1 
ATOM   890  C CD1 . ILE A 1 114 ? -5.025  3.710   3.886   1.00 8.97  ? 219 ILE A CD1 1 
ATOM   891  N N   . MET A 1 115 ? -1.615  1.670   8.404   1.00 16.61 ? 220 MET A N   1 
ATOM   892  C CA  . MET A 1 115 ? -1.548  0.799   9.575   1.00 19.80 ? 220 MET A CA  1 
ATOM   893  C C   . MET A 1 115 ? -2.311  1.188   10.832  1.00 21.18 ? 220 MET A C   1 
ATOM   894  O O   . MET A 1 115 ? -2.799  2.310   10.986  1.00 20.91 ? 220 MET A O   1 
ATOM   895  C CB  . MET A 1 115 ? -0.100  0.521   9.984   1.00 22.84 ? 220 MET A CB  1 
ATOM   896  C CG  . MET A 1 115 ? 0.962   1.307   9.251   1.00 27.59 ? 220 MET A CG  1 
ATOM   897  S SD  . MET A 1 115 ? 2.000   0.148   8.368   1.00 34.62 ? 220 MET A SD  1 
ATOM   898  C CE  . MET A 1 115 ? 2.572   -0.864  9.636   1.00 30.44 ? 220 MET A CE  1 
ATOM   899  N N   . ASP A 1 116 ? -2.438  0.210   11.723  1.00 22.42 ? 221 ASP A N   1 
ATOM   900  C CA  . ASP A 1 116 ? -3.083  0.417   13.013  1.00 20.57 ? 221 ASP A CA  1 
ATOM   901  C C   . ASP A 1 116 ? -1.981  0.504   14.066  1.00 19.51 ? 221 ASP A C   1 
ATOM   902  O O   . ASP A 1 116 ? -0.816  0.227   13.777  1.00 22.32 ? 221 ASP A O   1 
ATOM   903  C CB  . ASP A 1 116 ? -4.124  -0.679  13.316  1.00 18.71 ? 221 ASP A CB  1 
ATOM   904  C CG  . ASP A 1 116 ? -3.523  -2.074  13.525  1.00 16.89 ? 221 ASP A CG  1 
ATOM   905  O OD1 . ASP A 1 116 ? -2.297  -2.261  13.608  1.00 17.59 ? 221 ASP A OD1 1 
ATOM   906  O OD2 . ASP A 1 116 ? -4.331  -3.008  13.639  1.00 17.73 ? 221 ASP A OD2 1 
ATOM   907  N N   . ASN A 1 117 ? -2.339  0.880   15.284  1.00 22.03 ? 222 ASN A N   1 
ATOM   908  C CA  . ASN A 1 117 ? -1.357  1.039   16.343  1.00 21.50 ? 222 ASN A CA  1 
ATOM   909  C C   . ASN A 1 117 ? -0.560  -0.196  16.717  1.00 25.84 ? 222 ASN A C   1 
ATOM   910  O O   . ASN A 1 117 ? 0.550   -0.075  17.242  1.00 30.82 ? 222 ASN A O   1 
ATOM   911  C CB  . ASN A 1 117 ? -2.000  1.679   17.568  1.00 21.28 ? 222 ASN A CB  1 
ATOM   912  C CG  . ASN A 1 117 ? -2.544  3.063   17.265  1.00 22.73 ? 222 ASN A CG  1 
ATOM   913  O OD1 . ASN A 1 117 ? -2.086  3.735   16.337  1.00 25.97 ? 222 ASN A OD1 1 
ATOM   914  N ND2 . ASN A 1 117 ? -3.532  3.488   18.027  1.00 20.20 ? 222 ASN A ND2 1 
ATOM   915  N N   . SER A 1 118 ? -1.078  -1.380  16.398  1.00 25.91 ? 223 SER A N   1 
ATOM   916  C CA  . SER A 1 118 ? -0.359  -2.602  16.721  1.00 24.73 ? 223 SER A CA  1 
ATOM   917  C C   . SER A 1 118 ? 0.589   -2.960  15.611  1.00 22.46 ? 223 SER A C   1 
ATOM   918  O O   . SER A 1 118 ? 1.217   -4.006  15.645  1.00 20.29 ? 223 SER A O   1 
ATOM   919  C CB  . SER A 1 118 ? -1.310  -3.747  17.046  1.00 24.69 ? 223 SER A CB  1 
ATOM   920  O OG  . SER A 1 118 ? -2.302  -3.844  16.057  1.00 42.30 ? 223 SER A OG  1 
ATOM   921  N N   . GLY A 1 119 ? 0.651   -2.085  14.610  1.00 22.39 ? 224 GLY A N   1 
ATOM   922  C CA  . GLY A 1 119 ? 1.568   -2.266  13.497  1.00 21.24 ? 224 GLY A CA  1 
ATOM   923  C C   . GLY A 1 119 ? 1.184   -3.185  12.362  1.00 22.08 ? 224 GLY A C   1 
ATOM   924  O O   . GLY A 1 119 ? 2.043   -3.604  11.595  1.00 26.29 ? 224 GLY A O   1 
ATOM   925  N N   . ARG A 1 120 ? -0.099  -3.495  12.248  1.00 20.55 ? 225 ARG A N   1 
ATOM   926  C CA  . ARG A 1 120 ? -0.596  -4.359  11.198  1.00 18.08 ? 225 ARG A CA  1 
ATOM   927  C C   . ARG A 1 120 ? -1.106  -3.524  10.048  1.00 16.88 ? 225 ARG A C   1 
ATOM   928  O O   . ARG A 1 120 ? -1.546  -2.405  10.253  1.00 16.37 ? 225 ARG A O   1 
ATOM   929  C CB  . ARG A 1 120 ? -1.734  -5.224  11.733  1.00 17.00 ? 225 ARG A CB  1 
ATOM   930  C CG  . ARG A 1 120 ? -1.295  -6.197  12.793  1.00 21.06 ? 225 ARG A CG  1 
ATOM   931  C CD  . ARG A 1 120 ? -2.477  -6.896  13.416  1.00 27.80 ? 225 ARG A CD  1 
ATOM   932  N NE  . ARG A 1 120 ? -3.327  -5.943  14.118  1.00 33.85 ? 225 ARG A NE  1 
ATOM   933  C CZ  . ARG A 1 120 ? -4.429  -6.262  14.788  1.00 35.86 ? 225 ARG A CZ  1 
ATOM   934  N NH1 . ARG A 1 120 ? -4.834  -7.526  14.869  1.00 35.92 ? 225 ARG A NH1 1 
ATOM   935  N NH2 . ARG A 1 120 ? -5.156  -5.298  15.335  1.00 36.49 ? 225 ARG A NH2 1 
ATOM   936  N N   . VAL A 1 121 ? -1.027  -4.070  8.840   1.00 15.60 ? 226 VAL A N   1 
ATOM   937  C CA  . VAL A 1 121 ? -1.517  -3.397  7.654   1.00 15.73 ? 226 VAL A CA  1 
ATOM   938  C C   . VAL A 1 121 ? -3.013  -3.676  7.551   1.00 17.32 ? 226 VAL A C   1 
ATOM   939  O O   . VAL A 1 121 ? -3.495  -4.790  7.758   1.00 13.74 ? 226 VAL A O   1 
ATOM   940  C CB  . VAL A 1 121 ? -0.756  -3.823  6.378   1.00 18.78 ? 226 VAL A CB  1 
ATOM   941  C CG1 . VAL A 1 121 ? -1.261  -3.064  5.179   1.00 15.72 ? 226 VAL A CG1 1 
ATOM   942  C CG2 . VAL A 1 121 ? 0.724   -3.531  6.554   1.00 21.27 ? 226 VAL A CG2 1 
ATOM   943  N N   . VAL A 1 122 ? -3.720  -2.606  7.218   1.00 20.94 ? 227 VAL A N   1 
ATOM   944  C CA  . VAL A 1 122 ? -5.164  -2.531  7.114   1.00 16.44 ? 227 VAL A CA  1 
ATOM   945  C C   . VAL A 1 122 ? -5.605  -2.250  5.661   1.00 16.67 ? 227 VAL A C   1 
ATOM   946  O O   . VAL A 1 122 ? -6.691  -2.641  5.242   1.00 17.94 ? 227 VAL A O   1 
ATOM   947  C CB  . VAL A 1 122 ? -5.583  -1.422  8.124   1.00 16.60 ? 227 VAL A CB  1 
ATOM   948  C CG1 . VAL A 1 122 ? -6.725  -0.574  7.656   1.00 16.25 ? 227 VAL A CG1 1 
ATOM   949  C CG2 . VAL A 1 122 ? -5.832  -2.062  9.467   1.00 15.63 ? 227 VAL A CG2 1 
ATOM   950  N N   . ALA A 1 123 ? -4.733  -1.622  4.879   1.00 16.14 ? 228 ALA A N   1 
ATOM   951  C CA  . ALA A 1 123 ? -5.052  -1.319  3.493   1.00 18.35 ? 228 ALA A CA  1 
ATOM   952  C C   . ALA A 1 123 ? -3.814  -0.816  2.767   1.00 19.51 ? 228 ALA A C   1 
ATOM   953  O O   . ALA A 1 123 ? -2.822  -0.475  3.399   1.00 18.88 ? 228 ALA A O   1 
ATOM   954  C CB  . ALA A 1 123 ? -6.162  -0.277  3.428   1.00 19.77 ? 228 ALA A CB  1 
ATOM   955  N N   . ILE A 1 124 ? -3.859  -0.850  1.436   1.00 21.04 ? 229 ILE A N   1 
ATOM   956  C CA  . ILE A 1 124 ? -2.755  -0.384  0.590   1.00 18.59 ? 229 ILE A CA  1 
ATOM   957  C C   . ILE A 1 124 ? -3.337  0.700   -0.305  1.00 20.12 ? 229 ILE A C   1 
ATOM   958  O O   . ILE A 1 124 ? -4.402  0.513   -0.892  1.00 21.06 ? 229 ILE A O   1 
ATOM   959  C CB  . ILE A 1 124 ? -2.181  -1.522  -0.240  1.00 18.07 ? 229 ILE A CB  1 
ATOM   960  C CG1 . ILE A 1 124 ? -1.460  -2.507  0.689   1.00 21.19 ? 229 ILE A CG1 1 
ATOM   961  C CG2 . ILE A 1 124 ? -1.261  -0.988  -1.316  1.00 15.32 ? 229 ILE A CG2 1 
ATOM   962  C CD1 . ILE A 1 124 ? -0.978  -3.766  -0.015  1.00 21.23 ? 229 ILE A CD1 1 
ATOM   963  N N   . VAL A 1 125 ? -2.663  1.850   -0.344  1.00 20.16 ? 230 VAL A N   1 
ATOM   964  C CA  . VAL A 1 125 ? -3.107  3.019   -1.110  1.00 18.54 ? 230 VAL A CA  1 
ATOM   965  C C   . VAL A 1 125 ? -2.838  2.867   -2.597  1.00 18.10 ? 230 VAL A C   1 
ATOM   966  O O   . VAL A 1 125 ? -1.751  2.423   -2.988  1.00 19.15 ? 230 VAL A O   1 
ATOM   967  C CB  . VAL A 1 125 ? -2.418  4.322   -0.567  1.00 20.42 ? 230 VAL A CB  1 
ATOM   968  C CG1 . VAL A 1 125 ? -2.840  5.559   -1.353  1.00 14.62 ? 230 VAL A CG1 1 
ATOM   969  C CG2 . VAL A 1 125 ? -2.737  4.506   0.934   1.00 17.03 ? 230 VAL A CG2 1 
ATOM   970  N N   . LEU A 1 126 ? -3.820  3.254   -3.419  1.00 14.69 ? 231 LEU A N   1 
ATOM   971  C CA  . LEU A 1 126 ? -3.693  3.179   -4.872  1.00 14.50 ? 231 LEU A CA  1 
ATOM   972  C C   . LEU A 1 126 ? -3.769  4.561   -5.529  1.00 15.37 ? 231 LEU A C   1 
ATOM   973  O O   . LEU A 1 126 ? -3.085  4.839   -6.534  1.00 17.13 ? 231 LEU A O   1 
ATOM   974  C CB  . LEU A 1 126 ? -4.800  2.308   -5.470  1.00 10.43 ? 231 LEU A CB  1 
ATOM   975  C CG  . LEU A 1 126 ? -4.922  0.828   -5.142  1.00 10.02 ? 231 LEU A CG  1 
ATOM   976  C CD1 . LEU A 1 126 ? -6.145  0.371   -5.838  1.00 14.09 ? 231 LEU A CD1 1 
ATOM   977  C CD2 . LEU A 1 126 ? -3.702  0.014   -5.592  1.00 6.68  ? 231 LEU A CD2 1 
ATOM   978  N N   . GLY A 1 127 ? -4.660  5.389   -4.991  1.00 15.56 ? 232 GLY A N   1 
ATOM   979  C CA  . GLY A 1 127 ? -4.885  6.723   -5.521  1.00 14.60 ? 232 GLY A CA  1 
ATOM   980  C C   . GLY A 1 127 ? -5.913  7.440   -4.664  1.00 15.23 ? 232 GLY A C   1 
ATOM   981  O O   . GLY A 1 127 ? -6.300  6.918   -3.606  1.00 16.24 ? 232 GLY A O   1 
ATOM   982  N N   . GLY A 1 128 ? -6.375  8.605   -5.112  1.00 13.50 ? 233 GLY A N   1 
ATOM   983  C CA  . GLY A 1 128 ? -7.333  9.360   -4.329  1.00 13.44 ? 233 GLY A CA  1 
ATOM   984  C C   . GLY A 1 128 ? -8.263  10.266  -5.112  1.00 16.20 ? 233 GLY A C   1 
ATOM   985  O O   . GLY A 1 128 ? -7.971  10.659  -6.246  1.00 15.52 ? 233 GLY A O   1 
ATOM   986  N N   . ALA A 1 129 ? -9.385  10.602  -4.475  1.00 17.84 ? 234 ALA A N   1 
ATOM   987  C CA  . ALA A 1 129 ? -10.431 11.462  -5.033  1.00 17.98 ? 234 ALA A CA  1 
ATOM   988  C C   . ALA A 1 129 ? -10.730 12.579  -4.039  1.00 18.19 ? 234 ALA A C   1 
ATOM   989  O O   . ALA A 1 129 ? -11.233 12.316  -2.945  1.00 20.08 ? 234 ALA A O   1 
ATOM   990  C CB  . ALA A 1 129 ? -11.703 10.640  -5.253  1.00 15.24 ? 234 ALA A CB  1 
ATOM   991  N N   . ASP A 1 130 ? -10.426 13.817  -4.397  1.00 19.29 ? 235 ASP A N   1 
ATOM   992  C CA  . ASP A 1 130 ? -10.704 14.921  -3.484  1.00 24.21 ? 235 ASP A CA  1 
ATOM   993  C C   . ASP A 1 130 ? -12.182 15.207  -3.424  1.00 25.92 ? 235 ASP A C   1 
ATOM   994  O O   . ASP A 1 130 ? -12.833 15.343  -4.450  1.00 26.15 ? 235 ASP A O   1 
ATOM   995  C CB  . ASP A 1 130 ? -10.019 16.207  -3.921  1.00 26.27 ? 235 ASP A CB  1 
ATOM   996  C CG  . ASP A 1 130 ? -8.517  16.118  -3.890  1.00 29.12 ? 235 ASP A CG  1 
ATOM   997  O OD1 . ASP A 1 130 ? -7.952  15.441  -3.013  1.00 27.88 ? 235 ASP A OD1 1 
ATOM   998  O OD2 . ASP A 1 130 ? -7.898  16.764  -4.754  1.00 35.76 ? 235 ASP A OD2 1 
ATOM   999  N N   . GLU A 1 131 ? -12.709 15.304  -2.215  1.00 28.96 ? 236 GLU A N   1 
ATOM   1000 C CA  . GLU A 1 131 ? -14.106 15.618  -2.024  1.00 32.43 ? 236 GLU A CA  1 
ATOM   1001 C C   . GLU A 1 131 ? -14.138 16.678  -0.933  1.00 33.77 ? 236 GLU A C   1 
ATOM   1002 O O   . GLU A 1 131 ? -13.941 16.379  0.236   1.00 37.91 ? 236 GLU A O   1 
ATOM   1003 C CB  . GLU A 1 131 ? -14.870 14.369  -1.593  1.00 39.29 ? 236 GLU A CB  1 
ATOM   1004 C CG  . GLU A 1 131 ? -14.750 13.192  -2.575  1.00 49.78 ? 236 GLU A CG  1 
ATOM   1005 C CD  . GLU A 1 131 ? -15.491 11.918  -2.119  1.00 55.93 ? 236 GLU A CD  1 
ATOM   1006 O OE1 . GLU A 1 131 ? -16.273 11.984  -1.133  1.00 58.63 ? 236 GLU A OE1 1 
ATOM   1007 O OE2 . GLU A 1 131 ? -15.300 10.851  -2.763  1.00 57.04 ? 236 GLU A OE2 1 
ATOM   1008 N N   . GLY A 1 132 ? -14.302 17.934  -1.314  1.00 33.08 ? 237 GLY A N   1 
ATOM   1009 C CA  . GLY A 1 132 ? -14.354 18.989  -0.316  1.00 31.61 ? 237 GLY A CA  1 
ATOM   1010 C C   . GLY A 1 132 ? -13.034 19.250  0.362   1.00 31.49 ? 237 GLY A C   1 
ATOM   1011 O O   . GLY A 1 132 ? -12.049 19.497  -0.319  1.00 32.46 ? 237 GLY A O   1 
ATOM   1012 N N   . THR A 1 133 ? -13.012 19.227  1.694   1.00 29.06 ? 238 THR A N   1 
ATOM   1013 C CA  . THR A 1 133 ? -11.774 19.467  2.430   1.00 30.32 ? 238 THR A CA  1 
ATOM   1014 C C   . THR A 1 133 ? -10.893 18.219  2.598   1.00 27.89 ? 238 THR A C   1 
ATOM   1015 O O   . THR A 1 133 ? -9.801  18.289  3.152   1.00 26.81 ? 238 THR A O   1 
ATOM   1016 C CB  . THR A 1 133 ? -12.037 20.139  3.822   1.00 31.50 ? 238 THR A CB  1 
ATOM   1017 O OG1 . THR A 1 133 ? -13.024 19.398  4.544   1.00 36.01 ? 238 THR A OG1 1 
ATOM   1018 C CG2 . THR A 1 133 ? -12.528 21.556  3.646   1.00 30.49 ? 238 THR A CG2 1 
ATOM   1019 N N   . ARG A 1 134 ? -11.346 17.097  2.056   1.00 26.54 ? 239 ARG A N   1 
ATOM   1020 C CA  . ARG A 1 134 ? -10.607 15.844  2.166   1.00 27.64 ? 239 ARG A CA  1 
ATOM   1021 C C   . ARG A 1 134 ? -10.387 15.092  0.839   1.00 26.97 ? 239 ARG A C   1 
ATOM   1022 O O   . ARG A 1 134 ? -10.813 15.539  -0.241  1.00 28.12 ? 239 ARG A O   1 
ATOM   1023 C CB  . ARG A 1 134 ? -11.280 14.938  3.222   1.00 26.61 ? 239 ARG A CB  1 
ATOM   1024 C CG  . ARG A 1 134 ? -11.351 15.638  4.584   1.00 28.67 ? 239 ARG A CG  1 
ATOM   1025 C CD  . ARG A 1 134 ? -11.894 14.800  5.698   1.00 30.17 ? 239 ARG A CD  1 
ATOM   1026 N NE  . ARG A 1 134 ? -10.975 13.742  6.104   1.00 33.99 ? 239 ARG A NE  1 
ATOM   1027 C CZ  . ARG A 1 134 ? -9.746  13.947  6.563   1.00 32.58 ? 239 ARG A CZ  1 
ATOM   1028 N NH1 . ARG A 1 134 ? -9.264  15.185  6.670   1.00 31.91 ? 239 ARG A NH1 1 
ATOM   1029 N NH2 . ARG A 1 134 ? -9.027  12.913  6.978   1.00 33.74 ? 239 ARG A NH2 1 
ATOM   1030 N N   . THR A 1 135 ? -9.621  14.005  0.933   1.00 24.15 ? 240 THR A N   1 
ATOM   1031 C CA  . THR A 1 135 ? -9.304  13.142  -0.201  1.00 21.79 ? 240 THR A CA  1 
ATOM   1032 C C   . THR A 1 135 ? -9.719  11.736  0.245   1.00 20.73 ? 240 THR A C   1 
ATOM   1033 O O   . THR A 1 135 ? -9.400  11.333  1.359   1.00 19.54 ? 240 THR A O   1 
ATOM   1034 C CB  . THR A 1 135 ? -7.754  13.171  -0.536  1.00 19.50 ? 240 THR A CB  1 
ATOM   1035 O OG1 . THR A 1 135 ? -7.327  14.521  -0.753  1.00 18.03 ? 240 THR A OG1 1 
ATOM   1036 C CG2 . THR A 1 135 ? -7.435  12.353  -1.779  1.00 12.26 ? 240 THR A CG2 1 
ATOM   1037 N N   . ALA A 1 136 ? -10.515 11.053  -0.575  1.00 20.95 ? 241 ALA A N   1 
ATOM   1038 C CA  . ALA A 1 136 ? -10.975 9.695   -0.283  1.00 20.67 ? 241 ALA A CA  1 
ATOM   1039 C C   . ALA A 1 136 ? -10.050 8.786   -1.066  1.00 22.99 ? 241 ALA A C   1 
ATOM   1040 O O   . ALA A 1 136 ? -9.858  8.959   -2.280  1.00 23.33 ? 241 ALA A O   1 
ATOM   1041 C CB  . ALA A 1 136 ? -12.428 9.495   -0.731  1.00 16.59 ? 241 ALA A CB  1 
ATOM   1042 N N   . LEU A 1 137 ? -9.491  7.796   -0.378  1.00 21.95 ? 242 LEU A N   1 
ATOM   1043 C CA  . LEU A 1 137 ? -8.537  6.899   -0.995  1.00 18.35 ? 242 LEU A CA  1 
ATOM   1044 C C   . LEU A 1 137 ? -9.085  5.672   -1.711  1.00 18.91 ? 242 LEU A C   1 
ATOM   1045 O O   . LEU A 1 137 ? -10.120 5.123   -1.358  1.00 22.37 ? 242 LEU A O   1 
ATOM   1046 C CB  . LEU A 1 137 ? -7.493  6.479   0.045   1.00 15.45 ? 242 LEU A CB  1 
ATOM   1047 C CG  . LEU A 1 137 ? -6.829  7.585   0.891   1.00 16.05 ? 242 LEU A CG  1 
ATOM   1048 C CD1 . LEU A 1 137 ? -6.083  6.984   2.087   1.00 14.23 ? 242 LEU A CD1 1 
ATOM   1049 C CD2 . LEU A 1 137 ? -5.913  8.437   0.057   1.00 14.67 ? 242 LEU A CD2 1 
ATOM   1050 N N   . SER A 1 138 ? -8.430  5.317   -2.802  1.00 18.83 ? 243 SER A N   1 
ATOM   1051 C CA  . SER A 1 138 ? -8.769  4.118   -3.524  1.00 17.74 ? 243 SER A CA  1 
ATOM   1052 C C   . SER A 1 138 ? -7.756  3.183   -2.875  1.00 18.73 ? 243 SER A C   1 
ATOM   1053 O O   . SER A 1 138 ? -6.548  3.442   -2.925  1.00 19.13 ? 243 SER A O   1 
ATOM   1054 C CB  . SER A 1 138 ? -8.460  4.270   -5.008  1.00 16.57 ? 243 SER A CB  1 
ATOM   1055 O OG  . SER A 1 138 ? -8.645  3.035   -5.681  1.00 19.82 ? 243 SER A OG  1 
ATOM   1056 N N   . VAL A 1 139 ? -8.244  2.156   -2.195  1.00 18.51 ? 244 VAL A N   1 
ATOM   1057 C CA  . VAL A 1 139 ? -7.366  1.215   -1.515  1.00 20.54 ? 244 VAL A CA  1 
ATOM   1058 C C   . VAL A 1 139 ? -7.678  -0.232  -1.845  1.00 20.08 ? 244 VAL A C   1 
ATOM   1059 O O   . VAL A 1 139 ? -8.668  -0.538  -2.500  1.00 21.80 ? 244 VAL A O   1 
ATOM   1060 C CB  . VAL A 1 139 ? -7.471  1.376   0.036   1.00 20.94 ? 244 VAL A CB  1 
ATOM   1061 C CG1 . VAL A 1 139 ? -6.848  2.709   0.496   1.00 19.83 ? 244 VAL A CG1 1 
ATOM   1062 C CG2 . VAL A 1 139 ? -8.922  1.326   0.444   1.00 19.13 ? 244 VAL A CG2 1 
ATOM   1063 N N   . VAL A 1 140 ? -6.763  -1.112  -1.474  1.00 21.25 ? 245 VAL A N   1 
ATOM   1064 C CA  . VAL A 1 140 ? -6.983  -2.544  -1.634  1.00 21.86 ? 245 VAL A CA  1 
ATOM   1065 C C   . VAL A 1 140 ? -6.975  -3.070  -0.201  1.00 22.47 ? 245 VAL A C   1 
ATOM   1066 O O   . VAL A 1 140 ? -6.197  -2.595  0.645   1.00 23.21 ? 245 VAL A O   1 
ATOM   1067 C CB  . VAL A 1 140 ? -5.891  -3.251  -2.490  1.00 20.05 ? 245 VAL A CB  1 
ATOM   1068 C CG1 . VAL A 1 140 ? -5.931  -4.748  -2.284  1.00 20.53 ? 245 VAL A CG1 1 
ATOM   1069 C CG2 . VAL A 1 140 ? -6.142  -2.986  -3.943  1.00 21.18 ? 245 VAL A CG2 1 
ATOM   1070 N N   . THR A 1 141 ? -7.927  -3.942  0.099   1.00 21.35 ? 246 THR A N   1 
ATOM   1071 C CA  . THR A 1 141 ? -8.036  -4.561  1.410   1.00 22.77 ? 246 THR A CA  1 
ATOM   1072 C C   . THR A 1 141 ? -8.462  -5.994  1.178   1.00 25.84 ? 246 THR A C   1 
ATOM   1073 O O   . THR A 1 141 ? -8.806  -6.363  0.057   1.00 29.48 ? 246 THR A O   1 
ATOM   1074 C CB  . THR A 1 141 ? -9.130  -3.902  2.245   1.00 21.10 ? 246 THR A CB  1 
ATOM   1075 O OG1 . THR A 1 141 ? -10.290 -3.727  1.436   1.00 25.17 ? 246 THR A OG1 1 
ATOM   1076 C CG2 . THR A 1 141 ? -8.677  -2.552  2.776   1.00 16.72 ? 246 THR A CG2 1 
ATOM   1077 N N   . TRP A 1 142 ? -8.379  -6.821  2.210   1.00 28.20 ? 247 TRP A N   1 
ATOM   1078 C CA  . TRP A 1 142 ? -8.831  -8.212  2.112   1.00 29.04 ? 247 TRP A CA  1 
ATOM   1079 C C   . TRP A 1 142 ? -9.856  -8.402  3.224   1.00 34.02 ? 247 TRP A C   1 
ATOM   1080 O O   . TRP A 1 142 ? -9.777  -7.710  4.259   1.00 33.40 ? 247 TRP A O   1 
ATOM   1081 C CB  . TRP A 1 142 ? -7.677  -9.187  2.316   1.00 24.12 ? 247 TRP A CB  1 
ATOM   1082 C CG  . TRP A 1 142 ? -6.731  -9.210  1.183   1.00 24.50 ? 247 TRP A CG  1 
ATOM   1083 C CD1 . TRP A 1 142 ? -6.722  -10.097 0.130   1.00 23.02 ? 247 TRP A CD1 1 
ATOM   1084 C CD2 . TRP A 1 142 ? -5.671  -8.272  0.930   1.00 22.79 ? 247 TRP A CD2 1 
ATOM   1085 N NE1 . TRP A 1 142 ? -5.730  -9.757  -0.761  1.00 21.44 ? 247 TRP A NE1 1 
ATOM   1086 C CE2 . TRP A 1 142 ? -5.070  -8.642  -0.301  1.00 24.30 ? 247 TRP A CE2 1 
ATOM   1087 C CE3 . TRP A 1 142 ? -5.175  -7.150  1.618   1.00 20.37 ? 247 TRP A CE3 1 
ATOM   1088 C CZ2 . TRP A 1 142 ? -3.998  -7.923  -0.860  1.00 22.73 ? 247 TRP A CZ2 1 
ATOM   1089 C CZ3 . TRP A 1 142 ? -4.111  -6.443  1.061   1.00 18.61 ? 247 TRP A CZ3 1 
ATOM   1090 C CH2 . TRP A 1 142 ? -3.537  -6.832  -0.166  1.00 18.28 ? 247 TRP A CH2 1 
ATOM   1091 N N   . ASN A 1 143 ? -10.852 -9.269  3.000   1.00 37.63 ? 248 ASN A N   1 
ATOM   1092 C CA  . ASN A 1 143 ? -11.840 -9.527  4.050   1.00 38.75 ? 248 ASN A CA  1 
ATOM   1093 C C   . ASN A 1 143 ? -11.449 -10.714 4.919   1.00 39.54 ? 248 ASN A C   1 
ATOM   1094 O O   . ASN A 1 143 ? -10.449 -11.403 4.660   1.00 34.29 ? 248 ASN A O   1 
ATOM   1095 C CB  . ASN A 1 143 ? -13.265 -9.690  3.516   1.00 40.05 ? 248 ASN A CB  1 
ATOM   1096 C CG  . ASN A 1 143 ? -13.434 -10.894 2.611   1.00 41.54 ? 248 ASN A CG  1 
ATOM   1097 O OD1 . ASN A 1 143 ? -14.213 -10.841 1.660   1.00 45.76 ? 248 ASN A OD1 1 
ATOM   1098 N ND2 . ASN A 1 143 ? -12.747 -11.992 2.913   1.00 40.20 ? 248 ASN A ND2 1 
ATOM   1099 N N   . SER A 1 144 ? -12.283 -10.980 5.915   1.00 43.36 ? 249 SER A N   1 
ATOM   1100 C CA  . SER A 1 144 ? -12.033 -12.058 6.860   1.00 47.07 ? 249 SER A CA  1 
ATOM   1101 C C   . SER A 1 144 ? -11.775 -13.419 6.235   1.00 46.66 ? 249 SER A C   1 
ATOM   1102 O O   . SER A 1 144 ? -11.074 -14.238 6.832   1.00 47.74 ? 249 SER A O   1 
ATOM   1103 C CB  . SER A 1 144 ? -13.161 -12.120 7.880   1.00 49.39 ? 249 SER A CB  1 
ATOM   1104 O OG  . SER A 1 144 ? -13.256 -10.871 8.552   1.00 57.25 ? 249 SER A OG  1 
ATOM   1105 N N   . LYS A 1 145 ? -12.359 -13.672 5.061   1.00 45.38 ? 250 LYS A N   1 
ATOM   1106 C CA  . LYS A 1 145 ? -12.127 -14.938 4.362   1.00 43.93 ? 250 LYS A CA  1 
ATOM   1107 C C   . LYS A 1 145 ? -10.994 -14.837 3.334   1.00 43.36 ? 250 LYS A C   1 
ATOM   1108 O O   . LYS A 1 145 ? -10.839 -15.704 2.472   1.00 42.24 ? 250 LYS A O   1 
ATOM   1109 C CB  . LYS A 1 145 ? -13.396 -15.486 3.737   1.00 41.12 ? 250 LYS A CB  1 
ATOM   1110 C CG  . LYS A 1 145 ? -14.355 -16.022 4.773   1.00 47.38 ? 250 LYS A CG  1 
ATOM   1111 C CD  . LYS A 1 145 ? -13.773 -17.186 5.589   1.00 52.89 ? 250 LYS A CD  1 
ATOM   1112 C CE  . LYS A 1 145 ? -13.860 -18.541 4.844   1.00 58.11 ? 250 LYS A CE  1 
ATOM   1113 N NZ  . LYS A 1 145 ? -13.570 -19.772 5.689   1.00 56.26 ? 250 LYS A NZ  1 
ATOM   1114 N N   . GLY A 1 146 ? -10.200 -13.774 3.461   1.00 41.14 ? 251 GLY A N   1 
ATOM   1115 C CA  . GLY A 1 146 ? -9.056  -13.562 2.594   1.00 39.16 ? 251 GLY A CA  1 
ATOM   1116 C C   . GLY A 1 146 ? -9.303  -13.109 1.173   1.00 37.09 ? 251 GLY A C   1 
ATOM   1117 O O   . GLY A 1 146 ? -8.386  -13.150 0.361   1.00 36.64 ? 251 GLY A O   1 
ATOM   1118 N N   . LYS A 1 147 ? -10.530 -12.713 0.859   1.00 35.29 ? 252 LYS A N   1 
ATOM   1119 C CA  . LYS A 1 147 ? -10.839 -12.240 -0.480  1.00 35.22 ? 252 LYS A CA  1 
ATOM   1120 C C   . LYS A 1 147 ? -10.360 -10.800 -0.629  1.00 31.50 ? 252 LYS A C   1 
ATOM   1121 O O   . LYS A 1 147 ? -10.523 -9.990  0.274   1.00 29.85 ? 252 LYS A O   1 
ATOM   1122 C CB  . LYS A 1 147 ? -12.353 -12.316 -0.767  1.00 39.84 ? 252 LYS A CB  1 
ATOM   1123 C CG  . LYS A 1 147 ? -12.708 -12.016 -2.245  1.00 45.94 ? 252 LYS A CG  1 
ATOM   1124 C CD  . LYS A 1 147 ? -14.206 -11.948 -2.534  1.00 49.44 ? 252 LYS A CD  1 
ATOM   1125 C CE  . LYS A 1 147 ? -14.836 -10.613 -2.093  1.00 55.30 ? 252 LYS A CE  1 
ATOM   1126 N NZ  . LYS A 1 147 ? -14.427 -9.408  -2.903  1.00 55.99 ? 252 LYS A NZ  1 
ATOM   1127 N N   . THR A 1 148 ? -9.742  -10.507 -1.769  1.00 31.36 ? 253 THR A N   1 
ATOM   1128 C CA  . THR A 1 148 ? -9.252  -9.167  -2.083  1.00 30.20 ? 253 THR A CA  1 
ATOM   1129 C C   . THR A 1 148 ? -10.428 -8.325  -2.471  1.00 29.03 ? 253 THR A C   1 
ATOM   1130 O O   . THR A 1 148 ? -11.305 -8.782  -3.203  1.00 31.62 ? 253 THR A O   1 
ATOM   1131 C CB  . THR A 1 148 ? -8.339  -9.148  -3.295  1.00 30.75 ? 253 THR A CB  1 
ATOM   1132 O OG1 . THR A 1 148 ? -7.234  -10.023 -3.070  1.00 32.83 ? 253 THR A OG1 1 
ATOM   1133 C CG2 . THR A 1 148 ? -7.845  -7.720  -3.552  1.00 29.15 ? 253 THR A CG2 1 
ATOM   1134 N N   . ILE A 1 149 ? -10.394 -7.073  -2.054  1.00 23.55 ? 254 ILE A N   1 
ATOM   1135 C CA  . ILE A 1 149 ? -11.458 -6.146  -2.350  1.00 23.22 ? 254 ILE A CA  1 
ATOM   1136 C C   . ILE A 1 149 ? -10.819 -4.862  -2.815  1.00 26.09 ? 254 ILE A C   1 
ATOM   1137 O O   . ILE A 1 149 ? -9.681  -4.573  -2.460  1.00 30.52 ? 254 ILE A O   1 
ATOM   1138 C CB  . ILE A 1 149 ? -12.326 -5.910  -1.101  1.00 23.06 ? 254 ILE A CB  1 
ATOM   1139 C CG1 . ILE A 1 149 ? -13.149 -7.162  -0.819  1.00 23.74 ? 254 ILE A CG1 1 
ATOM   1140 C CG2 . ILE A 1 149 ? -13.212 -4.696  -1.255  1.00 18.69 ? 254 ILE A CG2 1 
ATOM   1141 C CD1 . ILE A 1 149 ? -13.748 -7.168  0.518   1.00 24.47 ? 254 ILE A CD1 1 
ATOM   1142 N N   . LYS A 1 150 ? -11.512 -4.120  -3.669  1.00 28.40 ? 255 LYS A N   1 
ATOM   1143 C CA  . LYS A 1 150 ? -10.976 -2.860  -4.149  1.00 28.51 ? 255 LYS A CA  1 
ATOM   1144 C C   . LYS A 1 150 ? -12.051 -1.787  -4.147  1.00 28.44 ? 255 LYS A C   1 
ATOM   1145 O O   . LYS A 1 150 ? -13.111 -1.970  -4.730  1.00 32.20 ? 255 LYS A O   1 
ATOM   1146 C CB  . LYS A 1 150 ? -10.369 -3.030  -5.542  1.00 28.58 ? 255 LYS A CB  1 
ATOM   1147 C CG  . LYS A 1 150 ? -9.752  -1.766  -6.097  1.00 30.72 ? 255 LYS A CG  1 
ATOM   1148 C CD  . LYS A 1 150 ? -9.139  -2.034  -7.435  1.00 33.31 ? 255 LYS A CD  1 
ATOM   1149 C CE  . LYS A 1 150 ? -9.082  -0.764  -8.262  1.00 38.01 ? 255 LYS A CE  1 
ATOM   1150 N NZ  . LYS A 1 150 ? -10.430 -0.401  -8.791  1.00 38.96 ? 255 LYS A NZ  1 
ATOM   1151 N N   . THR A 1 151 ? -11.783 -0.696  -3.433  1.00 27.77 ? 256 THR A N   1 
ATOM   1152 C CA  . THR A 1 151 ? -12.689 0.432   -3.338  1.00 27.62 ? 256 THR A CA  1 
ATOM   1153 C C   . THR A 1 151 ? -12.073 1.635   -3.999  1.00 27.83 ? 256 THR A C   1 
ATOM   1154 O O   . THR A 1 151 ? -11.024 2.116   -3.600  1.00 29.97 ? 256 THR A O   1 
ATOM   1155 C CB  . THR A 1 151 ? -13.005 0.749   -1.914  1.00 28.79 ? 256 THR A CB  1 
ATOM   1156 O OG1 . THR A 1 151 ? -13.565 -0.425  -1.326  1.00 38.29 ? 256 THR A OG1 1 
ATOM   1157 C CG2 . THR A 1 151 ? -14.015 1.872   -1.828  1.00 29.98 ? 256 THR A CG2 1 
ATOM   1158 N N   . THR A 1 152 ? -12.796 2.160   -4.972  1.00 29.75 ? 257 THR A N   1 
ATOM   1159 C CA  . THR A 1 152 ? -12.357 3.283   -5.768  1.00 30.55 ? 257 THR A CA  1 
ATOM   1160 C C   . THR A 1 152 ? -13.383 4.392   -5.815  1.00 32.76 ? 257 THR A C   1 
ATOM   1161 O O   . THR A 1 152 ? -14.458 4.226   -6.384  1.00 32.93 ? 257 THR A O   1 
ATOM   1162 C CB  . THR A 1 152 ? -12.119 2.809   -7.204  1.00 28.19 ? 257 THR A CB  1 
ATOM   1163 O OG1 . THR A 1 152 ? -11.083 1.820   -7.196  1.00 30.01 ? 257 THR A OG1 1 
ATOM   1164 C CG2 . THR A 1 152 ? -11.757 3.964   -8.103  1.00 24.92 ? 257 THR A CG2 1 
ATOM   1165 N N   . PRO A 1 153 ? -13.108 5.509   -5.134  1.00 34.99 ? 258 PRO A N   1 
ATOM   1166 C CA  . PRO A 1 153 ? -14.105 6.584   -5.201  1.00 34.25 ? 258 PRO A CA  1 
ATOM   1167 C C   . PRO A 1 153 ? -14.244 7.196   -6.616  1.00 35.75 ? 258 PRO A C   1 
ATOM   1168 O O   . PRO A 1 153 ? -13.421 6.956   -7.511  1.00 32.03 ? 258 PRO A O   1 
ATOM   1169 C CB  . PRO A 1 153 ? -13.629 7.595   -4.131  1.00 30.96 ? 258 PRO A CB  1 
ATOM   1170 C CG  . PRO A 1 153 ? -12.218 7.191   -3.806  1.00 35.64 ? 258 PRO A CG  1 
ATOM   1171 C CD  . PRO A 1 153 ? -12.181 5.693   -4.002  1.00 33.79 ? 258 PRO A CD  1 
ATOM   1172 N N   . GLU A 1 154 ? -15.353 7.914   -6.811  1.00 39.86 ? 259 GLU A N   1 
ATOM   1173 C CA  . GLU A 1 154 ? -15.700 8.583   -8.063  1.00 41.19 ? 259 GLU A CA  1 
ATOM   1174 C C   . GLU A 1 154 ? -14.590 9.568   -8.363  1.00 37.28 ? 259 GLU A C   1 
ATOM   1175 O O   . GLU A 1 154 ? -14.109 10.249  -7.466  1.00 37.68 ? 259 GLU A O   1 
ATOM   1176 C CB  . GLU A 1 154 ? -17.036 9.339   -7.881  1.00 51.90 ? 259 GLU A CB  1 
ATOM   1177 C CG  . GLU A 1 154 ? -17.604 10.075  -9.132  1.00 62.80 ? 259 GLU A CG  1 
ATOM   1178 C CD  . GLU A 1 154 ? -18.632 11.197  -8.794  1.00 68.11 ? 259 GLU A CD  1 
ATOM   1179 O OE1 . GLU A 1 154 ? -19.716 10.901  -8.227  1.00 69.25 ? 259 GLU A OE1 1 
ATOM   1180 O OE2 . GLU A 1 154 ? -18.353 12.381  -9.117  1.00 70.53 ? 259 GLU A OE2 1 
ATOM   1181 N N   . GLY A 1 155 ? -14.160 9.609   -9.612  1.00 33.06 ? 260 GLY A N   1 
ATOM   1182 C CA  . GLY A 1 155 ? -13.118 10.534  -9.990  1.00 32.66 ? 260 GLY A CA  1 
ATOM   1183 C C   . GLY A 1 155 ? -11.747 10.300  -9.374  1.00 33.64 ? 260 GLY A C   1 
ATOM   1184 O O   . GLY A 1 155 ? -10.943 11.238  -9.313  1.00 35.77 ? 260 GLY A O   1 
ATOM   1185 N N   . THR A 1 156 ? -11.470 9.075   -8.920  1.00 30.39 ? 261 THR A N   1 
ATOM   1186 C CA  . THR A 1 156 ? -10.170 8.765   -8.339  1.00 27.26 ? 261 THR A CA  1 
ATOM   1187 C C   . THR A 1 156 ? -9.035  8.942   -9.350  1.00 26.63 ? 261 THR A C   1 
ATOM   1188 O O   . THR A 1 156 ? -9.196  8.624   -10.520 1.00 28.64 ? 261 THR A O   1 
ATOM   1189 C CB  . THR A 1 156 ? -10.100 7.321   -7.835  1.00 24.09 ? 261 THR A CB  1 
ATOM   1190 O OG1 . THR A 1 156 ? -10.948 7.180   -6.709  1.00 26.33 ? 261 THR A OG1 1 
ATOM   1191 C CG2 . THR A 1 156 ? -8.692  6.965   -7.399  1.00 21.60 ? 261 THR A CG2 1 
ATOM   1192 N N   . GLU A 1 157 ? -7.910  9.487   -8.904  1.00 24.50 ? 262 GLU A N   1 
ATOM   1193 C CA  . GLU A 1 157 ? -6.770  9.620   -9.769  1.00 25.03 ? 262 GLU A CA  1 
ATOM   1194 C C   . GLU A 1 157 ? -5.690  8.732   -9.168  1.00 23.80 ? 262 GLU A C   1 
ATOM   1195 O O   . GLU A 1 157 ? -5.436  8.759   -7.975  1.00 25.30 ? 262 GLU A O   1 
ATOM   1196 C CB  . GLU A 1 157 ? -6.332  11.062  -9.877  1.00 27.84 ? 262 GLU A CB  1 
ATOM   1197 C CG  . GLU A 1 157 ? -5.487  11.520  -8.765  1.00 42.54 ? 262 GLU A CG  1 
ATOM   1198 C CD  . GLU A 1 157 ? -5.711  12.975  -8.465  1.00 50.07 ? 262 GLU A CD  1 
ATOM   1199 O OE1 . GLU A 1 157 ? -5.493  13.816  -9.386  1.00 50.87 ? 262 GLU A OE1 1 
ATOM   1200 O OE2 . GLU A 1 157 ? -6.118  13.261  -7.305  1.00 54.71 ? 262 GLU A OE2 1 
ATOM   1201 N N   . GLU A 1 158 ? -5.144  7.855   -9.992  1.00 24.18 ? 263 GLU A N   1 
ATOM   1202 C CA  . GLU A 1 158 ? -4.124  6.926   -9.573  1.00 24.29 ? 263 GLU A CA  1 
ATOM   1203 C C   . GLU A 1 158 ? -2.797  7.570   -9.243  1.00 26.15 ? 263 GLU A C   1 
ATOM   1204 O O   . GLU A 1 158 ? -2.230  8.249   -10.086 1.00 31.61 ? 263 GLU A O   1 
ATOM   1205 C CB  . GLU A 1 158 ? -3.923  5.928   -10.674 1.00 24.01 ? 263 GLU A CB  1 
ATOM   1206 C CG  . GLU A 1 158 ? -5.090  5.047   -10.858 1.00 23.41 ? 263 GLU A CG  1 
ATOM   1207 C CD  . GLU A 1 158 ? -4.872  4.068   -11.964 1.00 26.96 ? 263 GLU A CD  1 
ATOM   1208 O OE1 . GLU A 1 158 ? -4.066  4.358   -12.882 1.00 27.47 ? 263 GLU A OE1 1 
ATOM   1209 O OE2 . GLU A 1 158 ? -5.495  2.995   -11.902 1.00 30.27 ? 263 GLU A OE2 1 
ATOM   1210 N N   . TRP A 1 159 ? -2.268  7.312   -8.046  1.00 26.74 ? 264 TRP A N   1 
ATOM   1211 C CA  . TRP A 1 159 ? -0.985  7.900   -7.645  1.00 25.53 ? 264 TRP A CA  1 
ATOM   1212 C C   . TRP A 1 159 ? 0.240   6.991   -7.886  1.00 27.06 ? 264 TRP A C   1 
ATOM   1213 O O   . TRP A 1 159 ? 0.205   6.187   -8.843  1.00 23.98 ? 264 TRP A O   1 
ATOM   1214 C CB  . TRP A 1 159 ? -1.030  8.303   -6.170  1.00 24.03 ? 264 TRP A CB  1 
ATOM   1215 C CG  . TRP A 1 159 ? -2.034  9.323   -5.844  1.00 23.06 ? 264 TRP A CG  1 
ATOM   1216 C CD1 . TRP A 1 159 ? -2.587  10.258  -6.692  1.00 23.36 ? 264 TRP A CD1 1 
ATOM   1217 C CD2 . TRP A 1 159 ? -2.645  9.517   -4.571  1.00 22.80 ? 264 TRP A CD2 1 
ATOM   1218 N NE1 . TRP A 1 159 ? -3.512  11.020  -6.007  1.00 24.40 ? 264 TRP A NE1 1 
ATOM   1219 C CE2 . TRP A 1 159 ? -3.565  10.583  -4.704  1.00 24.64 ? 264 TRP A CE2 1 
ATOM   1220 C CE3 . TRP A 1 159 ? -2.506  8.893   -3.320  1.00 22.28 ? 264 TRP A CE3 1 
ATOM   1221 C CZ2 . TRP A 1 159 ? -4.341  11.035  -3.630  1.00 24.15 ? 264 TRP A CZ2 1 
ATOM   1222 C CZ3 . TRP A 1 159 ? -3.282  9.352   -2.248  1.00 21.29 ? 264 TRP A CZ3 1 
ATOM   1223 C CH2 . TRP A 1 159 ? -4.183  10.409  -2.415  1.00 19.46 ? 264 TRP A CH2 1 
ATOM   1224 O OXT . TRP A 1 159 ? 1.218   7.064   -7.082  1.00 29.49 ? 264 TRP A OXT 1 
HETATM 1225 O O   . HOH B 2 .   ? 2.216   -2.334  -2.271  1.00 32.89 ? 265 HOH A O   1 
HETATM 1226 O O   . HOH B 2 .   ? -4.523  14.500  -0.250  1.00 23.24 ? 266 HOH A O   1 
HETATM 1227 O O   . HOH B 2 .   ? 2.228   4.350   5.063   1.00 22.99 ? 267 HOH A O   1 
HETATM 1228 O O   . HOH B 2 .   ? -4.630  3.532   14.688  1.00 26.35 ? 268 HOH A O   1 
HETATM 1229 O O   . HOH B 2 .   ? -11.590 4.618   0.932   1.00 29.14 ? 269 HOH A O   1 
HETATM 1230 O O   . HOH B 2 .   ? -5.331  8.117   -13.162 1.00 41.15 ? 270 HOH A O   1 
HETATM 1231 O O   . HOH B 2 .   ? -5.124  16.180  -2.867  1.00 26.76 ? 271 HOH A O   1 
HETATM 1232 O O   . HOH B 2 .   ? 14.059  0.379   -2.352  1.00 33.53 ? 272 HOH A O   1 
HETATM 1233 O O   . HOH B 2 .   ? -6.273  1.769   -9.448  1.00 34.09 ? 273 HOH A O   1 
HETATM 1234 O O   . HOH B 2 .   ? 21.598  -16.560 -11.846 1.00 49.59 ? 274 HOH A O   1 
HETATM 1235 O O   . HOH B 2 .   ? 6.608   13.297  0.034   1.00 69.94 ? 275 HOH A O   1 
HETATM 1236 O O   . HOH B 2 .   ? -5.121  1.720   19.836  1.00 30.94 ? 276 HOH A O   1 
HETATM 1237 O O   . HOH B 2 .   ? 15.328  -12.993 -7.253  1.00 48.22 ? 277 HOH A O   1 
HETATM 1238 O O   . HOH B 2 .   ? 1.467   7.414   13.992  1.00 65.19 ? 278 HOH A O   1 
HETATM 1239 O O   . HOH B 2 .   ? -13.135 8.978   6.682   1.00 33.88 ? 279 HOH A O   1 
HETATM 1240 O O   . HOH B 2 .   ? 11.066  -0.561  5.484   1.00 50.74 ? 280 HOH A O   1 
# 
